data_6F9G
#
_entry.id   6F9G
#
_cell.length_a   133.984
_cell.length_b   164.521
_cell.length_c   123.612
_cell.angle_alpha   90.00
_cell.angle_beta   90.00
_cell.angle_gamma   90.00
#
_symmetry.space_group_name_H-M   'C 2 2 21'
#
loop_
_entity.id
_entity.type
_entity.pdbx_description
1 polymer 'Methyl-accepting chemotaxis protein McpU'
2 non-polymer 1,4-DIAMINOBUTANE
3 non-polymer GLYCEROL
4 non-polymer 'ACETATE ION'
5 water water
#
_entity_poly.entity_id   1
_entity_poly.type   'polypeptide(L)'
_entity_poly.pdbx_seq_one_letter_code
;MGSSHHHHHHSSGLVPRGSTQAHRSAALVNQANTAMLEDSARQRLQAHAETQALRIQRYFMDAYQYGNGFARLVQVLKDR
GGSDLRAELTRQARASLAGNPDVIGLYLVFQPNALDQQDSHYLGQDAMGSNESGRFSLYWSQPSPGTLELEAMPETMLGD
TSIGSNGAAKNRWLTCPQDTARTCMLEPYLDEVNGRQVLMTSIALPLLEHGKVVGVVGLDIGLANLQQLSVNGRRDLFDG
QGQVSIATAAGLLAGNSRDDSVLGKPMDKSVADGLLRVAHPFTPIPDTAPWQVVLELPESVLQAPAVALNQRLDAHNQNA
N
;
_entity_poly.pdbx_strand_id   A,B,C,D,E
#
loop_
_chem_comp.id
_chem_comp.type
_chem_comp.name
_chem_comp.formula
ACT non-polymer 'ACETATE ION' 'C2 H3 O2 -1'
GOL non-polymer GLYCEROL 'C3 H8 O3'
PUT non-polymer 1,4-DIAMINOBUTANE 'C4 H12 N2'
#
# COMPACT_ATOMS: atom_id res chain seq x y z
N SER A 40 14.07 20.05 -18.37
CA SER A 40 14.25 21.42 -18.82
C SER A 40 12.95 22.21 -18.72
N ALA A 41 12.62 22.94 -19.77
CA ALA A 41 11.34 23.65 -19.82
C ALA A 41 10.18 22.74 -20.21
N ARG A 42 10.46 21.58 -20.80
CA ARG A 42 9.40 20.64 -21.15
C ARG A 42 8.88 19.91 -19.92
N GLN A 43 9.76 19.62 -18.95
CA GLN A 43 9.29 19.08 -17.68
C GLN A 43 8.37 20.07 -16.97
N ARG A 44 8.54 21.37 -17.24
CA ARG A 44 7.69 22.40 -16.63
CA ARG A 44 7.68 22.37 -16.61
C ARG A 44 6.32 22.46 -17.29
N LEU A 45 6.27 22.25 -18.61
CA LEU A 45 4.97 22.19 -19.28
C LEU A 45 4.27 20.87 -18.97
N GLN A 46 5.03 19.79 -18.77
CA GLN A 46 4.44 18.53 -18.35
C GLN A 46 3.86 18.64 -16.94
N ALA A 47 4.51 19.41 -16.08
CA ALA A 47 3.98 19.63 -14.73
C ALA A 47 2.67 20.38 -14.77
N HIS A 48 2.49 21.27 -15.75
CA HIS A 48 1.21 21.95 -15.91
C HIS A 48 0.14 21.00 -16.45
N ALA A 49 0.51 20.10 -17.35
CA ALA A 49 -0.46 19.16 -17.91
C ALA A 49 -0.99 18.21 -16.87
N GLU A 50 -0.12 17.78 -15.94
CA GLU A 50 -0.58 16.97 -14.81
C GLU A 50 -1.53 17.75 -13.93
N THR A 51 -1.30 19.06 -13.77
CA THR A 51 -2.24 19.87 -13.01
C THR A 51 -3.61 19.89 -13.67
N GLN A 52 -3.64 20.09 -14.99
CA GLN A 52 -4.92 20.16 -15.68
C GLN A 52 -5.61 18.80 -15.71
N ALA A 53 -4.82 17.73 -15.81
CA ALA A 53 -5.39 16.39 -15.86
C ALA A 53 -6.12 16.04 -14.58
N LEU A 54 -5.53 16.36 -13.43
CA LEU A 54 -6.21 16.14 -12.16
C LEU A 54 -7.45 16.99 -12.03
N ARG A 55 -7.45 18.19 -12.62
N ARG A 55 -7.45 18.19 -12.62
CA ARG A 55 -8.62 19.06 -12.56
CA ARG A 55 -8.62 19.05 -12.55
C ARG A 55 -9.76 18.49 -13.38
C ARG A 55 -9.77 18.50 -13.39
N ILE A 56 -9.48 18.01 -14.59
CA ILE A 56 -10.52 17.42 -15.42
C ILE A 56 -10.99 16.10 -14.83
N GLN A 57 -10.09 15.34 -14.20
CA GLN A 57 -10.49 14.10 -13.55
C GLN A 57 -11.43 14.38 -12.37
N ARG A 58 -11.15 15.42 -11.60
N ARG A 58 -11.14 15.42 -11.59
CA ARG A 58 -12.04 15.79 -10.50
CA ARG A 58 -12.03 15.81 -10.50
C ARG A 58 -13.42 16.17 -11.00
C ARG A 58 -13.42 16.14 -11.02
N TYR A 59 -13.50 16.74 -12.21
CA TYR A 59 -14.79 17.04 -12.81
C TYR A 59 -15.58 15.77 -13.10
N PHE A 60 -14.92 14.78 -13.72
CA PHE A 60 -15.61 13.55 -14.09
C PHE A 60 -15.90 12.68 -12.87
N MET A 61 -14.94 12.57 -11.95
N MET A 61 -14.94 12.57 -11.95
CA MET A 61 -15.13 11.70 -10.80
CA MET A 61 -15.12 11.70 -10.79
C MET A 61 -16.23 12.22 -9.88
C MET A 61 -16.23 12.22 -9.88
N ASP A 62 -16.36 13.55 -9.77
CA ASP A 62 -17.44 14.11 -8.96
C ASP A 62 -18.80 13.76 -9.56
N ALA A 63 -18.91 13.80 -10.89
CA ALA A 63 -20.13 13.34 -11.55
C ALA A 63 -20.33 11.85 -11.33
N TYR A 64 -19.25 11.07 -11.38
CA TYR A 64 -19.35 9.63 -11.16
C TYR A 64 -19.84 9.33 -9.75
N GLN A 65 -19.21 9.94 -8.75
N GLN A 65 -19.24 9.96 -8.74
CA GLN A 65 -19.64 9.76 -7.36
CA GLN A 65 -19.67 9.71 -7.37
C GLN A 65 -21.08 10.22 -7.17
C GLN A 65 -21.06 10.26 -7.11
N TYR A 66 -21.46 11.32 -7.83
CA TYR A 66 -22.82 11.81 -7.71
C TYR A 66 -23.82 10.83 -8.33
N GLY A 67 -23.44 10.19 -9.44
CA GLY A 67 -24.32 9.22 -10.05
C GLY A 67 -24.50 7.97 -9.20
N ASN A 68 -23.43 7.49 -8.57
CA ASN A 68 -23.55 6.36 -7.66
C ASN A 68 -24.46 6.68 -6.49
N GLY A 69 -24.46 7.94 -6.02
CA GLY A 69 -25.38 8.33 -4.97
C GLY A 69 -26.83 8.17 -5.38
N PHE A 70 -27.15 8.57 -6.61
CA PHE A 70 -28.52 8.39 -7.10
C PHE A 70 -28.82 6.92 -7.36
N ALA A 71 -27.83 6.17 -7.85
CA ALA A 71 -28.02 4.74 -8.06
C ALA A 71 -28.31 4.03 -6.75
N ARG A 72 -27.61 4.43 -5.68
CA ARG A 72 -27.88 3.84 -4.37
C ARG A 72 -29.30 4.17 -3.91
N LEU A 73 -29.78 5.37 -4.22
CA LEU A 73 -31.15 5.73 -3.90
C LEU A 73 -32.14 4.90 -4.70
N VAL A 74 -31.85 4.68 -5.99
CA VAL A 74 -32.73 3.86 -6.83
C VAL A 74 -32.82 2.45 -6.28
N GLN A 75 -31.68 1.85 -5.95
CA GLN A 75 -31.67 0.48 -5.45
C GLN A 75 -32.46 0.37 -4.14
N VAL A 76 -32.28 1.33 -3.23
CA VAL A 76 -32.97 1.23 -1.95
C VAL A 76 -34.46 1.52 -2.12
N LEU A 77 -34.84 2.32 -3.11
CA LEU A 77 -36.25 2.51 -3.41
C LEU A 77 -36.85 1.22 -3.97
N LYS A 78 -36.10 0.53 -4.84
CA LYS A 78 -36.56 -0.73 -5.40
C LYS A 78 -36.57 -1.83 -4.36
N ASP A 79 -35.52 -1.90 -3.53
CA ASP A 79 -35.39 -2.97 -2.56
C ASP A 79 -36.44 -2.91 -1.46
N ARG A 80 -37.01 -1.73 -1.21
CA ARG A 80 -38.04 -1.60 -0.18
C ARG A 80 -39.45 -1.58 -0.75
N GLY A 81 -39.61 -1.49 -2.06
CA GLY A 81 -40.92 -1.67 -2.67
C GLY A 81 -41.87 -0.53 -2.32
N GLY A 82 -43.05 -0.91 -1.85
CA GLY A 82 -44.10 0.05 -1.58
C GLY A 82 -44.79 0.51 -2.84
N SER A 83 -45.90 1.22 -2.66
N SER A 83 -45.91 1.21 -2.65
CA SER A 83 -46.66 1.74 -3.79
CA SER A 83 -46.68 1.74 -3.78
C SER A 83 -46.08 3.08 -4.25
C SER A 83 -46.07 3.07 -4.25
N ASP A 84 -46.56 3.53 -5.41
N ASP A 84 -46.55 3.52 -5.41
CA ASP A 84 -46.16 4.81 -6.00
CA ASP A 84 -46.15 4.81 -5.99
C ASP A 84 -44.65 4.90 -6.24
C ASP A 84 -44.64 4.89 -6.22
N LEU A 85 -44.00 3.76 -6.54
CA LEU A 85 -42.55 3.75 -6.67
C LEU A 85 -42.10 4.42 -7.97
N ARG A 86 -42.80 4.15 -9.08
CA ARG A 86 -42.38 4.71 -10.35
C ARG A 86 -42.49 6.24 -10.34
N ALA A 87 -43.56 6.78 -9.76
CA ALA A 87 -43.69 8.23 -9.66
C ALA A 87 -42.63 8.81 -8.73
N GLU A 88 -42.26 8.08 -7.68
CA GLU A 88 -41.21 8.56 -6.78
C GLU A 88 -39.85 8.51 -7.46
N LEU A 89 -39.56 7.45 -8.21
CA LEU A 89 -38.30 7.38 -8.94
C LEU A 89 -38.19 8.50 -9.96
N THR A 90 -39.28 8.79 -10.68
CA THR A 90 -39.27 9.88 -11.65
C THR A 90 -39.03 11.22 -10.97
N ARG A 91 -39.65 11.44 -9.81
CA ARG A 91 -39.43 12.68 -9.08
C ARG A 91 -38.01 12.78 -8.55
N GLN A 92 -37.48 11.68 -7.99
CA GLN A 92 -36.12 11.69 -7.48
C GLN A 92 -35.10 11.85 -8.60
N ALA A 93 -35.38 11.28 -9.78
CA ALA A 93 -34.48 11.44 -10.91
C ALA A 93 -34.40 12.91 -11.34
N ARG A 94 -35.54 13.61 -11.34
CA ARG A 94 -35.54 15.01 -11.71
C ARG A 94 -34.79 15.85 -10.68
N ALA A 95 -35.05 15.59 -9.40
CA ALA A 95 -34.35 16.33 -8.35
C ALA A 95 -32.85 16.04 -8.36
N SER A 96 -32.47 14.81 -8.72
CA SER A 96 -31.05 14.48 -8.81
C SER A 96 -30.40 15.25 -9.95
N LEU A 97 -31.03 15.28 -11.12
CA LEU A 97 -30.48 16.02 -12.25
C LEU A 97 -30.52 17.53 -11.98
N ALA A 98 -31.61 18.01 -11.38
CA ALA A 98 -31.69 19.43 -11.04
C ALA A 98 -30.61 19.81 -10.04
N GLY A 99 -30.19 18.88 -9.19
CA GLY A 99 -29.13 19.11 -8.24
C GLY A 99 -27.73 19.04 -8.78
N ASN A 100 -27.57 18.99 -10.09
CA ASN A 100 -26.23 18.96 -10.71
C ASN A 100 -26.30 19.69 -12.03
N PRO A 101 -26.03 21.00 -12.04
CA PRO A 101 -26.04 21.76 -13.30
C PRO A 101 -24.89 21.44 -14.23
N ASP A 102 -23.93 20.61 -13.82
CA ASP A 102 -22.85 20.17 -14.70
C ASP A 102 -23.25 19.02 -15.60
N VAL A 103 -24.48 18.52 -15.48
CA VAL A 103 -24.94 17.33 -16.19
C VAL A 103 -26.13 17.72 -17.05
N ILE A 104 -26.10 17.30 -18.32
CA ILE A 104 -27.15 17.67 -19.27
C ILE A 104 -28.22 16.60 -19.43
N GLY A 105 -28.04 15.42 -18.84
CA GLY A 105 -29.01 14.35 -19.01
C GLY A 105 -28.83 13.27 -17.98
N LEU A 106 -29.95 12.64 -17.62
CA LEU A 106 -29.96 11.52 -16.68
C LEU A 106 -30.95 10.50 -17.18
N TYR A 107 -30.46 9.31 -17.51
CA TYR A 107 -31.35 8.22 -17.92
C TYR A 107 -31.33 7.10 -16.89
N LEU A 108 -32.46 6.42 -16.77
CA LEU A 108 -32.65 5.31 -15.83
C LEU A 108 -33.54 4.29 -16.53
N VAL A 109 -32.92 3.22 -17.03
CA VAL A 109 -33.61 2.22 -17.84
C VAL A 109 -33.51 0.88 -17.12
N PHE A 110 -34.66 0.32 -16.76
CA PHE A 110 -34.72 -1.01 -16.18
C PHE A 110 -35.00 -2.05 -17.26
N GLN A 111 -34.62 -3.29 -16.98
CA GLN A 111 -34.97 -4.38 -17.85
C GLN A 111 -36.48 -4.62 -17.80
N PRO A 112 -37.06 -5.27 -18.83
CA PRO A 112 -38.50 -5.56 -18.81
C PRO A 112 -38.93 -6.26 -17.52
N ASN A 113 -39.87 -5.64 -16.81
CA ASN A 113 -40.44 -6.14 -15.56
C ASN A 113 -39.40 -6.30 -14.45
N ALA A 114 -38.19 -5.78 -14.63
CA ALA A 114 -37.17 -5.92 -13.60
C ALA A 114 -37.45 -5.01 -12.41
N LEU A 115 -38.05 -3.85 -12.65
CA LEU A 115 -38.26 -2.89 -11.57
C LEU A 115 -39.27 -3.39 -10.55
N ASP A 116 -40.49 -3.71 -11.02
CA ASP A 116 -41.54 -4.11 -10.09
C ASP A 116 -42.41 -5.25 -10.60
N GLN A 117 -42.02 -5.91 -11.70
N GLN A 117 -42.03 -5.91 -11.70
CA GLN A 117 -42.78 -7.01 -12.29
CA GLN A 117 -42.79 -7.01 -12.29
C GLN A 117 -44.19 -6.60 -12.68
C GLN A 117 -44.22 -6.60 -12.62
N GLN A 118 -44.43 -5.31 -12.92
CA GLN A 118 -45.75 -4.79 -13.24
C GLN A 118 -45.67 -3.82 -14.40
N ASP A 119 -44.87 -4.16 -15.42
CA ASP A 119 -44.77 -3.29 -16.60
C ASP A 119 -46.11 -3.16 -17.30
N SER A 120 -46.92 -4.23 -17.31
CA SER A 120 -48.21 -4.18 -17.99
C SER A 120 -49.16 -3.19 -17.34
N HIS A 121 -48.88 -2.76 -16.11
CA HIS A 121 -49.71 -1.79 -15.41
C HIS A 121 -49.37 -0.34 -15.75
N TYR A 122 -48.34 -0.11 -16.57
CA TYR A 122 -47.90 1.26 -16.84
C TYR A 122 -47.65 1.49 -18.32
N LEU A 123 -48.46 0.88 -19.19
CA LEU A 123 -48.27 1.06 -20.63
C LEU A 123 -48.51 2.51 -21.03
N GLY A 124 -47.48 3.13 -21.58
CA GLY A 124 -47.61 4.47 -22.16
C GLY A 124 -47.69 5.61 -21.16
N GLN A 125 -47.52 5.36 -19.87
CA GLN A 125 -47.60 6.42 -18.87
C GLN A 125 -46.21 7.06 -18.72
N ASP A 126 -45.92 7.95 -19.67
CA ASP A 126 -44.61 8.59 -19.71
C ASP A 126 -44.36 9.48 -18.49
N ALA A 127 -45.43 10.02 -17.89
CA ALA A 127 -45.27 10.85 -16.71
C ALA A 127 -44.70 10.08 -15.53
N MET A 128 -44.76 8.75 -15.58
CA MET A 128 -44.15 7.89 -14.56
C MET A 128 -42.92 7.17 -15.09
N GLY A 129 -42.33 7.66 -16.17
CA GLY A 129 -41.10 7.10 -16.71
C GLY A 129 -41.26 5.81 -17.50
N SER A 130 -42.50 5.39 -17.79
CA SER A 130 -42.75 4.13 -18.46
C SER A 130 -43.10 4.39 -19.92
N ASN A 131 -42.48 3.62 -20.82
CA ASN A 131 -42.65 3.81 -22.25
C ASN A 131 -43.92 3.09 -22.73
N GLU A 132 -44.02 2.85 -24.04
CA GLU A 132 -45.22 2.24 -24.60
C GLU A 132 -45.43 0.81 -24.12
N SER A 133 -44.34 0.12 -23.73
CA SER A 133 -44.41 -1.26 -23.29
C SER A 133 -44.42 -1.38 -21.76
N GLY A 134 -44.70 -0.29 -21.05
CA GLY A 134 -44.66 -0.30 -19.60
C GLY A 134 -43.28 -0.46 -19.01
N ARG A 135 -42.26 -0.58 -19.79
CA ARG A 135 -40.95 -0.60 -19.27
C ARG A 135 -40.52 0.76 -18.72
N PHE A 136 -39.90 0.73 -17.58
CA PHE A 136 -39.41 1.96 -16.97
C PHE A 136 -38.15 2.39 -17.69
N SER A 137 -38.31 3.27 -18.68
CA SER A 137 -37.21 3.82 -19.47
C SER A 137 -37.37 5.34 -19.42
N LEU A 138 -36.76 5.96 -18.43
CA LEU A 138 -36.92 7.39 -18.17
C LEU A 138 -35.65 8.14 -18.53
N TYR A 139 -35.81 9.28 -19.20
CA TYR A 139 -34.70 10.19 -19.49
C TYR A 139 -35.10 11.60 -19.11
N TRP A 140 -34.35 12.21 -18.20
CA TRP A 140 -34.48 13.63 -17.89
C TRP A 140 -33.40 14.40 -18.63
N SER A 141 -33.79 15.45 -19.33
CA SER A 141 -32.85 16.29 -20.07
C SER A 141 -32.71 17.64 -19.39
N GLN A 142 -31.49 18.17 -19.39
CA GLN A 142 -31.20 19.50 -18.85
C GLN A 142 -30.36 20.26 -19.86
N PRO A 143 -30.98 20.78 -20.92
CA PRO A 143 -30.22 21.54 -21.92
C PRO A 143 -29.57 22.78 -21.36
N SER A 144 -30.15 23.38 -20.34
CA SER A 144 -29.57 24.49 -19.59
C SER A 144 -29.95 24.32 -18.12
N PRO A 145 -29.11 24.77 -17.20
CA PRO A 145 -29.37 24.53 -15.77
C PRO A 145 -30.73 25.05 -15.34
N GLY A 146 -31.52 24.17 -14.73
CA GLY A 146 -32.85 24.52 -14.27
C GLY A 146 -33.97 24.19 -15.22
N THR A 147 -33.67 23.86 -16.47
CA THR A 147 -34.67 23.49 -17.47
C THR A 147 -34.60 21.98 -17.66
N LEU A 148 -35.61 21.27 -17.16
CA LEU A 148 -35.62 19.81 -17.18
C LEU A 148 -36.81 19.31 -17.98
N GLU A 149 -36.53 18.43 -18.95
CA GLU A 149 -37.55 17.86 -19.82
C GLU A 149 -37.70 16.38 -19.54
N LEU A 150 -38.95 15.93 -19.46
CA LEU A 150 -39.27 14.53 -19.20
C LEU A 150 -39.44 13.78 -20.51
N GLU A 151 -38.97 12.52 -20.54
CA GLU A 151 -39.11 11.71 -21.75
C GLU A 151 -39.05 10.24 -21.38
N ALA A 152 -40.03 9.47 -21.86
CA ALA A 152 -40.02 8.02 -21.76
C ALA A 152 -39.50 7.47 -23.09
N MET A 153 -38.33 6.86 -23.06
CA MET A 153 -37.68 6.43 -24.30
C MET A 153 -38.34 5.17 -24.83
N PRO A 154 -38.76 5.14 -26.09
CA PRO A 154 -39.43 3.96 -26.64
C PRO A 154 -38.46 2.80 -26.81
N GLU A 155 -39.03 1.61 -27.00
CA GLU A 155 -38.21 0.42 -27.19
C GLU A 155 -37.36 0.51 -28.45
N THR A 156 -37.84 1.25 -29.47
CA THR A 156 -37.05 1.42 -30.68
C THR A 156 -35.76 2.18 -30.41
N MET A 157 -35.79 3.13 -29.48
CA MET A 157 -34.57 3.85 -29.13
C MET A 157 -33.65 2.99 -28.28
N LEU A 158 -34.23 2.16 -27.40
CA LEU A 158 -33.42 1.30 -26.55
C LEU A 158 -32.83 0.12 -27.32
N GLY A 159 -33.30 -0.14 -28.53
CA GLY A 159 -32.82 -1.26 -29.30
C GLY A 159 -32.16 -0.87 -30.60
N ASP A 160 -31.94 0.43 -30.80
CA ASP A 160 -31.34 0.93 -32.04
C ASP A 160 -29.88 0.48 -32.10
N THR A 161 -29.64 -0.64 -32.78
CA THR A 161 -28.29 -1.19 -32.91
C THR A 161 -27.55 -0.64 -34.12
N SER A 162 -28.12 0.32 -34.83
CA SER A 162 -27.41 0.95 -35.93
C SER A 162 -26.20 1.72 -35.40
N ILE A 163 -25.23 1.94 -36.27
CA ILE A 163 -23.96 2.52 -35.87
C ILE A 163 -24.00 4.03 -36.09
N GLY A 164 -23.63 4.78 -35.06
CA GLY A 164 -23.72 6.23 -35.06
C GLY A 164 -22.50 6.93 -35.61
N SER A 165 -22.27 8.13 -35.09
CA SER A 165 -21.19 8.98 -35.64
C SER A 165 -19.82 8.46 -35.25
N ASN A 166 -19.68 7.96 -34.03
CA ASN A 166 -18.38 7.56 -33.48
C ASN A 166 -17.96 6.15 -33.86
N GLY A 167 -18.76 5.43 -34.64
CA GLY A 167 -18.47 4.06 -34.98
C GLY A 167 -19.01 3.04 -34.00
N ALA A 168 -19.56 3.48 -32.87
CA ALA A 168 -20.22 2.61 -31.92
C ALA A 168 -21.72 2.61 -32.17
N ALA A 169 -22.39 1.56 -31.68
CA ALA A 169 -23.83 1.48 -31.83
C ALA A 169 -24.52 2.61 -31.07
N LYS A 170 -25.66 3.06 -31.61
N LYS A 170 -25.65 3.06 -31.63
CA LYS A 170 -26.47 4.04 -30.90
CA LYS A 170 -26.36 4.21 -31.05
C LYS A 170 -27.06 3.47 -29.61
C LYS A 170 -26.88 3.94 -29.66
N ASN A 171 -26.90 2.17 -29.38
N ASN A 171 -27.11 2.68 -29.29
CA ASN A 171 -27.36 1.51 -28.17
CA ASN A 171 -27.61 2.33 -27.97
C ASN A 171 -26.27 1.41 -27.10
C ASN A 171 -26.53 1.79 -27.05
N ARG A 172 -25.06 1.88 -27.38
N ARG A 172 -25.26 2.04 -27.37
CA ARG A 172 -23.94 1.65 -26.49
CA ARG A 172 -24.17 1.58 -26.51
C ARG A 172 -24.13 2.31 -25.13
C ARG A 172 -24.23 2.26 -25.15
N TRP A 173 -24.84 3.44 -25.07
CA TRP A 173 -25.02 4.11 -23.79
C TRP A 173 -25.82 3.27 -22.82
N LEU A 174 -26.64 2.35 -23.32
CA LEU A 174 -27.39 1.43 -22.47
C LEU A 174 -26.84 0.01 -22.49
N THR A 175 -26.41 -0.48 -23.66
CA THR A 175 -26.01 -1.88 -23.78
C THR A 175 -24.62 -2.17 -23.22
N CYS A 176 -23.72 -1.16 -23.17
N CYS A 176 -23.76 -1.14 -23.11
CA CYS A 176 -22.40 -1.41 -22.61
CA CYS A 176 -22.40 -1.40 -22.62
C CYS A 176 -22.47 -1.88 -21.16
C CYS A 176 -22.39 -1.82 -21.15
N PRO A 177 -23.11 -1.16 -20.24
CA PRO A 177 -23.14 -1.67 -18.85
C PRO A 177 -23.95 -2.94 -18.70
N GLN A 178 -24.98 -3.14 -19.53
CA GLN A 178 -25.77 -4.37 -19.45
C GLN A 178 -24.94 -5.59 -19.85
N ASP A 179 -24.19 -5.48 -20.94
CA ASP A 179 -23.44 -6.61 -21.46
C ASP A 179 -22.16 -6.90 -20.68
N THR A 180 -21.65 -5.93 -19.93
CA THR A 180 -20.39 -6.10 -19.22
C THR A 180 -20.54 -6.11 -17.70
N ALA A 181 -21.72 -5.75 -17.18
CA ALA A 181 -21.98 -5.68 -15.74
C ALA A 181 -21.03 -4.74 -15.02
N ARG A 182 -20.47 -3.76 -15.72
CA ARG A 182 -19.55 -2.79 -15.13
C ARG A 182 -19.86 -1.42 -15.72
N THR A 183 -19.33 -0.39 -15.05
CA THR A 183 -19.53 0.97 -15.51
C THR A 183 -18.78 1.21 -16.82
N CYS A 184 -19.31 2.14 -17.61
CA CYS A 184 -18.75 2.47 -18.91
C CYS A 184 -18.59 3.98 -19.05
N MET A 185 -17.44 4.39 -19.58
CA MET A 185 -17.19 5.77 -19.98
C MET A 185 -17.31 5.81 -21.50
N LEU A 186 -18.41 6.36 -22.00
CA LEU A 186 -18.73 6.25 -23.41
C LEU A 186 -18.03 7.32 -24.24
N GLU A 187 -17.59 6.92 -25.43
CA GLU A 187 -16.94 7.85 -26.34
C GLU A 187 -17.92 8.94 -26.77
N PRO A 188 -17.42 10.13 -27.09
CA PRO A 188 -18.31 11.22 -27.53
C PRO A 188 -19.17 10.81 -28.71
N TYR A 189 -20.48 10.96 -28.54
CA TYR A 189 -21.44 10.66 -29.58
C TYR A 189 -22.47 11.78 -29.64
N LEU A 190 -23.09 11.92 -30.80
CA LEU A 190 -24.13 12.93 -31.01
C LEU A 190 -25.49 12.27 -30.83
N ASP A 191 -26.19 12.67 -29.79
CA ASP A 191 -27.49 12.11 -29.44
C ASP A 191 -28.60 12.99 -29.97
N GLU A 192 -29.81 12.44 -29.97
CA GLU A 192 -31.02 13.15 -30.38
C GLU A 192 -31.93 13.31 -29.18
N VAL A 193 -32.14 14.56 -28.75
CA VAL A 193 -32.92 14.88 -27.56
C VAL A 193 -33.97 15.89 -27.97
N ASN A 194 -35.21 15.42 -28.17
CA ASN A 194 -36.35 16.29 -28.50
C ASN A 194 -36.05 17.14 -29.74
N GLY A 195 -35.58 16.48 -30.80
CA GLY A 195 -35.28 17.14 -32.04
C GLY A 195 -33.95 17.88 -32.07
N ARG A 196 -33.17 17.83 -30.99
CA ARG A 196 -31.90 18.53 -30.91
C ARG A 196 -30.75 17.53 -31.00
N GLN A 197 -29.74 17.86 -31.80
N GLN A 197 -29.76 17.85 -31.83
CA GLN A 197 -28.54 17.04 -31.91
CA GLN A 197 -28.53 17.09 -31.91
C GLN A 197 -27.50 17.56 -30.91
C GLN A 197 -27.56 17.62 -30.86
N VAL A 198 -27.21 16.78 -29.89
CA VAL A 198 -26.33 17.17 -28.79
C VAL A 198 -25.12 16.25 -28.77
N LEU A 199 -23.93 16.84 -28.85
CA LEU A 199 -22.69 16.08 -28.71
C LEU A 199 -22.41 15.83 -27.23
N MET A 200 -22.19 14.57 -26.87
CA MET A 200 -22.14 14.23 -25.46
C MET A 200 -21.34 12.95 -25.26
N THR A 201 -20.84 12.79 -24.03
CA THR A 201 -20.34 11.53 -23.50
C THR A 201 -21.18 11.15 -22.30
N SER A 202 -21.10 9.89 -21.89
CA SER A 202 -21.97 9.39 -20.84
C SER A 202 -21.20 8.53 -19.85
N ILE A 203 -21.61 8.62 -18.58
CA ILE A 203 -21.15 7.74 -17.52
C ILE A 203 -22.29 6.79 -17.20
N ALA A 204 -22.18 5.55 -17.65
CA ALA A 204 -23.24 4.56 -17.52
C ALA A 204 -22.91 3.62 -16.36
N LEU A 205 -23.77 3.62 -15.34
CA LEU A 205 -23.62 2.76 -14.19
C LEU A 205 -24.64 1.63 -14.24
N PRO A 206 -24.20 0.38 -14.08
CA PRO A 206 -25.16 -0.74 -14.04
C PRO A 206 -25.68 -0.99 -12.64
N LEU A 207 -26.99 -1.24 -12.54
CA LEU A 207 -27.64 -1.62 -11.29
C LEU A 207 -27.70 -3.13 -11.23
N LEU A 208 -26.98 -3.72 -10.27
CA LEU A 208 -26.80 -5.15 -10.20
C LEU A 208 -27.47 -5.73 -8.97
N GLU A 209 -28.14 -6.87 -9.14
CA GLU A 209 -28.70 -7.67 -8.06
C GLU A 209 -28.10 -9.06 -8.17
N HIS A 210 -27.22 -9.41 -7.23
CA HIS A 210 -26.51 -10.70 -7.25
C HIS A 210 -25.75 -10.89 -8.56
N GLY A 211 -25.05 -9.84 -8.99
CA GLY A 211 -24.30 -9.89 -10.23
C GLY A 211 -25.13 -9.81 -11.49
N LYS A 212 -26.44 -9.68 -11.39
CA LYS A 212 -27.31 -9.56 -12.55
C LYS A 212 -27.72 -8.11 -12.75
N VAL A 213 -27.49 -7.59 -13.95
CA VAL A 213 -27.80 -6.21 -14.27
C VAL A 213 -29.32 -6.09 -14.44
N VAL A 214 -29.98 -5.49 -13.46
CA VAL A 214 -31.43 -5.28 -13.55
C VAL A 214 -31.78 -3.95 -14.21
N GLY A 215 -30.84 -3.02 -14.29
CA GLY A 215 -31.11 -1.73 -14.90
C GLY A 215 -29.81 -0.96 -15.07
N VAL A 216 -29.95 0.25 -15.63
CA VAL A 216 -28.80 1.10 -15.92
C VAL A 216 -29.13 2.53 -15.51
N VAL A 217 -28.21 3.17 -14.80
CA VAL A 217 -28.26 4.60 -14.49
C VAL A 217 -27.17 5.28 -15.28
N GLY A 218 -27.52 6.41 -15.91
CA GLY A 218 -26.56 7.11 -16.73
C GLY A 218 -26.56 8.61 -16.58
N LEU A 219 -25.37 9.22 -16.64
CA LEU A 219 -25.21 10.66 -16.56
C LEU A 219 -24.59 11.14 -17.86
N ASP A 220 -25.29 12.06 -18.53
CA ASP A 220 -24.84 12.62 -19.80
C ASP A 220 -24.10 13.92 -19.54
N ILE A 221 -22.89 14.02 -20.09
CA ILE A 221 -22.06 15.21 -19.97
C ILE A 221 -21.87 15.77 -21.37
N GLY A 222 -22.42 16.94 -21.63
CA GLY A 222 -22.27 17.55 -22.94
C GLY A 222 -20.85 18.01 -23.20
N LEU A 223 -20.43 17.87 -24.45
CA LEU A 223 -19.08 18.30 -24.83
C LEU A 223 -18.93 19.81 -24.82
N ALA A 224 -20.02 20.57 -24.76
CA ALA A 224 -19.91 22.01 -24.59
C ALA A 224 -19.34 22.35 -23.22
N ASN A 225 -19.72 21.59 -22.19
CA ASN A 225 -19.11 21.76 -20.87
C ASN A 225 -17.63 21.41 -20.92
N LEU A 226 -17.28 20.32 -21.61
CA LEU A 226 -15.88 19.95 -21.74
C LEU A 226 -15.10 20.95 -22.57
N GLN A 227 -15.76 21.59 -23.55
CA GLN A 227 -15.11 22.65 -24.30
C GLN A 227 -14.83 23.87 -23.43
N GLN A 228 -15.72 24.16 -22.48
CA GLN A 228 -15.47 25.26 -21.55
C GLN A 228 -14.32 24.93 -20.60
N LEU A 229 -14.12 23.65 -20.29
CA LEU A 229 -12.99 23.27 -19.45
C LEU A 229 -11.66 23.48 -20.18
N SER A 230 -11.62 23.18 -21.48
CA SER A 230 -10.42 23.43 -22.26
C SER A 230 -10.17 24.92 -22.43
N VAL A 231 -11.23 25.72 -22.54
CA VAL A 231 -11.07 27.17 -22.64
C VAL A 231 -10.63 27.75 -21.31
N ASN A 232 -11.22 27.26 -20.21
CA ASN A 232 -10.79 27.70 -18.89
C ASN A 232 -9.37 27.23 -18.58
N GLY A 233 -8.98 26.07 -19.11
CA GLY A 233 -7.60 25.64 -18.96
C GLY A 233 -6.63 26.47 -19.78
N ARG A 234 -7.10 27.05 -20.89
CA ARG A 234 -6.21 27.83 -21.75
C ARG A 234 -5.80 29.14 -21.08
N ARG A 235 -6.77 29.73 -20.42
CA ARG A 235 -6.65 30.95 -19.72
C ARG A 235 -5.67 30.83 -18.58
N ASP A 236 -5.73 29.75 -17.86
CA ASP A 236 -4.82 29.47 -16.75
C ASP A 236 -3.42 29.14 -17.24
N LEU A 237 -3.29 28.57 -18.44
CA LEU A 237 -1.99 28.17 -18.96
C LEU A 237 -1.12 29.38 -19.31
N PHE A 238 -0.39 29.88 -18.31
CA PHE A 238 0.62 30.93 -18.50
C PHE A 238 0.05 32.22 -19.09
N ASP A 239 -1.27 32.40 -18.97
CA ASP A 239 -2.02 33.58 -19.43
C ASP A 239 -2.37 33.50 -20.91
N GLY A 240 -2.71 32.30 -21.39
CA GLY A 240 -3.47 32.15 -22.62
C GLY A 240 -2.70 32.17 -23.93
N GLN A 241 -1.38 31.96 -23.90
CA GLN A 241 -0.62 31.96 -25.15
C GLN A 241 -0.66 30.62 -25.87
N GLY A 242 -1.13 29.56 -25.22
CA GLY A 242 -1.18 28.24 -25.80
C GLY A 242 -2.60 27.74 -26.00
N GLN A 243 -2.70 26.42 -26.19
CA GLN A 243 -3.99 25.77 -26.39
C GLN A 243 -4.09 24.55 -25.49
N VAL A 244 -5.34 24.15 -25.23
CA VAL A 244 -5.64 23.02 -24.34
C VAL A 244 -6.66 22.12 -25.03
N SER A 245 -6.37 20.83 -25.08
CA SER A 245 -7.26 19.85 -25.69
C SER A 245 -7.44 18.66 -24.77
N ILE A 246 -8.63 18.08 -24.79
CA ILE A 246 -8.94 16.86 -24.07
C ILE A 246 -9.16 15.75 -25.09
N ALA A 247 -8.38 14.67 -24.97
CA ALA A 247 -8.48 13.53 -25.85
C ALA A 247 -9.05 12.33 -25.10
N THR A 248 -9.94 11.59 -25.76
CA THR A 248 -10.57 10.45 -25.15
C THR A 248 -9.70 9.21 -25.31
N ALA A 249 -10.17 8.08 -24.77
CA ALA A 249 -9.42 6.83 -24.84
C ALA A 249 -9.24 6.34 -26.26
N ALA A 250 -10.13 6.74 -27.18
CA ALA A 250 -10.04 6.34 -28.58
C ALA A 250 -9.42 7.42 -29.45
N GLY A 251 -8.81 8.44 -28.85
CA GLY A 251 -8.18 9.50 -29.60
C GLY A 251 -9.10 10.61 -30.06
N LEU A 252 -10.39 10.53 -29.75
CA LEU A 252 -11.33 11.58 -30.15
C LEU A 252 -11.13 12.82 -29.29
N LEU A 253 -11.51 13.97 -29.85
CA LEU A 253 -11.39 15.25 -29.16
C LEU A 253 -12.70 15.55 -28.44
N ALA A 254 -12.69 15.41 -27.11
CA ALA A 254 -13.81 15.83 -26.27
C ALA A 254 -13.73 17.31 -25.90
N GLY A 255 -12.59 17.96 -26.18
CA GLY A 255 -12.43 19.37 -25.95
C GLY A 255 -11.20 19.89 -26.66
N ASN A 256 -11.29 21.09 -27.24
CA ASN A 256 -10.17 21.68 -27.98
C ASN A 256 -10.38 23.19 -28.01
N SER A 257 -9.57 23.91 -27.23
CA SER A 257 -9.74 25.36 -27.08
C SER A 257 -9.51 26.14 -28.37
N ARG A 258 -8.90 25.52 -29.38
CA ARG A 258 -8.56 26.26 -30.59
C ARG A 258 -9.73 26.32 -31.58
N ASP A 259 -10.29 25.17 -31.95
CA ASP A 259 -11.39 25.10 -32.91
C ASP A 259 -12.56 24.36 -32.27
N ASP A 260 -13.75 24.94 -32.42
CA ASP A 260 -14.96 24.34 -31.87
C ASP A 260 -15.51 23.22 -32.75
N SER A 261 -15.34 23.32 -34.06
CA SER A 261 -15.97 22.42 -35.02
C SER A 261 -15.23 21.11 -35.21
N VAL A 262 -14.31 20.74 -34.31
CA VAL A 262 -13.59 19.48 -34.40
C VAL A 262 -13.88 18.57 -33.21
N LEU A 263 -14.87 18.92 -32.38
CA LEU A 263 -15.21 18.11 -31.23
C LEU A 263 -15.84 16.79 -31.67
N GLY A 264 -15.40 15.69 -31.08
CA GLY A 264 -15.94 14.38 -31.37
C GLY A 264 -15.25 13.63 -32.49
N LYS A 265 -14.17 14.17 -33.05
CA LYS A 265 -13.42 13.57 -34.13
CA LYS A 265 -13.43 13.54 -34.12
C LYS A 265 -12.00 13.25 -33.68
N PRO A 266 -11.29 12.37 -34.38
CA PRO A 266 -9.92 12.06 -34.00
C PRO A 266 -9.04 13.29 -33.88
N MET A 267 -8.21 13.31 -32.84
CA MET A 267 -7.28 14.42 -32.63
C MET A 267 -6.17 14.38 -33.65
N ASP A 268 -5.68 15.57 -34.02
CA ASP A 268 -4.54 15.70 -34.91
C ASP A 268 -3.35 14.87 -34.42
N LYS A 269 -3.06 13.77 -35.14
CA LYS A 269 -1.89 12.97 -34.80
C LYS A 269 -0.61 13.76 -35.01
N SER A 270 -0.55 14.56 -36.06
CA SER A 270 0.59 15.41 -36.33
C SER A 270 0.59 16.61 -35.39
N VAL A 271 1.58 17.49 -35.55
CA VAL A 271 1.73 18.64 -34.68
C VAL A 271 2.49 19.74 -35.42
N ALA A 272 1.97 20.96 -35.38
CA ALA A 272 2.70 22.09 -35.94
C ALA A 272 3.90 22.42 -35.06
N ASP A 273 4.83 23.17 -35.63
N ASP A 273 4.84 23.18 -35.61
CA ASP A 273 6.07 23.58 -34.98
CA ASP A 273 6.04 23.52 -34.87
C ASP A 273 5.90 24.93 -34.29
C ASP A 273 5.96 24.96 -34.37
N GLY A 274 6.90 25.28 -33.48
CA GLY A 274 6.81 26.46 -32.66
C GLY A 274 6.05 26.24 -31.37
N LEU A 275 5.26 25.17 -31.30
CA LEU A 275 4.55 24.75 -30.11
C LEU A 275 4.93 23.31 -29.79
N LEU A 276 5.19 23.03 -28.52
CA LEU A 276 5.49 21.68 -28.06
C LEU A 276 4.24 21.08 -27.45
N ARG A 277 3.89 19.86 -27.90
CA ARG A 277 2.69 19.18 -27.45
C ARG A 277 3.06 18.20 -26.34
N VAL A 278 2.55 18.45 -25.14
CA VAL A 278 2.70 17.52 -24.03
C VAL A 278 1.31 16.99 -23.67
N ALA A 279 1.29 15.81 -23.06
CA ALA A 279 0.05 15.18 -22.66
C ALA A 279 0.24 14.53 -21.30
N HIS A 280 -0.85 14.48 -20.53
CA HIS A 280 -0.87 13.78 -19.26
C HIS A 280 -2.20 13.05 -19.19
N PRO A 281 -2.21 11.78 -18.81
CA PRO A 281 -3.45 11.01 -18.78
C PRO A 281 -4.24 11.25 -17.49
N PHE A 282 -5.52 10.92 -17.57
CA PHE A 282 -6.39 10.92 -16.40
C PHE A 282 -7.51 9.92 -16.65
N THR A 283 -8.11 9.45 -15.55
CA THR A 283 -9.15 8.44 -15.64
C THR A 283 -10.48 9.05 -15.23
N PRO A 284 -11.46 9.14 -16.13
CA PRO A 284 -12.72 9.80 -15.77
C PRO A 284 -13.51 9.02 -14.73
N ILE A 285 -13.57 7.70 -14.86
CA ILE A 285 -14.23 6.84 -13.88
C ILE A 285 -13.27 5.70 -13.54
N PRO A 286 -13.41 5.10 -12.37
CA PRO A 286 -12.46 4.06 -11.94
C PRO A 286 -12.43 2.88 -12.91
N ASP A 287 -11.21 2.41 -13.19
CA ASP A 287 -10.97 1.19 -13.96
C ASP A 287 -11.50 1.30 -15.39
N THR A 288 -11.07 2.35 -16.09
CA THR A 288 -11.35 2.51 -17.51
C THR A 288 -10.11 3.03 -18.21
N ALA A 289 -10.10 2.89 -19.54
CA ALA A 289 -8.98 3.38 -20.33
C ALA A 289 -8.84 4.89 -20.13
N PRO A 290 -7.64 5.41 -19.92
CA PRO A 290 -7.49 6.81 -19.53
C PRO A 290 -7.66 7.76 -20.71
N TRP A 291 -8.32 8.89 -20.43
CA TRP A 291 -8.28 10.02 -21.34
C TRP A 291 -6.99 10.80 -21.09
N GLN A 292 -6.80 11.92 -21.79
CA GLN A 292 -5.61 12.71 -21.57
C GLN A 292 -5.87 14.17 -21.88
N VAL A 293 -5.16 15.04 -21.17
CA VAL A 293 -5.19 16.48 -21.41
C VAL A 293 -3.98 16.83 -22.27
N VAL A 294 -4.23 17.50 -23.38
CA VAL A 294 -3.19 17.85 -24.35
C VAL A 294 -2.93 19.35 -24.24
N LEU A 295 -1.68 19.71 -23.97
CA LEU A 295 -1.24 21.09 -23.89
C LEU A 295 -0.38 21.43 -25.08
N GLU A 296 -0.55 22.62 -25.62
CA GLU A 296 0.28 23.15 -26.69
C GLU A 296 0.65 24.58 -26.34
N LEU A 297 1.90 24.96 -26.59
CA LEU A 297 2.41 26.23 -26.09
C LEU A 297 3.68 26.63 -26.82
N PRO A 298 3.79 27.89 -27.28
CA PRO A 298 5.07 28.37 -27.79
C PRO A 298 6.20 28.17 -26.78
N GLU A 299 7.43 28.06 -27.30
CA GLU A 299 8.56 27.71 -26.45
CA GLU A 299 8.56 27.71 -26.45
C GLU A 299 8.94 28.86 -25.51
N SER A 300 8.79 30.11 -25.97
CA SER A 300 9.17 31.28 -25.18
C SER A 300 8.46 31.33 -23.84
N SER B 40 -2.79 47.08 -16.44
CA SER B 40 -2.92 45.71 -16.90
C SER B 40 -2.26 44.74 -15.93
N ALA B 41 -1.12 45.16 -15.36
CA ALA B 41 -0.37 44.29 -14.46
C ALA B 41 -1.23 43.83 -13.28
N ARG B 42 -1.98 44.74 -12.69
CA ARG B 42 -2.86 44.40 -11.57
CA ARG B 42 -2.84 44.37 -11.57
C ARG B 42 -4.11 43.66 -12.03
N GLN B 43 -4.64 44.03 -13.19
CA GLN B 43 -5.88 43.43 -13.67
C GLN B 43 -5.68 42.01 -14.19
N ARG B 44 -4.44 41.62 -14.51
CA ARG B 44 -4.19 40.25 -14.93
CA ARG B 44 -4.19 40.25 -14.94
C ARG B 44 -4.23 39.29 -13.76
N LEU B 45 -3.64 39.69 -12.62
CA LEU B 45 -3.66 38.83 -11.44
C LEU B 45 -5.06 38.77 -10.82
N GLN B 46 -5.85 39.81 -10.98
CA GLN B 46 -7.24 39.77 -10.51
C GLN B 46 -8.05 38.76 -11.30
N ALA B 47 -7.83 38.69 -12.61
CA ALA B 47 -8.51 37.68 -13.43
C ALA B 47 -8.04 36.28 -13.08
N HIS B 48 -6.79 36.14 -12.65
CA HIS B 48 -6.32 34.82 -12.21
C HIS B 48 -6.93 34.45 -10.86
N ALA B 49 -6.99 35.40 -9.93
CA ALA B 49 -7.73 35.17 -8.69
C ALA B 49 -9.20 34.89 -8.96
N GLU B 50 -9.76 35.51 -10.00
N GLU B 50 -9.76 35.49 -10.01
CA GLU B 50 -11.12 35.21 -10.40
CA GLU B 50 -11.14 35.19 -10.37
C GLU B 50 -11.28 33.73 -10.78
C GLU B 50 -11.29 33.74 -10.81
N THR B 51 -10.26 33.17 -11.43
CA THR B 51 -10.31 31.77 -11.82
C THR B 51 -10.19 30.85 -10.61
N GLN B 52 -9.24 31.13 -9.71
CA GLN B 52 -9.05 30.29 -8.54
C GLN B 52 -10.30 30.28 -7.67
N ALA B 53 -10.95 31.43 -7.51
CA ALA B 53 -12.15 31.49 -6.69
C ALA B 53 -13.27 30.62 -7.25
N LEU B 54 -13.36 30.52 -8.59
CA LEU B 54 -14.39 29.69 -9.19
C LEU B 54 -14.13 28.21 -8.96
N ARG B 55 -12.86 27.81 -8.87
CA ARG B 55 -12.54 26.41 -8.64
C ARG B 55 -12.83 26.00 -7.20
N ILE B 56 -12.45 26.84 -6.24
CA ILE B 56 -12.75 26.55 -4.84
C ILE B 56 -14.26 26.54 -4.62
N GLN B 57 -14.98 27.46 -5.26
CA GLN B 57 -16.44 27.44 -5.21
C GLN B 57 -16.99 26.15 -5.81
N ARG B 58 -16.41 25.70 -6.92
CA ARG B 58 -16.80 24.43 -7.51
C ARG B 58 -16.56 23.28 -6.55
N TYR B 59 -15.41 23.29 -5.87
CA TYR B 59 -15.10 22.25 -4.90
C TYR B 59 -16.14 22.18 -3.79
N PHE B 60 -16.56 23.34 -3.28
CA PHE B 60 -17.55 23.37 -2.21
C PHE B 60 -18.95 23.06 -2.72
N MET B 61 -19.32 23.58 -3.90
CA MET B 61 -20.65 23.33 -4.44
C MET B 61 -20.87 21.85 -4.72
N ASP B 62 -19.83 21.17 -5.23
N ASP B 62 -19.84 21.17 -5.24
CA ASP B 62 -19.96 19.74 -5.50
CA ASP B 62 -19.96 19.74 -5.49
C ASP B 62 -20.17 18.95 -4.22
C ASP B 62 -20.21 18.96 -4.21
N ALA B 63 -19.57 19.39 -3.11
CA ALA B 63 -19.85 18.77 -1.82
C ALA B 63 -21.27 19.13 -1.36
N TYR B 64 -21.67 20.38 -1.57
CA TYR B 64 -23.02 20.80 -1.20
C TYR B 64 -24.07 20.02 -1.97
N GLN B 65 -23.88 19.87 -3.28
N GLN B 65 -23.88 19.84 -3.28
CA GLN B 65 -24.82 19.10 -4.10
CA GLN B 65 -24.87 19.11 -4.07
C GLN B 65 -24.80 17.64 -3.71
C GLN B 65 -24.80 17.61 -3.77
N TYR B 66 -23.64 17.11 -3.35
CA TYR B 66 -23.55 15.71 -2.94
C TYR B 66 -24.25 15.50 -1.60
N GLY B 67 -24.12 16.47 -0.69
CA GLY B 67 -24.84 16.36 0.58
C GLY B 67 -26.34 16.43 0.39
N ASN B 68 -26.81 17.25 -0.56
CA ASN B 68 -28.24 17.33 -0.84
C ASN B 68 -28.75 16.03 -1.45
N GLY B 69 -27.91 15.37 -2.26
CA GLY B 69 -28.30 14.08 -2.80
C GLY B 69 -28.58 13.06 -1.71
N PHE B 70 -27.70 13.01 -0.70
CA PHE B 70 -27.95 12.12 0.42
C PHE B 70 -29.13 12.60 1.28
N ALA B 71 -29.32 13.91 1.37
CA ALA B 71 -30.45 14.44 2.14
C ALA B 71 -31.77 13.99 1.53
N ARG B 72 -31.85 13.95 0.20
CA ARG B 72 -33.07 13.47 -0.46
C ARG B 72 -33.30 11.99 -0.19
N LEU B 73 -32.22 11.20 -0.18
CA LEU B 73 -32.35 9.80 0.19
C LEU B 73 -32.87 9.65 1.62
N VAL B 74 -32.35 10.47 2.53
CA VAL B 74 -32.80 10.44 3.93
C VAL B 74 -34.30 10.75 4.00
N GLN B 75 -34.72 11.81 3.30
CA GLN B 75 -36.12 12.21 3.34
C GLN B 75 -37.02 11.12 2.76
N VAL B 76 -36.65 10.57 1.60
CA VAL B 76 -37.51 9.60 0.95
C VAL B 76 -37.52 8.27 1.70
N LEU B 77 -36.43 7.95 2.42
CA LEU B 77 -36.44 6.76 3.27
C LEU B 77 -37.34 6.98 4.48
N LYS B 78 -37.32 8.19 5.04
CA LYS B 78 -38.17 8.50 6.18
C LYS B 78 -39.64 8.54 5.77
N ASP B 79 -39.94 9.16 4.63
CA ASP B 79 -41.32 9.20 4.15
C ASP B 79 -41.88 7.79 3.94
N ARG B 80 -41.17 6.98 3.15
CA ARG B 80 -41.56 5.58 2.95
C ARG B 80 -40.93 4.71 4.04
N GLY B 81 -41.29 5.02 5.28
CA GLY B 81 -40.71 4.37 6.43
C GLY B 81 -41.10 2.91 6.55
N GLY B 82 -40.63 2.30 7.63
CA GLY B 82 -40.89 0.91 7.91
C GLY B 82 -39.83 0.33 8.81
N SER B 83 -39.85 -0.99 8.95
CA SER B 83 -38.83 -1.68 9.72
C SER B 83 -37.47 -1.53 9.06
N ASP B 84 -36.42 -1.74 9.86
CA ASP B 84 -35.03 -1.63 9.40
C ASP B 84 -34.69 -0.22 8.93
N LEU B 85 -35.48 0.78 9.32
CA LEU B 85 -35.24 2.15 8.86
C LEU B 85 -33.93 2.69 9.40
N ARG B 86 -33.73 2.59 10.72
CA ARG B 86 -32.54 3.15 11.32
C ARG B 86 -31.27 2.46 10.84
N ALA B 87 -31.35 1.14 10.61
CA ALA B 87 -30.18 0.40 10.14
C ALA B 87 -29.83 0.77 8.69
N GLU B 88 -30.85 0.93 7.84
CA GLU B 88 -30.59 1.28 6.44
C GLU B 88 -30.09 2.71 6.32
N LEU B 89 -30.61 3.62 7.16
CA LEU B 89 -30.08 4.98 7.19
C LEU B 89 -28.61 4.98 7.59
N THR B 90 -28.25 4.19 8.61
CA THR B 90 -26.84 4.08 8.99
C THR B 90 -26.00 3.49 7.86
N ARG B 91 -26.53 2.47 7.17
CA ARG B 91 -25.80 1.87 6.06
C ARG B 91 -25.64 2.86 4.92
N GLN B 92 -26.71 3.59 4.57
CA GLN B 92 -26.63 4.53 3.46
C GLN B 92 -25.73 5.72 3.78
N ALA B 93 -25.71 6.14 5.06
CA ALA B 93 -24.80 7.22 5.46
C ALA B 93 -23.35 6.80 5.25
N ARG B 94 -23.02 5.54 5.58
CA ARG B 94 -21.66 5.06 5.37
C ARG B 94 -21.32 5.03 3.88
N ALA B 95 -22.18 4.42 3.07
CA ALA B 95 -21.93 4.36 1.63
C ALA B 95 -21.86 5.75 1.01
N SER B 96 -22.61 6.70 1.57
CA SER B 96 -22.56 8.07 1.05
C SER B 96 -21.22 8.72 1.35
N LEU B 97 -20.71 8.57 2.57
CA LEU B 97 -19.42 9.15 2.90
C LEU B 97 -18.28 8.37 2.26
N ALA B 98 -18.41 7.04 2.17
CA ALA B 98 -17.41 6.25 1.46
C ALA B 98 -17.32 6.63 0.00
N GLY B 99 -18.44 7.06 -0.60
CA GLY B 99 -18.45 7.49 -1.98
C GLY B 99 -17.87 8.86 -2.22
N ASN B 100 -17.38 9.54 -1.18
CA ASN B 100 -16.82 10.88 -1.31
C ASN B 100 -15.56 10.97 -0.47
N PRO B 101 -14.40 10.67 -1.05
CA PRO B 101 -13.14 10.78 -0.30
C PRO B 101 -12.69 12.21 -0.02
N ASP B 102 -13.40 13.22 -0.54
CA ASP B 102 -13.10 14.60 -0.22
C ASP B 102 -13.68 15.04 1.13
N VAL B 103 -14.44 14.16 1.80
CA VAL B 103 -15.18 14.50 3.01
C VAL B 103 -14.63 13.64 4.14
N ILE B 104 -14.40 14.27 5.29
CA ILE B 104 -13.87 13.55 6.46
C ILE B 104 -14.95 13.15 7.45
N GLY B 105 -16.17 13.66 7.31
CA GLY B 105 -17.22 13.35 8.26
C GLY B 105 -18.58 13.59 7.66
N LEU B 106 -19.53 12.72 8.03
CA LEU B 106 -20.93 12.87 7.65
C LEU B 106 -21.74 12.68 8.92
N TYR B 107 -22.51 13.70 9.31
CA TYR B 107 -23.38 13.59 10.47
C TYR B 107 -24.84 13.71 10.06
N LEU B 108 -25.68 12.94 10.74
CA LEU B 108 -27.12 12.91 10.50
C LEU B 108 -27.80 12.87 11.86
N VAL B 109 -28.39 13.98 12.26
CA VAL B 109 -29.00 14.12 13.58
C VAL B 109 -30.45 14.53 13.40
N PHE B 110 -31.36 13.72 13.94
CA PHE B 110 -32.79 14.04 13.96
C PHE B 110 -33.17 14.65 15.30
N GLN B 111 -34.25 15.42 15.28
CA GLN B 111 -34.81 15.93 16.52
C GLN B 111 -35.42 14.77 17.32
N PRO B 112 -35.58 14.95 18.63
CA PRO B 112 -36.14 13.86 19.46
C PRO B 112 -37.48 13.39 18.93
N ASN B 113 -37.58 12.08 18.69
CA ASN B 113 -38.76 11.40 18.17
C ASN B 113 -39.15 11.85 16.77
N ALA B 114 -38.29 12.62 16.09
CA ALA B 114 -38.65 13.14 14.78
C ALA B 114 -38.52 12.09 13.68
N LEU B 115 -37.58 11.16 13.82
CA LEU B 115 -37.38 10.16 12.77
C LEU B 115 -38.55 9.20 12.68
N ASP B 116 -38.96 8.63 13.81
CA ASP B 116 -40.02 7.61 13.77
C ASP B 116 -40.89 7.58 15.01
N GLN B 117 -40.76 8.55 15.93
CA GLN B 117 -41.52 8.59 17.17
C GLN B 117 -41.29 7.35 18.04
N GLN B 118 -40.17 6.66 17.87
CA GLN B 118 -39.87 5.44 18.59
C GLN B 118 -38.47 5.50 19.20
N ASP B 119 -38.07 6.68 19.67
CA ASP B 119 -36.73 6.83 20.24
C ASP B 119 -36.53 5.92 21.44
N SER B 120 -37.57 5.78 22.28
CA SER B 120 -37.47 4.93 23.46
CA SER B 120 -37.46 4.93 23.46
C SER B 120 -37.25 3.46 23.13
N HIS B 121 -37.39 3.08 21.85
CA HIS B 121 -37.17 1.69 21.43
C HIS B 121 -35.73 1.43 21.00
N TYR B 122 -34.91 2.46 20.87
CA TYR B 122 -33.55 2.33 20.36
C TYR B 122 -32.55 2.96 21.32
N LEU B 123 -32.76 2.78 22.62
CA LEU B 123 -31.86 3.35 23.62
C LEU B 123 -30.48 2.72 23.50
N GLY B 124 -29.48 3.54 23.18
CA GLY B 124 -28.11 3.07 23.14
C GLY B 124 -27.78 2.14 22.00
N GLN B 125 -28.57 2.14 20.91
CA GLN B 125 -28.31 1.27 19.77
C GLN B 125 -27.44 2.04 18.77
N ASP B 126 -26.15 2.13 19.09
CA ASP B 126 -25.22 2.88 18.25
C ASP B 126 -25.00 2.21 16.90
N ALA B 127 -25.23 0.91 16.78
CA ALA B 127 -25.16 0.25 15.49
C ALA B 127 -26.26 0.73 14.54
N MET B 128 -27.34 1.30 15.09
CA MET B 128 -28.41 1.90 14.31
C MET B 128 -28.41 3.42 14.43
N GLY B 129 -27.23 4.01 14.66
CA GLY B 129 -27.11 5.46 14.73
C GLY B 129 -27.89 6.11 15.85
N SER B 130 -28.28 5.36 16.86
CA SER B 130 -29.08 5.87 17.97
C SER B 130 -28.20 6.01 19.21
N ASN B 131 -28.40 7.09 19.94
CA ASN B 131 -27.59 7.38 21.11
C ASN B 131 -28.29 6.88 22.38
N GLU B 132 -27.82 7.36 23.54
CA GLU B 132 -28.32 6.85 24.82
C GLU B 132 -29.79 7.21 25.05
N SER B 133 -30.24 8.34 24.53
CA SER B 133 -31.63 8.75 24.67
C SER B 133 -32.51 8.24 23.54
N GLY B 134 -31.99 7.37 22.69
CA GLY B 134 -32.74 6.85 21.56
C GLY B 134 -32.84 7.77 20.37
N ARG B 135 -32.28 8.96 20.45
CA ARG B 135 -32.30 9.89 19.32
C ARG B 135 -31.35 9.41 18.23
N PHE B 136 -31.77 9.54 16.97
CA PHE B 136 -30.89 9.23 15.85
C PHE B 136 -29.86 10.32 15.73
N SER B 137 -28.66 10.07 16.26
CA SER B 137 -27.56 11.02 16.27
C SER B 137 -26.34 10.32 15.67
N LEU B 138 -26.22 10.39 14.35
CA LEU B 138 -25.27 9.59 13.59
C LEU B 138 -24.09 10.44 13.14
N TYR B 139 -22.88 9.91 13.31
CA TYR B 139 -21.68 10.55 12.78
C TYR B 139 -20.75 9.47 12.23
N TRP B 140 -20.58 9.45 10.91
CA TRP B 140 -19.57 8.62 10.27
C TRP B 140 -18.32 9.45 10.05
N SER B 141 -17.17 8.93 10.49
CA SER B 141 -15.90 9.62 10.36
C SER B 141 -15.02 8.92 9.34
N GLN B 142 -14.37 9.71 8.49
CA GLN B 142 -13.44 9.21 7.48
C GLN B 142 -12.10 9.91 7.66
N PRO B 143 -11.31 9.49 8.66
CA PRO B 143 -9.99 10.13 8.85
C PRO B 143 -9.06 9.94 7.67
N SER B 144 -9.27 8.90 6.87
CA SER B 144 -8.54 8.67 5.63
C SER B 144 -9.48 7.90 4.71
N PRO B 145 -9.34 8.06 3.38
CA PRO B 145 -10.27 7.41 2.45
C PRO B 145 -10.31 5.90 2.66
N GLY B 146 -11.51 5.37 2.81
CA GLY B 146 -11.72 3.95 3.03
C GLY B 146 -11.85 3.55 4.48
N THR B 147 -11.35 4.35 5.41
CA THR B 147 -11.41 4.07 6.85
C THR B 147 -12.58 4.84 7.44
N LEU B 148 -13.63 4.14 7.82
CA LEU B 148 -14.89 4.75 8.26
C LEU B 148 -15.23 4.28 9.66
N GLU B 149 -15.37 5.24 10.57
CA GLU B 149 -15.70 4.97 11.96
C GLU B 149 -17.13 5.39 12.27
N LEU B 150 -17.84 4.53 12.99
CA LEU B 150 -19.22 4.80 13.39
C LEU B 150 -19.24 5.41 14.79
N GLU B 151 -20.17 6.33 15.01
CA GLU B 151 -20.29 6.97 16.32
C GLU B 151 -21.71 7.49 16.51
N ALA B 152 -22.33 7.11 17.63
CA ALA B 152 -23.57 7.70 18.08
C ALA B 152 -23.23 8.86 19.01
N MET B 153 -23.59 10.06 18.61
CA MET B 153 -23.20 11.24 19.36
CA MET B 153 -23.20 11.25 19.36
C MET B 153 -24.15 11.46 20.55
N PRO B 154 -23.62 11.58 21.76
CA PRO B 154 -24.49 11.72 22.94
C PRO B 154 -25.09 13.11 23.05
N GLU B 155 -26.11 13.20 23.92
CA GLU B 155 -26.85 14.45 24.09
C GLU B 155 -25.95 15.57 24.61
N THR B 156 -24.92 15.23 25.38
CA THR B 156 -24.00 16.26 25.86
C THR B 156 -23.22 16.89 24.71
N MET B 157 -22.91 16.10 23.67
CA MET B 157 -22.25 16.66 22.49
C MET B 157 -23.21 17.49 21.66
N LEU B 158 -24.46 17.02 21.52
CA LEU B 158 -25.43 17.73 20.70
C LEU B 158 -25.85 19.06 21.31
N GLY B 159 -25.85 19.15 22.64
CA GLY B 159 -26.25 20.35 23.34
C GLY B 159 -25.12 21.17 23.93
N ASP B 160 -23.88 20.89 23.58
CA ASP B 160 -22.73 21.61 24.10
C ASP B 160 -22.72 23.02 23.50
N THR B 161 -23.24 23.99 24.25
CA THR B 161 -23.30 25.37 23.80
C THR B 161 -22.15 26.22 24.32
N SER B 162 -21.11 25.60 24.87
CA SER B 162 -19.93 26.35 25.26
C SER B 162 -19.15 26.80 24.01
N ILE B 163 -18.19 27.69 24.23
CA ILE B 163 -17.56 28.42 23.12
C ILE B 163 -16.54 27.51 22.45
N GLY B 164 -16.58 27.47 21.12
CA GLY B 164 -15.66 26.68 20.34
C GLY B 164 -14.43 27.48 19.93
N SER B 165 -13.65 26.88 19.02
CA SER B 165 -12.36 27.45 18.67
C SER B 165 -12.49 28.71 17.82
N ASN B 166 -13.55 28.83 17.03
CA ASN B 166 -13.71 30.01 16.19
C ASN B 166 -14.53 31.12 16.84
N GLY B 167 -15.21 30.83 17.96
CA GLY B 167 -16.01 31.81 18.67
C GLY B 167 -17.46 31.41 18.82
N ALA B 168 -17.98 30.61 17.89
CA ALA B 168 -19.35 30.16 17.98
C ALA B 168 -19.47 29.00 18.97
N ALA B 169 -20.71 28.67 19.32
CA ALA B 169 -20.95 27.53 20.20
C ALA B 169 -20.42 26.26 19.56
N LYS B 170 -20.00 25.31 20.41
CA LYS B 170 -19.39 24.10 19.89
C LYS B 170 -20.38 23.26 19.08
N ASN B 171 -21.67 23.32 19.43
CA ASN B 171 -22.70 22.59 18.71
C ASN B 171 -23.35 23.42 17.61
N ARG B 172 -22.72 24.50 17.18
CA ARG B 172 -23.28 25.32 16.11
CA ARG B 172 -23.28 25.32 16.10
C ARG B 172 -23.41 24.54 14.80
N TRP B 173 -22.62 23.48 14.62
CA TRP B 173 -22.78 22.64 13.44
C TRP B 173 -24.14 21.99 13.38
N LEU B 174 -24.83 21.89 14.51
CA LEU B 174 -26.17 21.31 14.59
C LEU B 174 -27.27 22.38 14.73
N THR B 175 -27.03 23.40 15.57
CA THR B 175 -28.10 24.35 15.87
C THR B 175 -28.32 25.37 14.78
N CYS B 176 -27.29 25.72 14.01
CA CYS B 176 -27.47 26.74 12.97
C CYS B 176 -28.50 26.33 11.92
N PRO B 177 -28.42 25.15 11.30
CA PRO B 177 -29.51 24.75 10.39
C PRO B 177 -30.83 24.52 11.11
N GLN B 178 -30.81 24.27 12.41
CA GLN B 178 -32.06 24.15 13.15
C GLN B 178 -32.68 25.51 13.39
N ASP B 179 -31.87 26.52 13.74
CA ASP B 179 -32.39 27.84 14.04
C ASP B 179 -32.79 28.58 12.77
N THR B 180 -31.89 28.68 11.80
CA THR B 180 -32.16 29.43 10.59
C THR B 180 -33.02 28.68 9.59
N ALA B 181 -33.12 27.35 9.73
CA ALA B 181 -33.80 26.49 8.76
C ALA B 181 -33.18 26.62 7.36
N ARG B 182 -31.89 26.94 7.31
N ARG B 182 -31.89 26.95 7.31
CA ARG B 182 -31.18 27.11 6.05
CA ARG B 182 -31.16 27.13 6.07
C ARG B 182 -29.83 26.43 6.14
C ARG B 182 -29.87 26.35 6.13
N THR B 183 -29.19 26.26 4.99
CA THR B 183 -27.88 25.63 4.91
C THR B 183 -26.83 26.59 5.46
N CYS B 184 -26.07 26.15 6.46
N CYS B 184 -26.08 26.14 6.46
CA CYS B 184 -25.05 26.98 7.10
CA CYS B 184 -25.02 26.94 7.04
C CYS B 184 -23.65 26.54 6.65
C CYS B 184 -23.68 26.55 6.43
N MET B 185 -22.77 27.51 6.43
CA MET B 185 -21.38 27.27 6.06
C MET B 185 -20.55 27.62 7.29
N LEU B 186 -20.25 26.61 8.09
CA LEU B 186 -19.66 26.85 9.40
C LEU B 186 -18.19 27.23 9.27
N GLU B 187 -17.79 28.21 10.06
CA GLU B 187 -16.40 28.65 10.09
C GLU B 187 -15.50 27.52 10.59
N PRO B 188 -14.24 27.49 10.17
CA PRO B 188 -13.33 26.44 10.61
C PRO B 188 -13.24 26.38 12.13
N TYR B 189 -13.47 25.19 12.67
CA TYR B 189 -13.46 24.97 14.11
C TYR B 189 -12.71 23.69 14.42
N LEU B 190 -12.13 23.66 15.62
CA LEU B 190 -11.42 22.47 16.08
C LEU B 190 -12.43 21.48 16.66
N ASP B 191 -12.51 20.31 16.02
CA ASP B 191 -13.40 19.24 16.45
C ASP B 191 -12.56 18.08 17.00
N GLU B 192 -13.23 17.20 17.75
CA GLU B 192 -12.60 16.01 18.30
C GLU B 192 -13.42 14.80 17.93
N VAL B 193 -12.81 13.85 17.23
CA VAL B 193 -13.48 12.63 16.77
C VAL B 193 -12.68 11.46 17.31
N ASN B 194 -13.20 10.81 18.35
CA ASN B 194 -12.55 9.65 18.98
C ASN B 194 -11.12 9.98 19.40
N GLY B 195 -10.98 11.11 20.10
CA GLY B 195 -9.71 11.52 20.64
C GLY B 195 -8.76 12.22 19.67
N ARG B 196 -9.19 12.43 18.42
CA ARG B 196 -8.35 13.07 17.41
C ARG B 196 -8.84 14.49 17.18
N GLN B 197 -7.92 15.45 17.34
N GLN B 197 -7.93 15.46 17.32
CA GLN B 197 -8.23 16.85 17.04
CA GLN B 197 -8.25 16.85 17.05
C GLN B 197 -8.12 17.07 15.54
C GLN B 197 -8.10 17.12 15.55
N VAL B 198 -9.19 17.56 14.91
CA VAL B 198 -9.22 17.80 13.48
C VAL B 198 -9.73 19.21 13.22
N LEU B 199 -8.98 19.96 12.41
CA LEU B 199 -9.42 21.27 11.95
C LEU B 199 -10.33 21.09 10.74
N MET B 200 -11.57 21.54 10.84
CA MET B 200 -12.58 21.24 9.83
C MET B 200 -13.53 22.41 9.65
N THR B 201 -14.18 22.43 8.49
CA THR B 201 -15.36 23.24 8.22
C THR B 201 -16.51 22.30 7.90
N SER B 202 -17.74 22.83 7.87
CA SER B 202 -18.90 21.98 7.75
C SER B 202 -19.97 22.60 6.87
N ILE B 203 -20.58 21.75 6.04
CA ILE B 203 -21.79 22.10 5.28
C ILE B 203 -22.96 21.43 5.99
N ALA B 204 -23.79 22.23 6.65
CA ALA B 204 -24.91 21.73 7.44
C ALA B 204 -26.20 21.97 6.69
N LEU B 205 -26.92 20.89 6.38
CA LEU B 205 -28.16 20.96 5.63
C LEU B 205 -29.34 20.70 6.53
N PRO B 206 -30.35 21.58 6.55
CA PRO B 206 -31.58 21.28 7.29
C PRO B 206 -32.47 20.33 6.52
N LEU B 207 -32.97 19.30 7.20
CA LEU B 207 -33.98 18.42 6.64
C LEU B 207 -35.35 19.02 6.97
N LEU B 208 -36.09 19.41 5.93
CA LEU B 208 -37.30 20.19 6.09
C LEU B 208 -38.52 19.38 5.70
N GLU B 209 -39.57 19.49 6.51
CA GLU B 209 -40.88 18.92 6.22
C GLU B 209 -41.90 20.03 6.46
N HIS B 210 -42.40 20.62 5.38
CA HIS B 210 -43.32 21.76 5.45
C HIS B 210 -42.70 22.91 6.25
N GLY B 211 -41.41 23.17 6.01
CA GLY B 211 -40.71 24.25 6.66
C GLY B 211 -40.20 23.97 8.05
N LYS B 212 -40.59 22.86 8.66
N LYS B 212 -40.59 22.85 8.65
CA LYS B 212 -40.12 22.50 9.99
CA LYS B 212 -40.13 22.50 9.98
C LYS B 212 -38.87 21.64 9.89
C LYS B 212 -38.87 21.64 9.89
N VAL B 213 -37.85 22.01 10.66
CA VAL B 213 -36.58 21.28 10.67
C VAL B 213 -36.75 20.07 11.57
N VAL B 214 -36.81 18.88 10.96
CA VAL B 214 -36.91 17.63 11.71
C VAL B 214 -35.56 16.97 11.92
N GLY B 215 -34.54 17.33 11.13
CA GLY B 215 -33.23 16.74 11.26
C GLY B 215 -32.21 17.60 10.57
N VAL B 216 -30.95 17.17 10.67
CA VAL B 216 -29.82 17.88 10.05
C VAL B 216 -28.89 16.85 9.43
N VAL B 217 -28.51 17.08 8.17
CA VAL B 217 -27.46 16.31 7.51
C VAL B 217 -26.26 17.22 7.32
N GLY B 218 -25.07 16.72 7.67
CA GLY B 218 -23.89 17.55 7.57
C GLY B 218 -22.68 16.86 6.96
N LEU B 219 -21.87 17.63 6.22
CA LEU B 219 -20.64 17.14 5.62
C LEU B 219 -19.48 17.92 6.22
N ASP B 220 -18.52 17.20 6.80
CA ASP B 220 -17.34 17.80 7.41
C ASP B 220 -16.19 17.77 6.41
N ILE B 221 -15.59 18.93 6.16
CA ILE B 221 -14.47 19.08 5.24
C ILE B 221 -13.26 19.52 6.05
N GLY B 222 -12.22 18.70 6.05
CA GLY B 222 -11.01 19.03 6.80
C GLY B 222 -10.20 20.11 6.09
N LEU B 223 -9.65 21.02 6.89
CA LEU B 223 -8.85 22.11 6.34
C LEU B 223 -7.58 21.61 5.66
N ALA B 224 -7.13 20.39 5.98
CA ALA B 224 -6.01 19.81 5.26
C ALA B 224 -6.33 19.64 3.78
N ASN B 225 -7.56 19.24 3.47
CA ASN B 225 -7.99 19.17 2.07
C ASN B 225 -7.94 20.55 1.42
N LEU B 226 -8.39 21.58 2.15
CA LEU B 226 -8.35 22.93 1.61
C LEU B 226 -6.93 23.45 1.51
N GLN B 227 -6.07 23.05 2.45
CA GLN B 227 -4.66 23.46 2.38
C GLN B 227 -4.00 22.93 1.11
N GLN B 228 -4.33 21.69 0.72
CA GLN B 228 -3.79 21.15 -0.51
C GLN B 228 -4.35 21.88 -1.73
N LEU B 229 -5.57 22.39 -1.65
CA LEU B 229 -6.11 23.21 -2.73
C LEU B 229 -5.30 24.49 -2.89
N SER B 230 -4.86 25.08 -1.77
CA SER B 230 -4.03 26.28 -1.84
C SER B 230 -2.67 25.96 -2.41
N VAL B 231 -2.03 24.89 -1.93
CA VAL B 231 -0.73 24.49 -2.45
C VAL B 231 -0.84 24.15 -3.93
N ASN B 232 -1.91 23.46 -4.33
CA ASN B 232 -2.10 23.14 -5.74
C ASN B 232 -2.37 24.40 -6.56
N GLY B 233 -3.06 25.38 -5.99
CA GLY B 233 -3.27 26.63 -6.68
C GLY B 233 -1.98 27.38 -6.94
N ARG B 234 -0.97 27.16 -6.09
CA ARG B 234 0.34 27.75 -6.32
C ARG B 234 1.10 27.03 -7.43
N ARG B 235 0.83 25.74 -7.63
N ARG B 235 0.83 25.73 -7.62
CA ARG B 235 1.59 24.96 -8.60
CA ARG B 235 1.56 24.95 -8.60
C ARG B 235 1.48 25.54 -10.01
C ARG B 235 1.33 25.47 -10.01
N ASP B 236 0.28 25.96 -10.41
N ASP B 236 0.13 25.95 -10.30
CA ASP B 236 0.05 26.46 -11.76
CA ASP B 236 -0.22 26.43 -11.63
C ASP B 236 -0.19 27.96 -11.80
C ASP B 236 -0.41 27.95 -11.68
N LEU B 237 0.20 28.68 -10.76
CA LEU B 237 0.10 30.14 -10.73
C LEU B 237 1.43 30.71 -11.19
N PHE B 238 1.61 30.73 -12.51
CA PHE B 238 2.78 31.30 -13.17
C PHE B 238 4.08 30.70 -12.61
N ASP B 239 4.17 29.37 -12.69
CA ASP B 239 5.38 28.62 -12.34
C ASP B 239 5.69 28.68 -10.84
N GLY B 240 4.65 28.71 -10.01
CA GLY B 240 4.83 28.49 -8.59
C GLY B 240 5.53 29.58 -7.82
N GLN B 241 5.82 30.73 -8.43
N GLN B 241 5.80 30.73 -8.44
CA GLN B 241 6.46 31.80 -7.68
CA GLN B 241 6.43 31.85 -7.77
C GLN B 241 5.48 32.60 -6.83
C GLN B 241 5.49 32.58 -6.83
N GLY B 242 4.18 32.30 -6.90
CA GLY B 242 3.20 33.00 -6.11
C GLY B 242 2.77 32.24 -4.87
N GLN B 243 1.84 32.85 -4.14
CA GLN B 243 1.25 32.26 -2.95
C GLN B 243 -0.26 32.36 -3.06
N VAL B 244 -0.95 31.37 -2.49
CA VAL B 244 -2.41 31.26 -2.58
C VAL B 244 -2.94 30.91 -1.20
N SER B 245 -3.94 31.68 -0.74
N SER B 245 -3.93 31.69 -0.73
CA SER B 245 -4.58 31.43 0.54
CA SER B 245 -4.58 31.43 0.54
C SER B 245 -6.08 31.52 0.39
C SER B 245 -6.09 31.49 0.36
N ILE B 246 -6.80 30.86 1.29
CA ILE B 246 -8.26 30.84 1.31
C ILE B 246 -8.70 31.44 2.64
N ALA B 247 -9.35 32.59 2.58
CA ALA B 247 -9.85 33.27 3.78
C ALA B 247 -11.36 33.08 3.89
N THR B 248 -11.83 32.90 5.12
CA THR B 248 -13.24 32.66 5.36
C THR B 248 -14.02 33.97 5.29
N ALA B 249 -15.32 33.88 5.56
CA ALA B 249 -16.14 35.08 5.64
C ALA B 249 -15.81 35.89 6.89
N ALA B 250 -15.29 35.24 7.93
CA ALA B 250 -14.90 35.89 9.17
C ALA B 250 -13.41 36.20 9.23
N GLY B 251 -12.67 35.96 8.14
CA GLY B 251 -11.27 36.29 8.08
C GLY B 251 -10.32 35.19 8.49
N LEU B 252 -10.83 34.04 8.91
CA LEU B 252 -9.97 32.93 9.27
C LEU B 252 -9.42 32.24 8.02
N LEU B 253 -8.22 31.69 8.16
CA LEU B 253 -7.52 31.08 7.04
C LEU B 253 -7.90 29.60 6.94
N ALA B 254 -8.72 29.26 5.95
CA ALA B 254 -9.00 27.86 5.65
C ALA B 254 -7.90 27.22 4.81
N GLY B 255 -7.12 28.03 4.11
CA GLY B 255 -5.98 27.53 3.37
C GLY B 255 -4.93 28.60 3.27
N ASN B 256 -3.67 28.17 3.19
CA ASN B 256 -2.54 29.11 3.14
C ASN B 256 -1.32 28.34 2.65
N SER B 257 -0.93 28.59 1.39
CA SER B 257 0.19 27.86 0.80
C SER B 257 1.54 28.20 1.46
N ARG B 258 1.59 29.25 2.27
CA ARG B 258 2.87 29.64 2.88
C ARG B 258 3.20 28.77 4.09
N ASP B 259 2.21 28.47 4.92
CA ASP B 259 2.46 27.78 6.18
C ASP B 259 1.16 27.20 6.71
N ASP B 260 1.18 25.92 7.08
N ASP B 260 1.18 25.93 7.10
CA ASP B 260 -0.02 25.27 7.61
CA ASP B 260 0.00 25.25 7.61
C ASP B 260 -0.31 25.65 9.06
C ASP B 260 -0.15 25.37 9.13
N SER B 261 0.69 26.17 9.78
CA SER B 261 0.55 26.37 11.22
C SER B 261 -0.49 27.41 11.58
N VAL B 262 -0.81 28.32 10.66
CA VAL B 262 -1.75 29.41 10.94
C VAL B 262 -3.14 29.12 10.39
N LEU B 263 -3.39 27.88 9.95
CA LEU B 263 -4.72 27.52 9.47
C LEU B 263 -5.74 27.62 10.60
N GLY B 264 -6.92 28.13 10.27
CA GLY B 264 -7.96 28.34 11.26
C GLY B 264 -7.81 29.60 12.08
N LYS B 265 -6.79 30.41 11.81
CA LYS B 265 -6.52 31.66 12.51
C LYS B 265 -6.80 32.84 11.60
N PRO B 266 -6.99 34.04 12.17
CA PRO B 266 -7.26 35.21 11.33
C PRO B 266 -6.17 35.46 10.30
N MET B 267 -6.58 35.92 9.13
CA MET B 267 -5.65 36.16 8.03
C MET B 267 -4.87 37.45 8.28
N ASP B 268 -3.61 37.45 7.85
N ASP B 268 -3.60 37.44 7.85
CA ASP B 268 -2.73 38.62 7.98
CA ASP B 268 -2.74 38.61 7.97
C ASP B 268 -3.29 39.74 7.11
C ASP B 268 -3.28 39.75 7.11
N LYS B 269 -3.94 40.72 7.75
CA LYS B 269 -4.52 41.83 6.99
C LYS B 269 -3.43 42.75 6.45
N SER B 270 -2.45 43.10 7.27
CA SER B 270 -1.33 43.93 6.82
C SER B 270 -0.43 43.09 5.91
N VAL B 271 -0.43 43.41 4.62
CA VAL B 271 0.27 42.58 3.64
C VAL B 271 1.77 42.67 3.88
N ALA B 272 2.43 41.51 3.89
CA ALA B 272 3.87 41.47 3.87
C ALA B 272 4.36 42.00 2.53
N ASP B 273 5.12 43.09 2.56
CA ASP B 273 5.44 43.81 1.34
C ASP B 273 6.39 43.00 0.45
N GLY B 274 6.33 43.30 -0.84
CA GLY B 274 7.15 42.61 -1.82
C GLY B 274 6.40 42.33 -3.10
N LEU B 275 5.24 41.69 -2.99
CA LEU B 275 4.48 41.22 -4.15
C LEU B 275 3.05 41.72 -4.08
N LEU B 276 2.40 41.78 -5.24
CA LEU B 276 1.02 42.22 -5.32
C LEU B 276 0.11 41.27 -4.56
N ARG B 277 -1.00 41.81 -4.05
CA ARG B 277 -1.98 41.03 -3.28
C ARG B 277 -3.36 41.32 -3.84
N VAL B 278 -3.97 40.33 -4.48
CA VAL B 278 -5.34 40.44 -4.98
C VAL B 278 -6.20 39.47 -4.22
N ALA B 279 -7.49 39.81 -4.09
CA ALA B 279 -8.46 38.96 -3.42
C ALA B 279 -9.75 38.97 -4.23
N HIS B 280 -10.30 37.78 -4.48
CA HIS B 280 -11.57 37.67 -5.18
C HIS B 280 -12.52 36.81 -4.36
N PRO B 281 -13.75 37.27 -4.13
CA PRO B 281 -14.68 36.50 -3.30
C PRO B 281 -15.32 35.35 -4.07
N PHE B 282 -15.72 34.34 -3.32
CA PHE B 282 -16.50 33.24 -3.85
C PHE B 282 -17.50 32.79 -2.79
N THR B 283 -18.64 32.28 -3.26
CA THR B 283 -19.69 31.82 -2.35
C THR B 283 -19.71 30.30 -2.36
N PRO B 284 -19.29 29.64 -1.27
CA PRO B 284 -19.12 28.18 -1.32
C PRO B 284 -20.44 27.42 -1.25
N ILE B 285 -21.45 27.94 -0.58
CA ILE B 285 -22.80 27.37 -0.61
C ILE B 285 -23.79 28.49 -0.86
N PRO B 286 -24.91 28.24 -1.55
CA PRO B 286 -25.77 29.34 -2.00
C PRO B 286 -26.30 30.17 -0.85
N ASP B 287 -26.30 31.49 -1.05
CA ASP B 287 -26.85 32.46 -0.10
C ASP B 287 -26.15 32.38 1.26
N THR B 288 -24.82 32.50 1.24
CA THR B 288 -24.02 32.57 2.45
C THR B 288 -23.00 33.69 2.29
N ALA B 289 -22.48 34.15 3.42
CA ALA B 289 -21.44 35.18 3.39
C ALA B 289 -20.22 34.64 2.64
N PRO B 290 -19.71 35.38 1.66
CA PRO B 290 -18.68 34.80 0.78
C PRO B 290 -17.32 34.69 1.45
N TRP B 291 -16.59 33.66 1.03
CA TRP B 291 -15.18 33.54 1.37
C TRP B 291 -14.38 34.30 0.32
N GLN B 292 -13.06 34.11 0.29
CA GLN B 292 -12.24 34.77 -0.70
C GLN B 292 -10.96 33.98 -0.93
N VAL B 293 -10.40 34.15 -2.12
CA VAL B 293 -9.11 33.59 -2.50
C VAL B 293 -8.13 34.75 -2.66
N VAL B 294 -6.98 34.65 -2.00
CA VAL B 294 -5.99 35.72 -1.99
C VAL B 294 -4.73 35.21 -2.67
N LEU B 295 -4.24 35.98 -3.64
CA LEU B 295 -3.04 35.63 -4.41
C LEU B 295 -1.92 36.63 -4.10
N GLU B 296 -0.68 36.15 -4.21
CA GLU B 296 0.51 36.98 -4.02
C GLU B 296 1.56 36.54 -5.05
N LEU B 297 1.57 37.18 -6.21
CA LEU B 297 2.48 36.87 -7.32
C LEU B 297 3.45 37.98 -7.63
N PRO B 298 4.68 37.61 -8.03
CA PRO B 298 5.72 38.63 -8.27
C PRO B 298 5.45 39.49 -9.50
N GLU B 299 6.10 40.65 -9.50
CA GLU B 299 5.97 41.60 -10.61
C GLU B 299 6.65 41.04 -11.86
N SER B 300 5.87 40.82 -12.91
CA SER B 300 6.38 40.31 -14.17
C SER B 300 5.30 40.33 -15.25
N ALA C 41 26.44 2.17 24.53
CA ALA C 41 25.18 2.72 25.01
C ALA C 41 24.68 3.81 24.06
N ARG C 42 25.59 4.26 23.21
CA ARG C 42 25.31 5.31 22.23
C ARG C 42 24.76 4.77 20.93
N GLN C 43 24.57 3.45 20.96
CA GLN C 43 24.15 2.49 20.01
C GLN C 43 22.61 2.35 19.96
N ARG C 44 21.62 2.75 20.88
N ARG C 44 21.96 3.22 20.68
CA ARG C 44 20.21 3.09 20.74
CA ARG C 44 20.53 3.25 20.73
C ARG C 44 19.89 3.57 19.34
C ARG C 44 20.04 3.53 19.35
N LEU C 45 20.68 4.54 18.85
CA LEU C 45 20.46 5.04 17.50
C LEU C 45 20.87 4.01 16.45
N GLN C 46 21.86 3.17 16.76
CA GLN C 46 22.19 2.06 15.85
C GLN C 46 21.07 1.03 15.81
N ALA C 47 20.41 0.81 16.95
CA ALA C 47 19.28 -0.13 16.98
C ALA C 47 18.10 0.43 16.22
N HIS C 48 17.89 1.75 16.25
CA HIS C 48 16.82 2.35 15.45
C HIS C 48 17.10 2.16 13.97
N ALA C 49 18.37 2.26 13.56
CA ALA C 49 18.71 2.09 12.15
C ALA C 49 18.36 0.69 11.65
N GLU C 50 18.55 -0.32 12.49
CA GLU C 50 18.20 -1.68 12.10
C GLU C 50 16.69 -1.84 11.95
N THR C 51 15.92 -1.28 12.90
CA THR C 51 14.47 -1.34 12.80
C THR C 51 13.98 -0.67 11.51
N GLN C 52 14.54 0.51 11.19
CA GLN C 52 14.15 1.17 9.95
C GLN C 52 14.63 0.39 8.72
N ALA C 53 15.85 -0.13 8.77
CA ALA C 53 16.37 -0.88 7.63
C ALA C 53 15.52 -2.12 7.34
N LEU C 54 14.97 -2.76 8.38
CA LEU C 54 14.14 -3.93 8.15
CA LEU C 54 14.14 -3.92 8.17
C LEU C 54 12.77 -3.55 7.62
N ARG C 55 12.27 -2.36 7.96
CA ARG C 55 10.97 -1.94 7.45
C ARG C 55 11.04 -1.61 5.96
N ILE C 56 12.11 -0.98 5.54
CA ILE C 56 12.31 -0.65 4.18
C ILE C 56 12.51 -1.88 3.36
N GLN C 57 13.26 -2.81 3.86
CA GLN C 57 13.46 -4.07 3.18
C GLN C 57 12.14 -4.81 2.99
N ARG C 58 11.27 -4.77 4.00
CA ARG C 58 9.93 -5.33 3.86
C ARG C 58 9.16 -4.65 2.74
N TYR C 59 9.37 -3.35 2.55
CA TYR C 59 8.71 -2.63 1.46
C TYR C 59 9.14 -3.17 0.11
N PHE C 60 10.45 -3.41 -0.07
CA PHE C 60 10.95 -3.90 -1.35
C PHE C 60 10.65 -5.38 -1.56
N MET C 61 10.76 -6.18 -0.50
CA MET C 61 10.48 -7.61 -0.60
CA MET C 61 10.49 -7.61 -0.63
C MET C 61 9.02 -7.87 -0.93
N ASP C 62 8.11 -7.02 -0.44
N ASP C 62 8.11 -7.03 -0.41
CA ASP C 62 6.70 -7.19 -0.75
CA ASP C 62 6.70 -7.17 -0.76
C ASP C 62 6.42 -6.92 -2.23
C ASP C 62 6.48 -6.96 -2.25
N ALA C 63 7.08 -5.90 -2.80
CA ALA C 63 6.96 -5.65 -4.22
C ALA C 63 7.67 -6.74 -5.02
N TYR C 64 8.79 -7.24 -4.51
CA TYR C 64 9.49 -8.34 -5.16
C TYR C 64 8.63 -9.60 -5.18
N GLN C 65 8.07 -9.97 -4.03
CA GLN C 65 7.19 -11.13 -3.96
C GLN C 65 5.95 -10.95 -4.83
N TYR C 66 5.41 -9.72 -4.86
CA TYR C 66 4.27 -9.44 -5.72
C TYR C 66 4.63 -9.62 -7.19
N GLY C 67 5.81 -9.13 -7.60
CA GLY C 67 6.22 -9.27 -8.98
C GLY C 67 6.42 -10.72 -9.39
N ASN C 68 7.00 -11.52 -8.49
CA ASN C 68 7.18 -12.94 -8.77
C ASN C 68 5.85 -13.66 -8.93
N GLY C 69 4.83 -13.24 -8.17
CA GLY C 69 3.50 -13.79 -8.36
C GLY C 69 2.96 -13.54 -9.75
N PHE C 70 3.25 -12.36 -10.31
CA PHE C 70 2.82 -12.06 -11.66
C PHE C 70 3.66 -12.83 -12.69
N ALA C 71 4.96 -12.99 -12.42
CA ALA C 71 5.81 -13.75 -13.34
C ALA C 71 5.36 -15.20 -13.41
N ARG C 72 4.88 -15.75 -12.29
CA ARG C 72 4.34 -17.11 -12.31
C ARG C 72 3.10 -17.19 -13.18
N LEU C 73 2.26 -16.15 -13.15
CA LEU C 73 1.09 -16.12 -14.03
C LEU C 73 1.51 -16.03 -15.49
N VAL C 74 2.52 -15.22 -15.79
CA VAL C 74 2.98 -15.07 -17.17
C VAL C 74 3.48 -16.39 -17.72
N GLN C 75 4.26 -17.13 -16.92
CA GLN C 75 4.79 -18.40 -17.37
C GLN C 75 3.68 -19.43 -17.54
N VAL C 76 2.69 -19.41 -16.66
CA VAL C 76 1.57 -20.35 -16.78
C VAL C 76 0.75 -20.04 -18.04
N LEU C 77 0.50 -18.76 -18.31
CA LEU C 77 -0.26 -18.39 -19.49
C LEU C 77 0.51 -18.72 -20.77
N LYS C 78 1.82 -18.47 -20.78
CA LYS C 78 2.61 -18.79 -21.96
C LYS C 78 2.63 -20.29 -22.22
N ASP C 79 2.70 -21.09 -21.15
N ASP C 79 2.71 -21.09 -21.16
CA ASP C 79 2.69 -22.54 -21.31
CA ASP C 79 2.69 -22.54 -21.31
C ASP C 79 1.37 -23.02 -21.88
C ASP C 79 1.37 -23.01 -21.89
N ARG C 80 0.26 -22.41 -21.46
CA ARG C 80 -1.06 -22.84 -21.93
C ARG C 80 -1.39 -22.27 -23.31
N GLY C 81 -0.81 -21.13 -23.67
CA GLY C 81 -1.00 -20.60 -25.01
C GLY C 81 -2.45 -20.20 -25.25
N GLY C 82 -3.05 -20.80 -26.28
CA GLY C 82 -4.44 -20.51 -26.58
C GLY C 82 -4.60 -19.38 -27.58
N SER C 83 -5.85 -18.93 -27.70
CA SER C 83 -6.20 -17.94 -28.72
C SER C 83 -5.87 -16.52 -28.29
N ASP C 84 -6.36 -16.11 -27.11
N ASP C 84 -6.37 -16.11 -27.12
CA ASP C 84 -6.20 -14.73 -26.64
CA ASP C 84 -6.20 -14.74 -26.63
C ASP C 84 -5.04 -14.60 -25.66
C ASP C 84 -5.04 -14.65 -25.64
N LEU C 85 -3.86 -15.10 -26.06
CA LEU C 85 -2.70 -15.07 -25.17
C LEU C 85 -2.21 -13.64 -24.96
N ARG C 86 -2.02 -12.89 -26.03
CA ARG C 86 -1.45 -11.55 -25.91
C ARG C 86 -2.42 -10.59 -25.23
N ALA C 87 -3.73 -10.75 -25.50
CA ALA C 87 -4.71 -9.89 -24.85
C ALA C 87 -4.83 -10.21 -23.37
N GLU C 88 -4.80 -11.49 -23.00
CA GLU C 88 -4.90 -11.86 -21.60
C GLU C 88 -3.69 -11.39 -20.81
N LEU C 89 -2.49 -11.55 -21.37
CA LEU C 89 -1.28 -11.09 -20.70
C LEU C 89 -1.31 -9.58 -20.50
N THR C 90 -1.87 -8.84 -21.46
CA THR C 90 -1.98 -7.39 -21.32
C THR C 90 -2.99 -7.03 -20.24
N ARG C 91 -4.14 -7.70 -20.21
CA ARG C 91 -5.13 -7.44 -19.17
C ARG C 91 -4.60 -7.81 -17.79
N GLN C 92 -3.92 -8.96 -17.69
CA GLN C 92 -3.42 -9.40 -16.39
C GLN C 92 -2.30 -8.50 -15.88
N ALA C 93 -1.45 -8.02 -16.79
CA ALA C 93 -0.44 -7.05 -16.39
C ALA C 93 -1.09 -5.76 -15.89
N ARG C 94 -2.14 -5.32 -16.57
CA ARG C 94 -2.87 -4.13 -16.12
C ARG C 94 -3.48 -4.35 -14.74
N ALA C 95 -4.15 -5.49 -14.54
CA ALA C 95 -4.74 -5.78 -13.24
C ALA C 95 -3.68 -5.98 -12.17
N SER C 96 -2.49 -6.44 -12.54
CA SER C 96 -1.41 -6.59 -11.59
C SER C 96 -0.93 -5.23 -11.10
N LEU C 97 -0.66 -4.31 -12.03
CA LEU C 97 -0.24 -2.97 -11.64
C LEU C 97 -1.34 -2.24 -10.89
N ALA C 98 -2.58 -2.41 -11.32
CA ALA C 98 -3.70 -1.78 -10.63
C ALA C 98 -3.85 -2.31 -9.21
N GLY C 99 -3.51 -3.58 -9.00
CA GLY C 99 -3.58 -4.17 -7.67
C GLY C 99 -2.47 -3.78 -6.72
N ASN C 100 -1.54 -2.93 -7.14
CA ASN C 100 -0.43 -2.50 -6.30
C ASN C 100 -0.24 -1.00 -6.45
N PRO C 101 -0.88 -0.20 -5.59
CA PRO C 101 -0.75 1.25 -5.70
C PRO C 101 0.65 1.77 -5.42
N ASP C 102 1.51 0.96 -4.81
CA ASP C 102 2.87 1.38 -4.49
C ASP C 102 3.84 1.19 -5.65
N VAL C 103 3.34 0.81 -6.83
CA VAL C 103 4.18 0.56 -8.00
C VAL C 103 3.80 1.55 -9.09
N ILE C 104 4.80 2.25 -9.63
CA ILE C 104 4.56 3.29 -10.62
C ILE C 104 4.56 2.77 -12.05
N GLY C 105 4.96 1.52 -12.27
CA GLY C 105 4.98 0.98 -13.62
C GLY C 105 5.29 -0.49 -13.62
N LEU C 106 4.87 -1.16 -14.69
CA LEU C 106 5.10 -2.59 -14.86
C LEU C 106 5.47 -2.83 -16.32
N TYR C 107 6.63 -3.44 -16.56
CA TYR C 107 7.02 -3.79 -17.93
C TYR C 107 7.17 -5.30 -18.06
N LEU C 108 6.77 -5.80 -19.22
CA LEU C 108 6.89 -7.22 -19.55
C LEU C 108 7.33 -7.29 -21.01
N VAL C 109 8.59 -7.69 -21.22
CA VAL C 109 9.21 -7.66 -22.54
C VAL C 109 9.76 -9.05 -22.83
N PHE C 110 9.35 -9.62 -23.96
CA PHE C 110 9.86 -10.91 -24.40
C PHE C 110 10.89 -10.72 -25.51
N GLN C 111 11.79 -11.69 -25.63
CA GLN C 111 12.70 -11.72 -26.76
C GLN C 111 11.89 -11.89 -28.05
N PRO C 112 12.46 -11.47 -29.20
CA PRO C 112 11.73 -11.62 -30.47
C PRO C 112 11.27 -13.05 -30.73
N ASN C 113 9.96 -13.23 -30.91
CA ASN C 113 9.31 -14.51 -31.17
C ASN C 113 9.43 -15.48 -30.00
N ALA C 114 9.80 -15.01 -28.81
CA ALA C 114 9.98 -15.92 -27.68
C ALA C 114 8.66 -16.26 -27.00
N LEU C 115 7.68 -15.35 -27.05
CA LEU C 115 6.41 -15.60 -26.36
C LEU C 115 5.61 -16.69 -27.07
N ASP C 116 5.35 -16.52 -28.36
CA ASP C 116 4.47 -17.43 -29.07
C ASP C 116 4.94 -17.73 -30.49
N GLN C 117 6.14 -17.29 -30.88
N GLN C 117 6.13 -17.30 -30.88
CA GLN C 117 6.66 -17.49 -32.23
CA GLN C 117 6.66 -17.50 -32.24
C GLN C 117 5.73 -16.91 -33.29
C GLN C 117 5.75 -16.90 -33.29
N GLN C 118 4.94 -15.90 -32.91
CA GLN C 118 3.95 -15.31 -33.81
CA GLN C 118 3.95 -15.31 -33.81
C GLN C 118 4.06 -13.79 -33.83
N ASP C 119 5.28 -13.26 -33.73
CA ASP C 119 5.46 -11.81 -33.77
C ASP C 119 5.01 -11.22 -35.11
N SER C 120 5.02 -12.02 -36.19
CA SER C 120 4.60 -11.53 -37.49
C SER C 120 3.11 -11.26 -37.57
N HIS C 121 2.31 -11.76 -36.62
CA HIS C 121 0.87 -11.56 -36.62
C HIS C 121 0.42 -10.37 -35.78
N TYR C 122 1.34 -9.67 -35.12
CA TYR C 122 0.99 -8.62 -34.18
C TYR C 122 1.77 -7.34 -34.45
N LEU C 123 2.15 -7.09 -35.70
CA LEU C 123 2.89 -5.88 -36.05
C LEU C 123 2.02 -4.64 -35.82
N GLY C 124 2.41 -3.83 -34.84
CA GLY C 124 1.68 -2.61 -34.55
C GLY C 124 0.46 -2.77 -33.67
N GLN C 125 0.24 -3.95 -33.10
CA GLN C 125 -0.92 -4.20 -32.25
C GLN C 125 -0.60 -3.74 -30.83
N ASP C 126 -0.54 -2.40 -30.67
CA ASP C 126 -0.21 -1.83 -29.38
C ASP C 126 -1.23 -2.18 -28.31
N ALA C 127 -2.50 -2.37 -28.70
CA ALA C 127 -3.52 -2.77 -27.75
C ALA C 127 -3.24 -4.15 -27.15
N MET C 128 -2.43 -4.97 -27.82
CA MET C 128 -2.08 -6.30 -27.32
CA MET C 128 -2.07 -6.30 -27.33
C MET C 128 -0.60 -6.37 -26.91
N GLY C 129 -0.04 -5.25 -26.45
CA GLY C 129 1.32 -5.21 -25.96
C GLY C 129 2.40 -5.51 -26.98
N SER C 130 2.12 -5.33 -28.26
CA SER C 130 3.07 -5.63 -29.32
C SER C 130 3.46 -4.35 -30.05
N ASN C 131 4.76 -4.13 -30.22
CA ASN C 131 5.24 -2.92 -30.88
C ASN C 131 5.19 -3.07 -32.40
N GLU C 132 5.94 -2.22 -33.11
CA GLU C 132 5.87 -2.21 -34.56
C GLU C 132 6.48 -3.47 -35.18
N SER C 133 7.41 -4.12 -34.48
CA SER C 133 8.03 -5.34 -34.96
C SER C 133 7.31 -6.60 -34.49
N GLY C 134 6.15 -6.45 -33.85
CA GLY C 134 5.39 -7.58 -33.38
C GLY C 134 5.90 -8.20 -32.08
N ARG C 135 7.04 -7.75 -31.58
CA ARG C 135 7.54 -8.27 -30.31
C ARG C 135 6.62 -7.83 -29.18
N PHE C 136 6.39 -8.74 -28.24
CA PHE C 136 5.61 -8.40 -27.05
C PHE C 136 6.47 -7.52 -26.16
N SER C 137 6.21 -6.21 -26.18
CA SER C 137 7.00 -5.22 -25.44
C SER C 137 5.99 -4.28 -24.78
N LEU C 138 5.55 -4.65 -23.58
CA LEU C 138 4.43 -4.00 -22.91
C LEU C 138 4.92 -3.20 -21.70
N TYR C 139 4.46 -1.96 -21.60
CA TYR C 139 4.70 -1.13 -20.43
C TYR C 139 3.37 -0.57 -19.94
N TRP C 140 2.99 -0.90 -18.72
CA TRP C 140 1.86 -0.27 -18.05
C TRP C 140 2.39 0.77 -17.07
N SER C 141 1.92 2.01 -17.21
CA SER C 141 2.34 3.10 -16.36
C SER C 141 1.20 3.51 -15.44
N GLN C 142 1.54 3.76 -14.17
CA GLN C 142 0.58 4.23 -13.18
C GLN C 142 1.10 5.53 -12.58
N PRO C 143 0.96 6.65 -13.31
CA PRO C 143 1.44 7.93 -12.77
C PRO C 143 0.72 8.38 -11.53
N SER C 144 -0.48 7.85 -11.27
CA SER C 144 -1.21 8.05 -10.04
C SER C 144 -2.13 6.85 -9.86
N PRO C 145 -2.39 6.43 -8.62
CA PRO C 145 -3.20 5.22 -8.40
C PRO C 145 -4.54 5.28 -9.12
N GLY C 146 -4.85 4.21 -9.85
CA GLY C 146 -6.07 4.13 -10.63
C GLY C 146 -5.94 4.56 -12.07
N THR C 147 -4.86 5.25 -12.44
CA THR C 147 -4.64 5.71 -13.81
C THR C 147 -3.58 4.80 -14.43
N LEU C 148 -3.99 4.00 -15.41
CA LEU C 148 -3.11 3.02 -16.03
C LEU C 148 -3.04 3.29 -17.52
N GLU C 149 -1.84 3.68 -17.98
CA GLU C 149 -1.61 4.02 -19.38
C GLU C 149 -0.76 2.94 -20.03
N LEU C 150 -1.22 2.43 -21.17
CA LEU C 150 -0.51 1.40 -21.92
C LEU C 150 0.39 2.06 -22.96
N GLU C 151 1.58 1.48 -23.13
CA GLU C 151 2.39 1.78 -24.31
C GLU C 151 3.16 0.53 -24.70
N ALA C 152 3.17 0.24 -26.01
CA ALA C 152 3.99 -0.82 -26.57
C ALA C 152 5.35 -0.24 -26.90
N MET C 153 6.35 -0.57 -26.10
CA MET C 153 7.64 0.09 -26.21
C MET C 153 8.31 -0.26 -27.54
N PRO C 154 8.70 0.74 -28.34
CA PRO C 154 9.28 0.46 -29.65
C PRO C 154 10.68 -0.15 -29.53
N GLU C 155 11.14 -0.70 -30.65
CA GLU C 155 12.46 -1.32 -30.68
C GLU C 155 13.57 -0.31 -30.41
N THR C 156 13.33 0.97 -30.73
CA THR C 156 14.31 2.00 -30.42
C THR C 156 14.44 2.20 -28.91
N MET C 157 13.34 2.09 -28.18
CA MET C 157 13.39 2.21 -26.74
C MET C 157 14.07 1.00 -26.10
N LEU C 158 13.90 -0.18 -26.69
CA LEU C 158 14.47 -1.39 -26.11
C LEU C 158 15.97 -1.48 -26.33
N GLY C 159 16.48 -0.88 -27.42
CA GLY C 159 17.90 -0.86 -27.70
C GLY C 159 18.61 0.43 -27.43
N ASP C 160 17.96 1.40 -26.77
CA ASP C 160 18.55 2.71 -26.52
C ASP C 160 19.62 2.58 -25.43
N THR C 161 20.88 2.57 -25.85
CA THR C 161 22.01 2.42 -24.93
C THR C 161 22.69 3.74 -24.61
N SER C 162 22.09 4.87 -24.98
CA SER C 162 22.66 6.16 -24.62
C SER C 162 22.68 6.32 -23.11
N ILE C 163 23.67 7.07 -22.62
CA ILE C 163 23.92 7.17 -21.19
C ILE C 163 22.85 8.05 -20.55
N GLY C 164 22.29 7.57 -19.45
CA GLY C 164 21.24 8.28 -18.73
C GLY C 164 21.76 9.16 -17.62
N SER C 165 20.86 9.49 -16.69
CA SER C 165 21.18 10.46 -15.64
C SER C 165 22.23 9.91 -14.69
N ASN C 166 22.17 8.62 -14.36
CA ASN C 166 23.07 8.02 -13.39
C ASN C 166 24.36 7.50 -14.00
N GLY C 167 24.59 7.77 -15.30
CA GLY C 167 25.75 7.27 -15.99
C GLY C 167 25.57 5.92 -16.65
N ALA C 168 24.53 5.18 -16.30
CA ALA C 168 24.24 3.90 -16.91
C ALA C 168 23.41 4.10 -18.18
N ALA C 169 23.45 3.09 -19.04
CA ALA C 169 22.62 3.13 -20.24
C ALA C 169 21.15 3.21 -19.87
N LYS C 170 20.38 3.96 -20.67
CA LYS C 170 18.95 4.05 -20.45
C LYS C 170 18.25 2.70 -20.60
N ASN C 171 18.97 1.73 -21.19
N ASN C 171 18.87 1.70 -21.23
CA ASN C 171 18.56 0.36 -21.50
CA ASN C 171 18.17 0.42 -21.33
C ASN C 171 18.61 -0.57 -20.30
C ASN C 171 18.70 -0.61 -20.33
N ARG C 172 19.27 -0.16 -19.21
CA ARG C 172 19.71 -1.11 -18.19
C ARG C 172 18.54 -1.81 -17.50
N TRP C 173 17.36 -1.19 -17.48
CA TRP C 173 16.19 -1.85 -16.93
C TRP C 173 15.84 -3.12 -17.68
N LEU C 174 16.27 -3.25 -18.93
CA LEU C 174 16.03 -4.42 -19.76
C LEU C 174 17.26 -5.32 -19.90
N THR C 175 18.43 -4.73 -20.13
CA THR C 175 19.62 -5.54 -20.38
C THR C 175 20.09 -6.27 -19.13
N CYS C 176 19.90 -5.68 -17.95
CA CYS C 176 20.37 -6.33 -16.73
C CYS C 176 19.69 -7.66 -16.48
N PRO C 177 18.35 -7.77 -16.45
CA PRO C 177 17.76 -9.10 -16.24
C PRO C 177 17.85 -10.00 -17.45
N GLN C 178 17.84 -9.43 -18.66
N GLN C 178 17.86 -9.43 -18.66
CA GLN C 178 17.84 -10.25 -19.86
CA GLN C 178 17.82 -10.24 -19.87
C GLN C 178 19.24 -10.78 -20.18
C GLN C 178 19.22 -10.74 -20.26
N ASP C 179 20.24 -9.91 -20.09
CA ASP C 179 21.59 -10.25 -20.54
C ASP C 179 22.55 -10.59 -19.41
N THR C 180 22.15 -10.47 -18.15
CA THR C 180 22.88 -11.08 -17.05
C THR C 180 22.11 -12.24 -16.43
N ALA C 181 20.88 -12.47 -16.88
CA ALA C 181 20.12 -13.69 -16.57
C ALA C 181 19.89 -13.85 -15.07
N ARG C 182 19.58 -12.75 -14.39
N ARG C 182 19.57 -12.74 -14.39
CA ARG C 182 19.32 -12.79 -12.96
CA ARG C 182 19.39 -12.75 -12.94
C ARG C 182 18.52 -11.55 -12.58
C ARG C 182 18.64 -11.49 -12.54
N THR C 183 18.05 -11.54 -11.34
CA THR C 183 17.28 -10.41 -10.83
C THR C 183 18.19 -9.20 -10.58
N CYS C 184 17.66 -8.01 -10.82
CA CYS C 184 18.43 -6.78 -10.69
C CYS C 184 17.66 -5.77 -9.85
N MET C 185 18.35 -5.13 -8.92
CA MET C 185 17.85 -3.95 -8.23
C MET C 185 18.50 -2.76 -8.91
N LEU C 186 17.77 -2.11 -9.80
CA LEU C 186 18.35 -1.08 -10.66
C LEU C 186 18.56 0.21 -9.89
N GLU C 187 19.72 0.84 -10.13
CA GLU C 187 20.03 2.11 -9.50
C GLU C 187 19.04 3.18 -9.95
N PRO C 188 18.78 4.18 -9.11
CA PRO C 188 17.83 5.23 -9.48
C PRO C 188 18.20 5.88 -10.82
N TYR C 189 17.20 6.04 -11.68
CA TYR C 189 17.41 6.61 -12.99
C TYR C 189 16.20 7.42 -13.42
N LEU C 190 16.45 8.46 -14.22
CA LEU C 190 15.39 9.29 -14.77
C LEU C 190 14.85 8.63 -16.03
N ASP C 191 13.63 8.13 -15.97
CA ASP C 191 13.02 7.40 -17.07
C ASP C 191 12.01 8.28 -17.80
N GLU C 192 11.88 8.04 -19.11
N GLU C 192 11.86 8.02 -19.10
CA GLU C 192 10.95 8.77 -19.95
CA GLU C 192 10.95 8.77 -19.96
C GLU C 192 9.72 7.90 -20.22
C GLU C 192 9.72 7.91 -20.25
N VAL C 193 8.55 8.38 -19.82
CA VAL C 193 7.29 7.67 -20.02
C VAL C 193 6.33 8.63 -20.71
N ASN C 194 6.22 8.50 -22.03
CA ASN C 194 5.31 9.33 -22.83
C ASN C 194 5.55 10.82 -22.59
N GLY C 195 6.82 11.20 -22.61
CA GLY C 195 7.21 12.57 -22.34
C GLY C 195 7.34 12.94 -20.89
N ARG C 196 6.94 12.06 -19.97
CA ARG C 196 7.08 12.32 -18.54
C ARG C 196 8.42 11.78 -18.06
N GLN C 197 9.17 12.60 -17.34
CA GLN C 197 10.44 12.19 -16.75
C GLN C 197 10.19 11.83 -15.29
N VAL C 198 10.39 10.55 -14.96
CA VAL C 198 10.12 10.01 -13.63
C VAL C 198 11.42 9.41 -13.11
N LEU C 199 11.87 9.90 -11.95
CA LEU C 199 13.01 9.33 -11.26
C LEU C 199 12.55 8.09 -10.49
N MET C 200 13.14 6.94 -10.78
CA MET C 200 12.56 5.68 -10.33
C MET C 200 13.64 4.65 -10.05
N THR C 201 13.21 3.58 -9.40
CA THR C 201 13.95 2.35 -9.20
C THR C 201 13.14 1.23 -9.86
N SER C 202 13.81 0.11 -10.17
CA SER C 202 13.11 -1.00 -10.79
C SER C 202 13.58 -2.33 -10.21
N ILE C 203 12.63 -3.23 -9.98
CA ILE C 203 12.89 -4.62 -9.65
C ILE C 203 12.67 -5.44 -10.90
N ALA C 204 13.75 -5.94 -11.49
CA ALA C 204 13.69 -6.65 -12.76
C ALA C 204 13.89 -8.15 -12.53
N LEU C 205 13.00 -8.95 -13.08
CA LEU C 205 13.02 -10.41 -12.91
C LEU C 205 13.12 -11.08 -14.27
N PRO C 206 14.12 -11.93 -14.50
CA PRO C 206 14.18 -12.66 -15.77
C PRO C 206 13.25 -13.85 -15.77
N LEU C 207 12.64 -14.11 -16.93
CA LEU C 207 11.78 -15.27 -17.13
C LEU C 207 12.62 -16.36 -17.79
N LEU C 208 12.86 -17.44 -17.06
CA LEU C 208 13.83 -18.46 -17.46
C LEU C 208 13.14 -19.71 -17.97
N GLU C 209 13.71 -20.29 -19.02
CA GLU C 209 13.27 -21.57 -19.57
C GLU C 209 14.52 -22.40 -19.82
N HIS C 210 14.82 -23.31 -18.89
CA HIS C 210 16.02 -24.16 -18.97
C HIS C 210 17.29 -23.29 -19.04
N GLY C 211 17.41 -22.36 -18.10
CA GLY C 211 18.55 -21.47 -18.05
C GLY C 211 18.61 -20.44 -19.14
N LYS C 212 17.58 -20.35 -19.98
N LYS C 212 17.60 -20.34 -20.00
CA LYS C 212 17.51 -19.39 -21.08
CA LYS C 212 17.56 -19.37 -21.08
C LYS C 212 16.50 -18.31 -20.74
C LYS C 212 16.50 -18.31 -20.77
N VAL C 213 16.88 -17.05 -20.94
CA VAL C 213 16.00 -15.92 -20.65
C VAL C 213 15.15 -15.67 -21.89
N VAL C 214 13.85 -15.97 -21.79
CA VAL C 214 12.91 -15.69 -22.88
C VAL C 214 12.18 -14.37 -22.69
N GLY C 215 12.34 -13.72 -21.55
CA GLY C 215 11.66 -12.46 -21.31
C GLY C 215 11.99 -11.95 -19.92
N VAL C 216 11.58 -10.73 -19.65
CA VAL C 216 11.81 -10.09 -18.37
C VAL C 216 10.53 -9.45 -17.86
N VAL C 217 10.36 -9.46 -16.54
CA VAL C 217 9.27 -8.77 -15.87
C VAL C 217 9.89 -7.74 -14.93
N GLY C 218 9.30 -6.55 -14.89
CA GLY C 218 9.85 -5.50 -14.04
C GLY C 218 8.81 -4.62 -13.39
N LEU C 219 9.07 -4.23 -12.14
CA LEU C 219 8.21 -3.32 -11.40
C LEU C 219 8.99 -2.03 -11.14
N ASP C 220 8.44 -0.91 -11.61
CA ASP C 220 9.07 0.39 -11.42
C ASP C 220 8.54 1.01 -10.13
N ILE C 221 9.45 1.56 -9.31
CA ILE C 221 9.10 2.20 -8.05
C ILE C 221 9.65 3.62 -8.08
N GLY C 222 8.76 4.60 -7.97
CA GLY C 222 9.20 5.99 -8.00
C GLY C 222 9.87 6.39 -6.70
N LEU C 223 10.92 7.20 -6.82
CA LEU C 223 11.66 7.63 -5.64
C LEU C 223 10.83 8.51 -4.72
N ALA C 224 9.73 9.08 -5.22
CA ALA C 224 8.82 9.82 -4.34
C ALA C 224 8.23 8.91 -3.27
N ASN C 225 7.96 7.65 -3.62
CA ASN C 225 7.50 6.69 -2.61
C ASN C 225 8.57 6.46 -1.55
N LEU C 226 9.80 6.22 -1.98
CA LEU C 226 10.90 6.02 -1.03
C LEU C 226 11.20 7.30 -0.26
N GLN C 227 10.99 8.47 -0.88
CA GLN C 227 11.17 9.73 -0.17
C GLN C 227 10.15 9.86 0.96
N GLN C 228 8.92 9.37 0.74
CA GLN C 228 7.92 9.36 1.80
C GLN C 228 8.30 8.37 2.89
N LEU C 229 8.88 7.23 2.50
CA LEU C 229 9.36 6.26 3.49
C LEU C 229 10.43 6.87 4.39
N SER C 230 11.26 7.75 3.85
CA SER C 230 12.28 8.42 4.65
C SER C 230 11.67 9.50 5.55
N VAL C 231 10.68 10.23 5.04
CA VAL C 231 10.02 11.25 5.84
C VAL C 231 9.20 10.60 6.96
N ASN C 232 8.54 9.48 6.64
CA ASN C 232 7.83 8.72 7.67
C ASN C 232 8.80 8.18 8.71
N GLY C 233 10.04 7.92 8.33
CA GLY C 233 11.04 7.47 9.28
C GLY C 233 11.53 8.58 10.19
N ARG C 234 11.76 9.77 9.62
CA ARG C 234 12.16 10.91 10.43
C ARG C 234 11.08 11.28 11.45
N ARG C 235 9.81 11.09 11.10
N ARG C 235 9.81 11.09 11.09
CA ARG C 235 8.73 11.39 12.03
CA ARG C 235 8.72 11.37 12.01
C ARG C 235 8.79 10.49 13.27
C ARG C 235 8.79 10.50 13.26
N ASP C 236 9.33 9.28 13.12
CA ASP C 236 9.44 8.35 14.24
C ASP C 236 10.80 8.40 14.93
N LEU C 237 11.81 9.02 14.31
CA LEU C 237 13.16 9.06 14.87
C LEU C 237 13.25 10.23 15.83
N PHE C 238 12.99 9.95 17.11
CA PHE C 238 13.13 10.93 18.19
C PHE C 238 12.32 12.20 17.91
N ASP C 239 11.12 12.01 17.35
CA ASP C 239 10.12 13.06 17.19
C ASP C 239 10.59 14.17 16.23
N GLY C 240 11.17 13.75 15.11
CA GLY C 240 11.40 14.62 13.99
C GLY C 240 12.76 15.31 13.96
N GLN C 241 13.50 15.30 15.07
CA GLN C 241 14.78 15.99 15.09
C GLN C 241 15.84 15.28 14.26
N GLY C 242 15.68 13.98 14.01
CA GLY C 242 16.63 13.25 13.22
C GLY C 242 16.46 13.48 11.73
N GLN C 243 17.26 12.76 10.95
CA GLN C 243 17.16 12.77 9.50
C GLN C 243 17.40 11.36 8.99
N VAL C 244 16.53 10.90 8.10
CA VAL C 244 16.58 9.54 7.57
C VAL C 244 16.89 9.60 6.08
N SER C 245 17.83 8.78 5.63
CA SER C 245 18.18 8.66 4.23
C SER C 245 18.26 7.19 3.83
N ILE C 246 18.03 6.93 2.55
CA ILE C 246 18.18 5.61 1.97
C ILE C 246 19.22 5.70 0.87
N ALA C 247 20.32 4.97 1.03
CA ALA C 247 21.40 4.95 0.07
C ALA C 247 21.43 3.61 -0.65
N THR C 248 21.67 3.64 -1.96
CA THR C 248 21.64 2.45 -2.78
C THR C 248 23.00 1.75 -2.77
N ALA C 249 23.09 0.64 -3.51
CA ALA C 249 24.32 -0.13 -3.54
C ALA C 249 25.46 0.64 -4.18
N ALA C 250 25.16 1.56 -5.09
CA ALA C 250 26.17 2.39 -5.73
C ALA C 250 26.36 3.72 -5.03
N GLY C 251 25.75 3.93 -3.87
CA GLY C 251 25.90 5.16 -3.12
C GLY C 251 24.99 6.29 -3.53
N LEU C 252 23.96 6.01 -4.31
CA LEU C 252 23.02 7.04 -4.74
C LEU C 252 21.90 7.20 -3.73
N LEU C 253 21.34 8.41 -3.67
CA LEU C 253 20.26 8.72 -2.73
C LEU C 253 18.93 8.30 -3.33
N ALA C 254 18.30 7.29 -2.71
CA ALA C 254 16.93 6.93 -3.04
C ALA C 254 15.91 7.57 -2.09
N GLY C 255 16.36 8.06 -0.95
CA GLY C 255 15.53 8.78 -0.01
C GLY C 255 16.38 9.73 0.82
N ASN C 256 15.84 10.91 1.14
CA ASN C 256 16.60 11.90 1.89
C ASN C 256 15.58 12.90 2.48
N SER C 257 15.23 12.67 3.75
CA SER C 257 14.24 13.52 4.42
C SER C 257 14.72 14.96 4.56
N ARG C 258 16.03 15.18 4.59
N ARG C 258 16.03 15.20 4.57
CA ARG C 258 16.56 16.54 4.72
CA ARG C 258 16.53 16.56 4.73
C ARG C 258 16.30 17.35 3.46
C ARG C 258 16.31 17.38 3.46
N ASP C 259 16.68 16.82 2.30
CA ASP C 259 16.53 17.51 1.03
C ASP C 259 16.13 16.51 -0.03
N ASP C 260 15.02 16.80 -0.73
CA ASP C 260 14.50 15.92 -1.76
C ASP C 260 14.98 16.31 -3.16
N SER C 261 15.81 17.34 -3.29
CA SER C 261 16.34 17.74 -4.58
C SER C 261 17.63 17.02 -4.94
N VAL C 262 18.23 16.28 -4.00
CA VAL C 262 19.45 15.53 -4.25
C VAL C 262 19.16 14.04 -4.43
N LEU C 263 17.90 13.68 -4.65
CA LEU C 263 17.55 12.28 -4.90
C LEU C 263 18.15 11.81 -6.21
N GLY C 264 18.64 10.57 -6.23
CA GLY C 264 19.32 10.03 -7.39
C GLY C 264 20.75 10.47 -7.55
N LYS C 265 21.29 11.22 -6.61
CA LYS C 265 22.66 11.71 -6.63
C LYS C 265 23.48 11.02 -5.55
N PRO C 266 24.80 10.99 -5.69
CA PRO C 266 25.64 10.34 -4.67
C PRO C 266 25.50 11.02 -3.31
N MET C 267 25.31 10.20 -2.27
CA MET C 267 25.12 10.71 -0.93
C MET C 267 26.45 11.22 -0.35
N ASP C 268 26.38 12.36 0.32
CA ASP C 268 27.55 12.88 1.02
C ASP C 268 27.93 11.92 2.14
N LYS C 269 29.17 11.43 2.08
N LYS C 269 29.16 11.40 2.09
CA LYS C 269 29.65 10.37 2.96
CA LYS C 269 29.57 10.36 3.01
C LYS C 269 30.13 10.88 4.31
C LYS C 269 30.05 10.89 4.36
N SER C 270 30.20 12.20 4.51
CA SER C 270 30.74 12.78 5.73
C SER C 270 29.68 13.52 6.53
N VAL C 271 29.89 13.58 7.84
CA VAL C 271 28.99 14.24 8.78
C VAL C 271 29.68 15.50 9.27
N ALA C 272 28.88 16.47 9.71
CA ALA C 272 29.41 17.76 10.14
C ALA C 272 28.61 18.29 11.33
N ASP C 273 29.15 19.34 11.95
CA ASP C 273 28.46 20.09 13.01
C ASP C 273 28.13 19.21 14.21
N GLY C 274 29.04 18.30 14.55
CA GLY C 274 28.83 17.44 15.70
C GLY C 274 27.64 16.51 15.60
N LEU C 275 27.15 16.27 14.38
CA LEU C 275 26.03 15.37 14.18
C LEU C 275 26.49 13.92 14.23
N LEU C 276 25.61 13.05 14.71
CA LEU C 276 25.85 11.62 14.69
C LEU C 276 25.25 11.01 13.44
N ARG C 277 25.82 9.88 13.01
N ARG C 277 25.79 9.86 13.03
CA ARG C 277 25.32 9.18 11.83
CA ARG C 277 25.29 9.20 11.83
C ARG C 277 25.55 7.69 12.00
C ARG C 277 25.54 7.70 11.93
N VAL C 278 24.48 6.91 11.88
CA VAL C 278 24.58 5.47 11.83
C VAL C 278 23.99 5.01 10.50
N ALA C 279 24.47 3.86 10.03
CA ALA C 279 23.95 3.24 8.83
C ALA C 279 23.78 1.75 9.10
N HIS C 280 22.70 1.18 8.58
CA HIS C 280 22.46 -0.24 8.70
C HIS C 280 22.08 -0.80 7.33
N PRO C 281 22.70 -1.90 6.91
CA PRO C 281 22.42 -2.45 5.59
C PRO C 281 21.11 -3.21 5.55
N PHE C 282 20.57 -3.31 4.34
CA PHE C 282 19.42 -4.16 4.06
C PHE C 282 19.48 -4.56 2.61
N THR C 283 18.81 -5.67 2.28
CA THR C 283 18.83 -6.19 0.92
C THR C 283 17.46 -6.03 0.28
N PRO C 284 17.34 -5.18 -0.75
CA PRO C 284 16.01 -4.98 -1.36
C PRO C 284 15.41 -6.26 -1.92
N ILE C 285 16.16 -6.97 -2.76
CA ILE C 285 15.75 -8.25 -3.31
C ILE C 285 16.84 -9.27 -3.02
N PRO C 286 16.49 -10.56 -2.96
CA PRO C 286 17.48 -11.57 -2.55
C PRO C 286 18.70 -11.58 -3.45
N ASP C 287 19.87 -11.81 -2.83
CA ASP C 287 21.13 -12.03 -3.53
C ASP C 287 21.56 -10.83 -4.36
N THR C 288 21.45 -9.64 -3.77
CA THR C 288 21.97 -8.43 -4.39
C THR C 288 22.76 -7.64 -3.34
N ALA C 289 23.55 -6.70 -3.84
CA ALA C 289 24.34 -5.85 -2.96
C ALA C 289 23.41 -5.08 -2.03
N PRO C 290 23.75 -4.95 -0.75
CA PRO C 290 22.82 -4.32 0.19
C PRO C 290 22.73 -2.82 -0.01
N TRP C 291 21.52 -2.29 0.14
CA TRP C 291 21.35 -0.87 0.34
C TRP C 291 21.58 -0.55 1.82
N GLN C 292 21.36 0.71 2.20
N GLN C 292 21.36 0.71 2.22
CA GLN C 292 21.56 1.15 3.57
CA GLN C 292 21.55 1.05 3.63
C GLN C 292 20.46 2.12 3.96
C GLN C 292 20.63 2.20 4.02
N VAL C 293 20.10 2.11 5.24
CA VAL C 293 19.27 3.15 5.84
C VAL C 293 20.19 3.96 6.74
N VAL C 294 20.18 5.28 6.57
CA VAL C 294 21.11 6.18 7.25
C VAL C 294 20.33 7.10 8.17
N LEU C 295 20.70 7.12 9.44
CA LEU C 295 20.08 7.95 10.45
C LEU C 295 21.08 8.99 10.94
N GLU C 296 20.61 10.23 11.11
CA GLU C 296 21.47 11.33 11.57
C GLU C 296 20.73 12.15 12.60
N LEU C 297 21.37 12.38 13.71
CA LEU C 297 20.80 13.10 14.81
C LEU C 297 21.94 13.79 15.53
N PRO C 298 21.63 14.87 16.22
CA PRO C 298 22.69 15.66 16.81
C PRO C 298 23.41 15.33 18.13
N GLU C 299 22.75 15.29 19.26
CA GLU C 299 23.52 15.08 20.49
C GLU C 299 23.05 13.93 21.36
N SER C 300 21.73 13.79 21.34
CA SER C 300 20.76 12.88 21.99
C SER C 300 19.64 13.78 22.43
N ASP D 39 -4.05 18.80 24.22
CA ASP D 39 -2.79 18.56 24.91
C ASP D 39 -1.72 18.07 23.94
N SER D 40 -0.62 18.82 23.85
CA SER D 40 0.50 18.40 23.00
C SER D 40 1.11 17.11 23.51
N ALA D 41 1.09 16.89 24.83
CA ALA D 41 1.63 15.65 25.38
C ALA D 41 0.89 14.43 24.83
N ARG D 42 -0.44 14.44 24.92
N ARG D 42 -0.44 14.44 24.92
CA ARG D 42 -1.22 13.34 24.38
CA ARG D 42 -1.23 13.34 24.38
C ARG D 42 -1.39 13.42 22.87
C ARG D 42 -1.32 13.41 22.86
N GLN D 43 -1.24 14.61 22.29
CA GLN D 43 -1.34 14.75 20.84
C GLN D 43 -0.20 14.03 20.13
N ARG D 44 0.96 13.89 20.75
N ARG D 44 0.98 13.99 20.77
CA ARG D 44 2.03 13.21 20.03
CA ARG D 44 2.13 13.23 20.30
C ARG D 44 1.85 11.70 20.01
C ARG D 44 1.73 11.79 20.00
N LEU D 45 1.14 11.12 20.99
CA LEU D 45 0.83 9.70 20.88
C LEU D 45 -0.21 9.44 19.79
N GLN D 46 -1.10 10.41 19.55
CA GLN D 46 -2.03 10.28 18.43
C GLN D 46 -1.30 10.35 17.09
N ALA D 47 -0.33 11.26 16.98
CA ALA D 47 0.50 11.29 15.77
C ALA D 47 1.33 10.02 15.64
N HIS D 48 1.75 9.45 16.76
CA HIS D 48 2.44 8.16 16.71
C HIS D 48 1.48 7.03 16.38
N ALA D 49 0.28 7.06 16.98
CA ALA D 49 -0.71 6.00 16.72
C ALA D 49 -1.09 5.97 15.25
N GLU D 50 -1.19 7.14 14.62
CA GLU D 50 -1.49 7.18 13.19
C GLU D 50 -0.35 6.56 12.38
N THR D 51 0.89 6.81 12.78
CA THR D 51 2.03 6.21 12.09
C THR D 51 1.98 4.69 12.15
N GLN D 52 1.78 4.14 13.36
CA GLN D 52 1.65 2.70 13.50
C GLN D 52 0.43 2.17 12.76
N ALA D 53 -0.64 2.96 12.71
CA ALA D 53 -1.87 2.54 12.03
C ALA D 53 -1.61 2.27 10.56
N LEU D 54 -0.95 3.21 9.87
CA LEU D 54 -0.64 3.01 8.47
C LEU D 54 0.35 1.86 8.27
N ARG D 55 1.27 1.66 9.21
CA ARG D 55 2.22 0.57 9.10
C ARG D 55 1.53 -0.78 9.19
N ILE D 56 0.66 -0.96 10.19
CA ILE D 56 -0.07 -2.21 10.30
C ILE D 56 -1.04 -2.39 9.15
N GLN D 57 -1.60 -1.28 8.63
CA GLN D 57 -2.51 -1.37 7.50
C GLN D 57 -1.77 -1.80 6.24
N ARG D 58 -0.54 -1.33 6.06
CA ARG D 58 0.27 -1.77 4.92
C ARG D 58 0.55 -3.27 5.01
N TYR D 59 0.70 -3.80 6.22
CA TYR D 59 0.94 -5.23 6.37
C TYR D 59 -0.25 -6.05 5.90
N PHE D 60 -1.46 -5.63 6.27
CA PHE D 60 -2.66 -6.36 5.86
C PHE D 60 -3.00 -6.11 4.39
N MET D 61 -2.83 -4.87 3.92
CA MET D 61 -3.15 -4.56 2.54
C MET D 61 -2.20 -5.25 1.57
N ASP D 62 -0.92 -5.37 1.96
CA ASP D 62 0.03 -6.08 1.10
C ASP D 62 -0.34 -7.55 0.99
N ALA D 63 -0.79 -8.16 2.09
CA ALA D 63 -1.27 -9.53 2.03
C ALA D 63 -2.56 -9.63 1.23
N TYR D 64 -3.43 -8.62 1.36
CA TYR D 64 -4.69 -8.60 0.60
C TYR D 64 -4.42 -8.50 -0.89
N GLN D 65 -3.56 -7.56 -1.30
CA GLN D 65 -3.23 -7.40 -2.71
C GLN D 65 -2.52 -8.64 -3.25
N TYR D 66 -1.68 -9.27 -2.42
CA TYR D 66 -1.00 -10.50 -2.83
C TYR D 66 -2.02 -11.62 -3.05
N GLY D 67 -2.96 -11.77 -2.12
CA GLY D 67 -3.99 -12.79 -2.28
C GLY D 67 -4.88 -12.55 -3.48
N ASN D 68 -5.12 -11.28 -3.82
CA ASN D 68 -5.88 -10.98 -5.02
C ASN D 68 -5.09 -11.33 -6.29
N GLY D 69 -3.76 -11.18 -6.24
CA GLY D 69 -2.95 -11.59 -7.37
C GLY D 69 -3.06 -13.09 -7.64
N PHE D 70 -3.17 -13.89 -6.57
CA PHE D 70 -3.37 -15.32 -6.73
C PHE D 70 -4.78 -15.63 -7.19
N ALA D 71 -5.76 -14.86 -6.70
CA ALA D 71 -7.14 -15.05 -7.15
C ALA D 71 -7.26 -14.84 -8.66
N ARG D 72 -6.58 -13.82 -9.19
CA ARG D 72 -6.59 -13.58 -10.63
C ARG D 72 -5.96 -14.74 -11.40
N LEU D 73 -4.92 -15.34 -10.83
CA LEU D 73 -4.32 -16.52 -11.45
C LEU D 73 -5.28 -17.71 -11.40
N VAL D 74 -6.01 -17.85 -10.29
CA VAL D 74 -6.95 -18.97 -10.15
C VAL D 74 -8.06 -18.85 -11.19
N GLN D 75 -8.54 -17.64 -11.44
CA GLN D 75 -9.68 -17.45 -12.34
C GLN D 75 -9.28 -17.62 -13.80
N VAL D 76 -8.08 -17.17 -14.18
CA VAL D 76 -7.61 -17.39 -15.55
C VAL D 76 -7.19 -18.85 -15.75
N LEU D 77 -6.82 -19.56 -14.69
CA LEU D 77 -6.55 -20.99 -14.81
C LEU D 77 -7.83 -21.77 -15.01
N LYS D 78 -8.86 -21.46 -14.24
N LYS D 78 -8.86 -21.46 -14.24
CA LYS D 78 -10.16 -22.10 -14.43
CA LYS D 78 -10.16 -22.11 -14.43
C LYS D 78 -10.72 -21.80 -15.81
C LYS D 78 -10.72 -21.80 -15.81
N ASP D 79 -10.46 -20.59 -16.33
CA ASP D 79 -10.93 -20.23 -17.65
C ASP D 79 -10.24 -21.06 -18.73
N ARG D 80 -8.91 -21.12 -18.68
N ARG D 80 -8.92 -21.12 -18.70
CA ARG D 80 -8.16 -21.87 -19.70
CA ARG D 80 -8.18 -21.87 -19.71
C ARG D 80 -8.30 -23.38 -19.55
C ARG D 80 -8.30 -23.38 -19.55
N GLY D 81 -8.93 -23.85 -18.47
CA GLY D 81 -9.21 -25.27 -18.34
C GLY D 81 -7.95 -26.13 -18.32
N GLY D 82 -7.98 -27.21 -19.08
CA GLY D 82 -6.86 -28.12 -19.19
C GLY D 82 -7.11 -29.41 -18.44
N SER D 83 -6.35 -30.45 -18.82
CA SER D 83 -6.46 -31.74 -18.15
C SER D 83 -5.81 -31.72 -16.78
N ASP D 84 -4.72 -30.97 -16.61
CA ASP D 84 -4.03 -30.85 -15.33
C ASP D 84 -4.39 -29.57 -14.59
N LEU D 85 -5.64 -29.11 -14.73
CA LEU D 85 -6.04 -27.87 -14.08
C LEU D 85 -5.93 -27.96 -12.56
N ARG D 86 -6.35 -29.10 -11.99
CA ARG D 86 -6.33 -29.23 -10.54
C ARG D 86 -4.90 -29.37 -10.01
N ALA D 87 -4.03 -30.05 -10.76
CA ALA D 87 -2.64 -30.17 -10.33
C ALA D 87 -1.90 -28.85 -10.48
N GLU D 88 -2.22 -28.08 -11.52
CA GLU D 88 -1.58 -26.78 -11.69
C GLU D 88 -2.05 -25.78 -10.64
N LEU D 89 -3.33 -25.86 -10.26
CA LEU D 89 -3.83 -25.02 -9.18
C LEU D 89 -3.13 -25.33 -7.87
N THR D 90 -3.02 -26.61 -7.53
CA THR D 90 -2.32 -27.02 -6.32
C THR D 90 -0.86 -26.56 -6.36
N ARG D 91 -0.22 -26.64 -7.53
N ARG D 91 -0.23 -26.69 -7.53
CA ARG D 91 1.17 -26.22 -7.63
CA ARG D 91 1.16 -26.23 -7.70
C ARG D 91 1.31 -24.72 -7.53
C ARG D 91 1.27 -24.72 -7.49
N GLN D 92 0.36 -23.96 -8.10
CA GLN D 92 0.42 -22.51 -8.02
C GLN D 92 0.07 -22.02 -6.61
N ALA D 93 -0.87 -22.70 -5.94
CA ALA D 93 -1.21 -22.33 -4.58
C ALA D 93 -0.01 -22.52 -3.65
N ARG D 94 0.73 -23.61 -3.84
CA ARG D 94 1.95 -23.83 -3.05
C ARG D 94 2.98 -22.75 -3.31
N ALA D 95 3.23 -22.46 -4.59
CA ALA D 95 4.23 -21.45 -4.94
C ALA D 95 3.81 -20.07 -4.45
N SER D 96 2.51 -19.77 -4.50
CA SER D 96 2.03 -18.49 -3.99
C SER D 96 2.25 -18.37 -2.50
N LEU D 97 1.96 -19.43 -1.75
CA LEU D 97 2.20 -19.41 -0.31
C LEU D 97 3.69 -19.41 0.00
N ALA D 98 4.47 -20.20 -0.74
CA ALA D 98 5.91 -20.21 -0.55
C ALA D 98 6.53 -18.86 -0.88
N GLY D 99 5.91 -18.10 -1.77
CA GLY D 99 6.37 -16.77 -2.12
C GLY D 99 6.04 -15.69 -1.12
N ASN D 100 5.38 -16.03 -0.01
CA ASN D 100 5.01 -15.05 1.01
C ASN D 100 5.24 -15.66 2.38
N PRO D 101 6.41 -15.41 2.98
CA PRO D 101 6.71 -15.98 4.31
C PRO D 101 5.84 -15.40 5.43
N ASP D 102 5.14 -14.30 5.20
CA ASP D 102 4.30 -13.70 6.23
C ASP D 102 2.97 -14.41 6.40
N VAL D 103 2.63 -15.34 5.51
CA VAL D 103 1.32 -15.99 5.49
C VAL D 103 1.48 -17.42 6.00
N ILE D 104 0.67 -17.80 6.99
CA ILE D 104 0.78 -19.12 7.62
C ILE D 104 -0.13 -20.16 6.96
N GLY D 105 -1.08 -19.74 6.13
CA GLY D 105 -1.98 -20.69 5.49
C GLY D 105 -2.62 -20.09 4.27
N LEU D 106 -2.89 -20.93 3.28
CA LEU D 106 -3.59 -20.54 2.06
C LEU D 106 -4.63 -21.62 1.76
N TYR D 107 -5.90 -21.22 1.71
CA TYR D 107 -6.97 -22.14 1.36
C TYR D 107 -7.68 -21.67 0.10
N LEU D 108 -8.00 -22.64 -0.76
CA LEU D 108 -8.71 -22.40 -2.01
C LEU D 108 -9.79 -23.47 -2.13
N VAL D 109 -11.05 -23.09 -1.95
CA VAL D 109 -12.17 -24.02 -1.92
C VAL D 109 -13.18 -23.57 -2.96
N PHE D 110 -13.61 -24.49 -3.81
CA PHE D 110 -14.67 -24.25 -4.77
C PHE D 110 -15.97 -24.88 -4.31
N GLN D 111 -17.07 -24.32 -4.78
CA GLN D 111 -18.37 -24.94 -4.56
C GLN D 111 -18.44 -26.23 -5.36
N PRO D 112 -19.33 -27.17 -4.96
CA PRO D 112 -19.42 -28.45 -5.68
C PRO D 112 -19.61 -28.28 -7.18
N ASN D 113 -18.68 -28.83 -7.96
CA ASN D 113 -18.66 -28.81 -9.42
C ASN D 113 -18.43 -27.42 -9.99
N ALA D 114 -18.12 -26.42 -9.16
CA ALA D 114 -17.97 -25.06 -9.65
C ALA D 114 -16.64 -24.81 -10.36
N LEU D 115 -15.64 -25.65 -10.13
CA LEU D 115 -14.35 -25.45 -10.77
C LEU D 115 -14.34 -25.98 -12.20
N ASP D 116 -14.79 -27.22 -12.39
CA ASP D 116 -14.73 -27.81 -13.73
C ASP D 116 -15.88 -28.78 -14.02
N GLN D 117 -16.90 -28.84 -13.17
N GLN D 117 -16.90 -28.84 -13.17
CA GLN D 117 -18.02 -29.77 -13.34
CA GLN D 117 -18.02 -29.77 -13.34
C GLN D 117 -17.53 -31.21 -13.47
C GLN D 117 -17.54 -31.21 -13.45
N GLN D 118 -16.42 -31.52 -12.80
CA GLN D 118 -15.84 -32.87 -12.83
C GLN D 118 -15.42 -33.32 -11.43
N ASP D 119 -16.16 -32.90 -10.40
CA ASP D 119 -15.86 -33.35 -9.04
C ASP D 119 -15.92 -34.87 -8.95
N SER D 120 -16.87 -35.49 -9.66
CA SER D 120 -17.04 -36.94 -9.62
C SER D 120 -15.84 -37.71 -10.14
N HIS D 121 -14.90 -37.03 -10.81
CA HIS D 121 -13.70 -37.68 -11.33
C HIS D 121 -12.52 -37.60 -10.39
N TYR D 122 -12.58 -36.77 -9.34
CA TYR D 122 -11.42 -36.46 -8.52
C TYR D 122 -11.66 -36.76 -7.04
N LEU D 123 -12.53 -37.72 -6.72
CA LEU D 123 -12.71 -38.07 -5.32
C LEU D 123 -11.47 -38.75 -4.78
N GLY D 124 -11.05 -38.33 -3.58
CA GLY D 124 -9.90 -38.89 -2.92
C GLY D 124 -8.56 -38.47 -3.48
N GLN D 125 -8.53 -37.56 -4.45
CA GLN D 125 -7.26 -37.10 -5.03
C GLN D 125 -6.73 -35.94 -4.19
N ASP D 126 -6.13 -36.30 -3.05
CA ASP D 126 -5.59 -35.30 -2.14
C ASP D 126 -4.47 -34.50 -2.80
N ALA D 127 -3.62 -35.18 -3.58
CA ALA D 127 -2.52 -34.50 -4.25
C ALA D 127 -3.01 -33.45 -5.24
N MET D 128 -4.26 -33.55 -5.70
CA MET D 128 -4.86 -32.55 -6.57
C MET D 128 -5.81 -31.63 -5.81
N GLY D 129 -5.63 -31.50 -4.49
CA GLY D 129 -6.45 -30.59 -3.71
C GLY D 129 -7.92 -30.95 -3.65
N SER D 130 -8.26 -32.21 -3.86
CA SER D 130 -9.65 -32.65 -3.90
C SER D 130 -9.94 -33.58 -2.73
N ASN D 131 -11.10 -33.40 -2.10
CA ASN D 131 -11.44 -34.12 -0.88
C ASN D 131 -12.23 -35.39 -1.22
N GLU D 132 -12.97 -35.93 -0.25
CA GLU D 132 -13.65 -37.19 -0.44
C GLU D 132 -14.85 -37.09 -1.37
N SER D 133 -15.38 -35.89 -1.59
CA SER D 133 -16.48 -35.67 -2.52
C SER D 133 -15.99 -35.24 -3.89
N GLY D 134 -14.69 -35.28 -4.14
CA GLY D 134 -14.13 -34.73 -5.36
C GLY D 134 -14.16 -33.23 -5.45
N ARG D 135 -14.61 -32.55 -4.41
CA ARG D 135 -14.63 -31.09 -4.39
C ARG D 135 -13.23 -30.54 -4.21
N PHE D 136 -12.89 -29.54 -5.00
CA PHE D 136 -11.61 -28.86 -4.83
C PHE D 136 -11.65 -28.05 -3.54
N SER D 137 -11.08 -28.62 -2.48
CA SER D 137 -11.03 -27.99 -1.15
C SER D 137 -9.58 -28.15 -0.68
N LEU D 138 -8.75 -27.17 -0.99
CA LEU D 138 -7.30 -27.27 -0.82
C LEU D 138 -6.82 -26.33 0.29
N TYR D 139 -5.89 -26.82 1.10
CA TYR D 139 -5.26 -26.00 2.13
C TYR D 139 -3.76 -26.27 2.17
N TRP D 140 -2.97 -25.24 1.89
CA TRP D 140 -1.53 -25.29 2.08
C TRP D 140 -1.19 -24.61 3.40
N SER D 141 -0.43 -25.31 4.25
CA SER D 141 -0.07 -24.82 5.57
C SER D 141 1.43 -24.56 5.62
N GLN D 142 1.82 -23.42 6.18
CA GLN D 142 3.22 -23.02 6.32
C GLN D 142 3.50 -22.74 7.79
N PRO D 143 3.75 -23.79 8.60
CA PRO D 143 4.04 -23.56 10.01
C PRO D 143 5.31 -22.75 10.25
N SER D 144 6.26 -22.81 9.34
CA SER D 144 7.47 -21.99 9.37
C SER D 144 7.86 -21.73 7.92
N PRO D 145 8.49 -20.58 7.63
CA PRO D 145 8.76 -20.22 6.23
C PRO D 145 9.56 -21.30 5.51
N GLY D 146 9.04 -21.74 4.37
CA GLY D 146 9.66 -22.77 3.56
C GLY D 146 9.11 -24.16 3.77
N THR D 147 8.36 -24.39 4.83
CA THR D 147 7.78 -25.70 5.13
C THR D 147 6.29 -25.64 4.79
N LEU D 148 5.89 -26.38 3.76
CA LEU D 148 4.54 -26.30 3.21
C LEU D 148 3.89 -27.68 3.22
N GLU D 149 2.80 -27.80 3.96
CA GLU D 149 2.07 -29.07 4.10
C GLU D 149 0.73 -28.95 3.39
N LEU D 150 0.40 -29.97 2.60
CA LEU D 150 -0.82 -29.99 1.80
C LEU D 150 -1.91 -30.79 2.51
N GLU D 151 -3.14 -30.29 2.44
CA GLU D 151 -4.28 -30.96 3.04
C GLU D 151 -5.52 -30.73 2.18
N ALA D 152 -6.26 -31.81 1.91
CA ALA D 152 -7.55 -31.73 1.26
C ALA D 152 -8.62 -31.74 2.35
N MET D 153 -9.22 -30.58 2.58
CA MET D 153 -10.14 -30.45 3.71
C MET D 153 -11.44 -31.20 3.45
N PRO D 154 -11.91 -32.02 4.38
CA PRO D 154 -13.14 -32.79 4.16
C PRO D 154 -14.38 -31.91 4.29
N GLU D 155 -15.53 -32.50 3.99
CA GLU D 155 -16.79 -31.79 4.09
C GLU D 155 -17.16 -31.50 5.54
N THR D 156 -16.79 -32.40 6.46
CA THR D 156 -17.04 -32.16 7.88
C THR D 156 -16.29 -30.93 8.38
N MET D 157 -15.21 -30.53 7.72
CA MET D 157 -14.51 -29.30 8.08
C MET D 157 -15.15 -28.10 7.41
N LEU D 158 -15.52 -28.22 6.13
CA LEU D 158 -16.15 -27.13 5.41
C LEU D 158 -17.58 -26.87 5.88
N GLY D 159 -18.19 -27.83 6.58
CA GLY D 159 -19.54 -27.66 7.08
C GLY D 159 -19.67 -27.62 8.59
N ASP D 160 -18.56 -27.49 9.33
CA ASP D 160 -18.61 -27.44 10.78
C ASP D 160 -19.14 -26.09 11.23
N THR D 161 -20.40 -26.06 11.68
CA THR D 161 -21.04 -24.83 12.12
C THR D 161 -21.09 -24.69 13.64
N SER D 162 -20.43 -25.59 14.37
CA SER D 162 -20.39 -25.49 15.82
C SER D 162 -19.64 -24.23 16.24
N ILE D 163 -20.03 -23.67 17.39
CA ILE D 163 -19.46 -22.40 17.83
C ILE D 163 -17.97 -22.55 18.08
N GLY D 164 -17.22 -21.52 17.71
CA GLY D 164 -15.78 -21.53 17.81
C GLY D 164 -15.28 -20.84 19.06
N SER D 165 -13.98 -20.52 19.06
CA SER D 165 -13.36 -19.90 20.23
C SER D 165 -13.86 -18.48 20.43
N ASN D 166 -13.95 -17.70 19.36
CA ASN D 166 -14.37 -16.30 19.43
C ASN D 166 -15.88 -16.13 19.36
N GLY D 167 -16.64 -17.22 19.51
CA GLY D 167 -18.08 -17.17 19.37
C GLY D 167 -18.59 -17.32 17.95
N ALA D 168 -17.75 -17.05 16.95
CA ALA D 168 -18.15 -17.24 15.58
C ALA D 168 -18.18 -18.74 15.24
N ALA D 169 -18.86 -19.07 14.15
CA ALA D 169 -18.85 -20.44 13.67
C ALA D 169 -17.46 -20.82 13.18
N LYS D 170 -17.13 -22.10 13.33
CA LYS D 170 -15.83 -22.58 12.86
C LYS D 170 -15.73 -22.55 11.34
N ASN D 171 -16.84 -22.51 10.62
N ASN D 171 -16.87 -22.43 10.66
CA ASN D 171 -16.76 -22.42 9.16
CA ASN D 171 -16.98 -22.34 9.22
C ASN D 171 -16.99 -21.01 8.65
C ASN D 171 -16.77 -20.92 8.69
N ARG D 172 -16.77 -20.00 9.50
N ARG D 172 -16.79 -19.92 9.57
CA ARG D 172 -16.91 -18.61 9.06
CA ARG D 172 -16.87 -18.52 9.13
C ARG D 172 -15.83 -18.23 8.07
C ARG D 172 -15.78 -18.15 8.13
N TRP D 173 -14.63 -18.80 8.21
CA TRP D 173 -13.55 -18.52 7.26
C TRP D 173 -13.93 -18.89 5.83
N LEU D 174 -14.88 -19.79 5.65
CA LEU D 174 -15.39 -20.17 4.34
C LEU D 174 -16.75 -19.56 4.03
N THR D 175 -17.65 -19.51 5.00
CA THR D 175 -19.03 -19.12 4.73
C THR D 175 -19.24 -17.61 4.68
N CYS D 176 -18.38 -16.82 5.34
N CYS D 176 -18.35 -16.83 5.29
CA CYS D 176 -18.51 -15.37 5.28
CA CYS D 176 -18.54 -15.38 5.28
C CYS D 176 -18.42 -14.85 3.85
C CYS D 176 -18.38 -14.78 3.89
N PRO D 177 -17.35 -15.13 3.09
CA PRO D 177 -17.30 -14.63 1.71
C PRO D 177 -18.33 -15.28 0.80
N GLN D 178 -18.79 -16.48 1.11
CA GLN D 178 -19.82 -17.11 0.30
C GLN D 178 -21.17 -16.45 0.51
N ASP D 179 -21.49 -16.09 1.75
CA ASP D 179 -22.80 -15.49 2.04
C ASP D 179 -22.87 -14.05 1.56
N THR D 180 -21.85 -13.25 1.87
CA THR D 180 -21.87 -11.82 1.58
C THR D 180 -21.36 -11.48 0.20
N ALA D 181 -20.70 -12.41 -0.49
CA ALA D 181 -20.14 -12.22 -1.83
C ALA D 181 -19.09 -11.10 -1.86
N ARG D 182 -18.48 -10.81 -0.70
N ARG D 182 -18.46 -10.81 -0.72
CA ARG D 182 -17.45 -9.79 -0.57
CA ARG D 182 -17.41 -9.80 -0.66
C ARG D 182 -16.27 -10.35 0.21
C ARG D 182 -16.32 -10.29 0.29
N THR D 183 -15.19 -9.58 0.27
CA THR D 183 -14.03 -9.99 1.04
C THR D 183 -14.30 -9.80 2.53
N CYS D 184 -13.88 -10.79 3.33
CA CYS D 184 -14.08 -10.78 4.76
C CYS D 184 -12.74 -10.74 5.48
N MET D 185 -12.70 -10.03 6.61
CA MET D 185 -11.56 -10.04 7.52
C MET D 185 -12.01 -10.80 8.77
N LEU D 186 -11.65 -12.08 8.84
CA LEU D 186 -12.13 -12.93 9.91
C LEU D 186 -11.57 -12.50 11.25
N GLU D 187 -12.43 -12.47 12.27
CA GLU D 187 -11.98 -12.21 13.62
C GLU D 187 -11.00 -13.29 14.05
N PRO D 188 -10.07 -12.98 14.95
CA PRO D 188 -9.10 -13.99 15.39
C PRO D 188 -9.78 -15.22 15.97
N TYR D 189 -9.37 -16.38 15.48
CA TYR D 189 -9.94 -17.65 15.90
C TYR D 189 -8.83 -18.69 16.03
N LEU D 190 -9.12 -19.75 16.77
CA LEU D 190 -8.18 -20.84 16.99
C LEU D 190 -8.50 -21.97 16.01
N ASP D 191 -7.58 -22.23 15.09
CA ASP D 191 -7.77 -23.21 14.04
C ASP D 191 -7.00 -24.49 14.34
N GLU D 192 -7.40 -25.56 13.67
N GLU D 192 -7.39 -25.57 13.67
CA GLU D 192 -6.78 -26.88 13.82
CA GLU D 192 -6.77 -26.87 13.84
C GLU D 192 -6.14 -27.26 12.49
C GLU D 192 -6.14 -27.30 12.52
N VAL D 193 -4.82 -27.42 12.50
CA VAL D 193 -4.06 -27.80 11.30
C VAL D 193 -3.22 -29.01 11.67
N ASN D 194 -3.72 -30.21 11.37
CA ASN D 194 -3.01 -31.46 11.64
C ASN D 194 -2.64 -31.58 13.12
N GLY D 195 -3.62 -31.33 13.99
CA GLY D 195 -3.41 -31.34 15.41
C GLY D 195 -2.82 -30.08 15.99
N ARG D 196 -2.29 -29.19 15.16
CA ARG D 196 -1.70 -27.94 15.64
C ARG D 196 -2.80 -26.91 15.83
N GLN D 197 -2.87 -26.34 17.04
N GLN D 197 -2.90 -26.38 17.05
CA GLN D 197 -3.80 -25.26 17.34
CA GLN D 197 -3.81 -25.27 17.32
C GLN D 197 -3.11 -23.93 17.03
C GLN D 197 -3.07 -23.97 16.98
N VAL D 198 -3.64 -23.22 16.04
CA VAL D 198 -3.04 -21.98 15.56
C VAL D 198 -4.03 -20.85 15.78
N LEU D 199 -3.60 -19.82 16.51
CA LEU D 199 -4.38 -18.60 16.67
C LEU D 199 -4.12 -17.70 15.47
N MET D 200 -5.16 -17.40 14.71
CA MET D 200 -4.97 -16.74 13.42
C MET D 200 -6.17 -15.86 13.08
N THR D 201 -5.93 -14.96 12.14
CA THR D 201 -6.98 -14.22 11.45
C THR D 201 -6.87 -14.53 9.96
N SER D 202 -7.90 -14.17 9.19
CA SER D 202 -7.96 -14.58 7.81
C SER D 202 -8.47 -13.46 6.91
N ILE D 203 -7.87 -13.34 5.74
CA ILE D 203 -8.39 -12.54 4.64
C ILE D 203 -9.03 -13.50 3.65
N ALA D 204 -10.35 -13.45 3.53
CA ALA D 204 -11.11 -14.38 2.71
C ALA D 204 -11.64 -13.66 1.48
N LEU D 205 -11.14 -14.04 0.30
CA LEU D 205 -11.58 -13.42 -0.93
C LEU D 205 -12.56 -14.33 -1.67
N PRO D 206 -13.67 -13.82 -2.18
CA PRO D 206 -14.58 -14.64 -2.97
C PRO D 206 -14.25 -14.59 -4.46
N LEU D 207 -14.32 -15.76 -5.09
CA LEU D 207 -14.16 -15.87 -6.53
C LEU D 207 -15.54 -15.72 -7.17
N LEU D 208 -15.73 -14.63 -7.91
CA LEU D 208 -17.03 -14.28 -8.46
C LEU D 208 -17.05 -14.53 -9.96
N GLU D 209 -18.12 -15.19 -10.43
CA GLU D 209 -18.40 -15.35 -11.85
C GLU D 209 -19.82 -14.84 -12.08
N HIS D 210 -19.94 -13.66 -12.70
CA HIS D 210 -21.22 -13.00 -12.90
C HIS D 210 -21.92 -12.72 -11.57
N GLY D 211 -21.16 -12.27 -10.58
CA GLY D 211 -21.70 -11.97 -9.27
C GLY D 211 -22.11 -13.17 -8.45
N LYS D 212 -21.74 -14.37 -8.87
N LYS D 212 -21.74 -14.37 -8.87
CA LYS D 212 -22.03 -15.60 -8.14
CA LYS D 212 -22.03 -15.60 -8.14
C LYS D 212 -20.74 -16.15 -7.55
C LYS D 212 -20.74 -16.15 -7.55
N VAL D 213 -20.76 -16.47 -6.25
CA VAL D 213 -19.59 -17.00 -5.57
C VAL D 213 -19.37 -18.45 -6.00
N VAL D 214 -18.38 -18.67 -6.87
CA VAL D 214 -18.05 -20.02 -7.29
C VAL D 214 -16.97 -20.66 -6.41
N GLY D 215 -16.15 -19.86 -5.73
CA GLY D 215 -15.11 -20.39 -4.88
C GLY D 215 -14.59 -19.31 -3.95
N VAL D 216 -13.69 -19.72 -3.07
CA VAL D 216 -13.12 -18.82 -2.06
C VAL D 216 -11.62 -19.08 -1.96
N VAL D 217 -10.82 -18.02 -2.06
CA VAL D 217 -9.40 -18.08 -1.73
C VAL D 217 -9.21 -17.30 -0.43
N GLY D 218 -8.26 -17.75 0.37
CA GLY D 218 -8.06 -17.16 1.68
C GLY D 218 -6.62 -17.26 2.12
N LEU D 219 -6.19 -16.27 2.89
CA LEU D 219 -4.84 -16.21 3.43
C LEU D 219 -4.92 -16.15 4.95
N ASP D 220 -4.23 -17.09 5.62
CA ASP D 220 -4.20 -17.12 7.07
C ASP D 220 -2.98 -16.38 7.58
N ILE D 221 -3.20 -15.44 8.50
CA ILE D 221 -2.14 -14.71 9.17
C ILE D 221 -2.19 -15.10 10.64
N GLY D 222 -1.14 -15.78 11.10
CA GLY D 222 -1.07 -16.15 12.50
C GLY D 222 -0.93 -14.92 13.38
N LEU D 223 -1.60 -14.94 14.53
CA LEU D 223 -1.51 -13.82 15.47
C LEU D 223 -0.11 -13.68 16.06
N ALA D 224 0.76 -14.68 15.90
CA ALA D 224 2.14 -14.54 16.34
C ALA D 224 2.86 -13.48 15.53
N ASN D 225 2.57 -13.39 14.23
CA ASN D 225 3.17 -12.33 13.41
C ASN D 225 2.65 -10.96 13.81
N LEU D 226 1.36 -10.86 14.09
CA LEU D 226 0.80 -9.58 14.55
C LEU D 226 1.30 -9.22 15.93
N GLN D 227 1.55 -10.22 16.79
CA GLN D 227 2.19 -9.95 18.07
C GLN D 227 3.61 -9.42 17.88
N GLN D 228 4.31 -9.91 16.85
CA GLN D 228 5.63 -9.38 16.56
C GLN D 228 5.56 -7.93 16.07
N LEU D 229 4.49 -7.58 15.35
CA LEU D 229 4.32 -6.19 14.92
C LEU D 229 4.10 -5.27 16.11
N SER D 230 3.38 -5.76 17.12
CA SER D 230 3.13 -4.95 18.31
C SER D 230 4.43 -4.72 19.09
N VAL D 231 5.23 -5.77 19.25
CA VAL D 231 6.51 -5.62 19.96
C VAL D 231 7.45 -4.73 19.17
N ASN D 232 7.48 -4.91 17.85
CA ASN D 232 8.32 -4.06 17.01
C ASN D 232 7.89 -2.60 17.09
N GLY D 233 6.57 -2.36 17.12
CA GLY D 233 6.09 -0.99 17.28
C GLY D 233 6.42 -0.41 18.64
N ARG D 234 6.41 -1.27 19.68
CA ARG D 234 6.81 -0.82 21.01
C ARG D 234 8.27 -0.38 21.02
N ARG D 235 9.12 -1.05 20.24
N ARG D 235 9.13 -1.07 20.26
CA ARG D 235 10.53 -0.71 20.21
CA ARG D 235 10.54 -0.71 20.20
C ARG D 235 10.76 0.69 19.65
C ARG D 235 10.73 0.72 19.71
N ASP D 236 9.86 1.18 18.81
CA ASP D 236 9.97 2.52 18.26
C ASP D 236 9.28 3.57 19.12
N LEU D 237 8.31 3.16 19.93
CA LEU D 237 7.48 4.08 20.71
C LEU D 237 8.26 4.54 21.93
N PHE D 238 8.98 5.66 21.76
CA PHE D 238 9.67 6.34 22.85
C PHE D 238 10.57 5.38 23.64
N ASP D 239 11.41 4.64 22.90
CA ASP D 239 12.41 3.75 23.48
C ASP D 239 11.79 2.67 24.35
N GLY D 240 10.71 2.06 23.85
CA GLY D 240 10.15 0.86 24.45
C GLY D 240 9.39 1.06 25.74
N GLN D 241 9.26 2.29 26.24
CA GLN D 241 8.57 2.51 27.51
C GLN D 241 7.06 2.31 27.40
N GLY D 242 6.50 2.41 26.19
CA GLY D 242 5.07 2.27 25.99
C GLY D 242 4.69 0.84 25.63
N GLN D 243 3.43 0.68 25.26
CA GLN D 243 2.90 -0.62 24.86
C GLN D 243 2.01 -0.44 23.63
N VAL D 244 2.05 -1.41 22.73
CA VAL D 244 1.30 -1.37 21.47
C VAL D 244 0.33 -2.54 21.43
N SER D 245 -0.92 -2.26 21.09
CA SER D 245 -1.94 -3.28 20.95
C SER D 245 -2.67 -3.13 19.62
N ILE D 246 -3.03 -4.24 19.02
CA ILE D 246 -3.82 -4.26 17.79
C ILE D 246 -5.19 -4.82 18.16
N ALA D 247 -6.22 -3.98 18.08
CA ALA D 247 -7.58 -4.35 18.44
C ALA D 247 -8.43 -4.49 17.19
N THR D 248 -9.18 -5.58 17.10
CA THR D 248 -9.98 -5.87 15.92
C THR D 248 -11.30 -5.10 15.96
N ALA D 249 -12.11 -5.30 14.92
CA ALA D 249 -13.40 -4.61 14.82
C ALA D 249 -14.37 -5.06 15.90
N ALA D 250 -14.28 -6.32 16.32
CA ALA D 250 -15.12 -6.83 17.40
C ALA D 250 -14.52 -6.59 18.78
N GLY D 251 -13.38 -5.91 18.87
CA GLY D 251 -12.79 -5.58 20.14
C GLY D 251 -11.88 -6.63 20.73
N LEU D 252 -11.40 -7.57 19.93
CA LEU D 252 -10.48 -8.61 20.40
C LEU D 252 -9.04 -8.26 20.05
N LEU D 253 -8.11 -8.80 20.85
CA LEU D 253 -6.70 -8.46 20.76
C LEU D 253 -6.03 -9.32 19.69
N ALA D 254 -5.65 -8.70 18.57
CA ALA D 254 -4.80 -9.36 17.59
C ALA D 254 -3.33 -9.17 17.90
N GLY D 255 -2.97 -8.10 18.61
CA GLY D 255 -1.61 -7.91 19.08
C GLY D 255 -1.65 -7.22 20.43
N ASN D 256 -0.68 -7.56 21.28
CA ASN D 256 -0.62 -6.98 22.62
C ASN D 256 0.81 -7.15 23.13
N SER D 257 1.64 -6.12 22.89
CA SER D 257 3.05 -6.20 23.25
C SER D 257 3.24 -6.38 24.76
N ARG D 258 2.32 -5.87 25.57
CA ARG D 258 2.45 -6.00 27.01
C ARG D 258 2.32 -7.45 27.47
N ASP D 259 1.53 -8.25 26.76
CA ASP D 259 1.27 -9.63 27.16
C ASP D 259 0.68 -10.37 25.97
N ASP D 260 1.31 -11.48 25.57
CA ASP D 260 0.83 -12.30 24.48
C ASP D 260 -0.08 -13.43 24.94
N SER D 261 -0.17 -13.67 26.26
CA SER D 261 -1.12 -14.66 26.76
C SER D 261 -2.57 -14.22 26.58
N VAL D 262 -2.83 -12.94 26.30
CA VAL D 262 -4.20 -12.46 26.15
C VAL D 262 -4.56 -12.21 24.69
N LEU D 263 -3.86 -12.87 23.77
CA LEU D 263 -4.13 -12.71 22.35
C LEU D 263 -5.42 -13.44 21.97
N GLY D 264 -6.26 -12.76 21.20
CA GLY D 264 -7.51 -13.33 20.74
C GLY D 264 -8.70 -13.15 21.66
N LYS D 265 -8.53 -12.44 22.78
CA LYS D 265 -9.63 -12.24 23.70
C LYS D 265 -9.97 -10.76 23.79
N PRO D 266 -11.17 -10.42 24.30
CA PRO D 266 -11.59 -9.01 24.30
C PRO D 266 -10.62 -8.10 25.03
N MET D 267 -10.35 -6.96 24.40
CA MET D 267 -9.41 -5.99 24.98
C MET D 267 -10.05 -5.28 26.17
N ASP D 268 -9.24 -5.05 27.20
CA ASP D 268 -9.69 -4.30 28.37
C ASP D 268 -9.93 -2.84 27.97
N LYS D 269 -11.20 -2.44 27.95
N LYS D 269 -11.20 -2.44 27.94
CA LYS D 269 -11.54 -1.08 27.56
CA LYS D 269 -11.54 -1.08 27.56
C LYS D 269 -11.19 -0.06 28.63
C LYS D 269 -11.16 -0.06 28.63
N SER D 270 -11.04 -0.48 29.88
CA SER D 270 -10.69 0.43 30.96
C SER D 270 -9.21 0.77 30.91
N VAL D 271 -8.88 1.96 31.40
CA VAL D 271 -7.50 2.45 31.43
C VAL D 271 -7.11 2.73 32.87
N ALA D 272 -5.93 2.26 33.26
CA ALA D 272 -5.47 2.44 34.63
C ALA D 272 -5.02 3.88 34.86
N ASP D 273 -4.71 4.18 36.13
CA ASP D 273 -4.25 5.52 36.48
C ASP D 273 -2.84 5.75 35.94
N GLY D 274 -2.59 6.99 35.50
CA GLY D 274 -1.29 7.36 34.98
C GLY D 274 -0.95 6.80 33.61
N LEU D 275 -1.80 5.95 33.04
CA LEU D 275 -1.56 5.37 31.73
C LEU D 275 -2.31 6.18 30.67
N LEU D 276 -1.58 6.61 29.66
CA LEU D 276 -2.12 7.41 28.57
C LEU D 276 -2.38 6.49 27.37
N ARG D 277 -3.63 6.37 26.97
CA ARG D 277 -4.03 5.46 25.90
C ARG D 277 -4.65 6.26 24.76
N VAL D 278 -4.10 6.10 23.55
CA VAL D 278 -4.67 6.66 22.34
C VAL D 278 -4.88 5.53 21.35
N ALA D 279 -5.76 5.79 20.37
CA ALA D 279 -6.08 4.80 19.35
C ALA D 279 -6.26 5.49 18.02
N HIS D 280 -5.96 4.75 16.95
CA HIS D 280 -6.13 5.24 15.59
C HIS D 280 -6.66 4.09 14.74
N PRO D 281 -7.68 4.34 13.92
CA PRO D 281 -8.26 3.26 13.13
C PRO D 281 -7.46 2.97 11.86
N PHE D 282 -7.56 1.73 11.40
CA PHE D 282 -7.02 1.32 10.11
C PHE D 282 -7.90 0.23 9.54
N THR D 283 -7.97 0.18 8.21
CA THR D 283 -8.80 -0.81 7.53
C THR D 283 -7.90 -1.90 6.98
N PRO D 284 -7.94 -3.12 7.51
CA PRO D 284 -7.03 -4.17 7.01
C PRO D 284 -7.30 -4.54 5.56
N ILE D 285 -8.55 -4.68 5.16
CA ILE D 285 -8.90 -4.90 3.76
C ILE D 285 -9.94 -3.85 3.37
N PRO D 286 -10.06 -3.48 2.10
CA PRO D 286 -10.95 -2.38 1.73
C PRO D 286 -12.40 -2.64 2.12
N ASP D 287 -13.05 -1.60 2.63
CA ASP D 287 -14.48 -1.58 2.90
C ASP D 287 -14.88 -2.63 3.95
N THR D 288 -14.26 -2.53 5.11
CA THR D 288 -14.64 -3.34 6.27
C THR D 288 -14.64 -2.46 7.51
N ALA D 289 -15.23 -2.97 8.57
CA ALA D 289 -15.21 -2.28 9.85
C ALA D 289 -13.76 -2.10 10.29
N PRO D 290 -13.36 -0.89 10.68
CA PRO D 290 -11.94 -0.63 10.92
C PRO D 290 -11.43 -1.36 12.15
N TRP D 291 -10.18 -1.83 12.07
CA TRP D 291 -9.43 -2.23 13.24
C TRP D 291 -8.78 -0.98 13.82
N GLN D 292 -8.12 -1.14 14.97
N GLN D 292 -8.11 -1.13 14.96
CA GLN D 292 -7.47 -0.03 15.65
CA GLN D 292 -7.45 0.00 15.57
C GLN D 292 -6.14 -0.50 16.22
C GLN D 292 -6.18 -0.46 16.28
N VAL D 293 -5.18 0.42 16.30
CA VAL D 293 -3.92 0.18 16.97
C VAL D 293 -3.91 1.00 18.26
N VAL D 294 -3.67 0.33 19.38
CA VAL D 294 -3.77 0.96 20.69
C VAL D 294 -2.36 1.24 21.20
N LEU D 295 -2.12 2.49 21.57
CA LEU D 295 -0.84 2.94 22.11
C LEU D 295 -1.04 3.37 23.56
N GLU D 296 -0.36 2.68 24.47
CA GLU D 296 -0.43 2.98 25.90
C GLU D 296 0.95 3.40 26.39
N LEU D 297 0.97 4.46 27.20
CA LEU D 297 2.22 5.04 27.68
C LEU D 297 1.94 5.79 28.97
N PRO D 298 2.86 5.79 29.93
CA PRO D 298 2.70 6.65 31.11
C PRO D 298 3.07 8.09 30.77
N GLU D 299 2.15 9.01 31.05
CA GLU D 299 2.36 10.41 30.71
C GLU D 299 3.58 10.97 31.44
N SER D 300 4.40 11.70 30.70
CA SER D 300 5.61 12.29 31.27
C SER D 300 5.99 13.56 30.53
N SER E 40 21.16 -38.94 44.13
CA SER E 40 19.77 -38.52 44.09
C SER E 40 19.20 -38.64 42.68
N ALA E 41 17.97 -38.17 42.51
CA ALA E 41 17.32 -38.16 41.20
C ALA E 41 17.61 -36.90 40.41
N ARG E 42 18.67 -36.17 40.77
CA ARG E 42 19.07 -34.98 40.02
C ARG E 42 19.94 -35.30 38.82
N GLN E 43 20.45 -36.53 38.73
CA GLN E 43 21.25 -36.91 37.56
C GLN E 43 20.45 -36.80 36.26
N ARG E 44 19.11 -36.88 36.35
CA ARG E 44 18.33 -36.64 35.14
CA ARG E 44 18.27 -36.61 35.18
C ARG E 44 18.54 -35.22 34.61
N LEU E 45 18.91 -34.28 35.49
CA LEU E 45 19.36 -32.97 35.04
C LEU E 45 20.77 -33.03 34.49
N GLN E 46 21.61 -33.90 35.07
CA GLN E 46 22.92 -34.16 34.48
C GLN E 46 22.79 -34.84 33.12
N ALA E 47 21.80 -35.73 32.98
CA ALA E 47 21.56 -36.37 31.69
C ALA E 47 21.00 -35.39 30.67
N HIS E 48 20.18 -34.44 31.12
CA HIS E 48 19.72 -33.38 30.23
C HIS E 48 20.89 -32.50 29.79
N ALA E 49 21.78 -32.18 30.72
CA ALA E 49 22.94 -31.35 30.37
C ALA E 49 23.82 -32.01 29.34
N GLU E 50 24.06 -33.32 29.49
N GLU E 50 24.06 -33.32 29.49
CA GLU E 50 24.88 -34.04 28.52
CA GLU E 50 24.89 -34.03 28.51
C GLU E 50 24.26 -34.01 27.14
C GLU E 50 24.26 -34.00 27.13
N THR E 51 22.94 -34.21 27.06
CA THR E 51 22.26 -34.18 25.76
C THR E 51 22.35 -32.80 25.12
N GLN E 52 22.19 -31.75 25.92
CA GLN E 52 22.28 -30.39 25.38
C GLN E 52 23.71 -30.04 25.00
N ALA E 53 24.69 -30.53 25.77
CA ALA E 53 26.09 -30.28 25.42
C ALA E 53 26.44 -30.87 24.05
N LEU E 54 25.97 -32.09 23.79
CA LEU E 54 26.26 -32.71 22.50
CA LEU E 54 26.25 -32.72 22.50
C LEU E 54 25.64 -31.93 21.35
N ARG E 55 24.46 -31.36 21.57
CA ARG E 55 23.78 -30.61 20.50
C ARG E 55 24.50 -29.30 20.22
N ILE E 56 24.97 -28.61 21.27
CA ILE E 56 25.72 -27.37 21.05
C ILE E 56 27.05 -27.67 20.38
N GLN E 57 27.71 -28.77 20.77
CA GLN E 57 28.96 -29.15 20.14
C GLN E 57 28.78 -29.42 18.65
N ARG E 58 27.68 -30.07 18.28
CA ARG E 58 27.39 -30.28 16.87
C ARG E 58 27.20 -28.96 16.13
N TYR E 59 26.57 -27.99 16.80
CA TYR E 59 26.40 -26.66 16.19
C TYR E 59 27.74 -26.04 15.85
N PHE E 60 28.70 -26.10 16.78
CA PHE E 60 30.01 -25.53 16.52
C PHE E 60 30.82 -26.39 15.55
N MET E 61 30.73 -27.71 15.68
N MET E 61 30.74 -27.71 15.68
CA MET E 61 31.50 -28.60 14.82
CA MET E 61 31.51 -28.59 14.82
C MET E 61 31.07 -28.46 13.37
C MET E 61 31.07 -28.48 13.36
N ASP E 62 29.77 -28.28 13.12
CA ASP E 62 29.30 -28.09 11.76
C ASP E 62 29.85 -26.81 11.16
N ALA E 63 29.92 -25.74 11.96
CA ALA E 63 30.52 -24.51 11.48
C ALA E 63 32.02 -24.68 11.28
N TYR E 64 32.69 -25.37 12.20
CA TYR E 64 34.12 -25.66 12.03
C TYR E 64 34.37 -26.46 10.76
N GLN E 65 33.59 -27.52 10.54
CA GLN E 65 33.77 -28.33 9.34
C GLN E 65 33.43 -27.56 8.08
N TYR E 66 32.43 -26.67 8.15
CA TYR E 66 32.09 -25.85 7.00
C TYR E 66 33.22 -24.88 6.66
N GLY E 67 33.81 -24.24 7.66
CA GLY E 67 34.90 -23.32 7.40
C GLY E 67 36.12 -24.01 6.81
N ASN E 68 36.40 -25.23 7.26
CA ASN E 68 37.49 -26.00 6.68
C ASN E 68 37.22 -26.35 5.22
N GLY E 69 35.95 -26.58 4.86
CA GLY E 69 35.61 -26.77 3.47
C GLY E 69 35.92 -25.54 2.63
N PHE E 70 35.67 -24.35 3.18
CA PHE E 70 36.05 -23.13 2.47
C PHE E 70 37.55 -22.93 2.47
N ALA E 71 38.24 -23.34 3.55
CA ALA E 71 39.69 -23.23 3.58
C ALA E 71 40.33 -24.11 2.51
N ARG E 72 39.77 -25.30 2.29
CA ARG E 72 40.28 -26.16 1.22
C ARG E 72 40.08 -25.50 -0.14
N LEU E 73 38.96 -24.81 -0.32
CA LEU E 73 38.73 -24.08 -1.57
C LEU E 73 39.73 -22.94 -1.73
N VAL E 74 40.04 -22.23 -0.65
CA VAL E 74 40.99 -21.13 -0.72
C VAL E 74 42.35 -21.62 -1.19
N GLN E 75 42.81 -22.74 -0.64
CA GLN E 75 44.11 -23.28 -1.00
CA GLN E 75 44.12 -23.26 -1.02
C GLN E 75 44.11 -23.81 -2.43
N VAL E 76 42.97 -24.31 -2.91
CA VAL E 76 42.89 -24.77 -4.30
C VAL E 76 43.01 -23.58 -5.24
N LEU E 77 42.35 -22.47 -4.91
CA LEU E 77 42.41 -21.28 -5.76
C LEU E 77 43.81 -20.68 -5.78
N LYS E 78 44.43 -20.54 -4.60
CA LYS E 78 45.78 -19.97 -4.54
C LYS E 78 46.79 -20.83 -5.28
N ASP E 79 46.55 -22.15 -5.33
CA ASP E 79 47.48 -23.04 -6.01
C ASP E 79 47.57 -22.74 -7.51
N ARG E 80 46.50 -22.21 -8.10
CA ARG E 80 46.38 -22.09 -9.54
C ARG E 80 46.39 -20.64 -10.01
N GLY E 81 46.54 -19.68 -9.11
CA GLY E 81 46.87 -18.32 -9.51
C GLY E 81 45.84 -17.70 -10.43
N GLY E 82 46.32 -16.83 -11.31
CA GLY E 82 45.48 -16.11 -12.25
C GLY E 82 45.14 -14.72 -11.75
N SER E 83 44.97 -13.79 -12.70
CA SER E 83 44.58 -12.43 -12.35
C SER E 83 43.18 -12.36 -11.77
N ASP E 84 42.37 -13.40 -11.98
N ASP E 84 42.36 -13.38 -11.97
CA ASP E 84 41.02 -13.53 -11.44
CA ASP E 84 41.03 -13.42 -11.40
C ASP E 84 41.00 -14.03 -10.01
C ASP E 84 41.00 -14.05 -10.01
N LEU E 85 42.17 -14.33 -9.42
CA LEU E 85 42.22 -15.01 -8.14
C LEU E 85 41.58 -14.18 -7.03
N ARG E 86 42.02 -12.92 -6.88
CA ARG E 86 41.50 -12.09 -5.80
C ARG E 86 40.01 -11.83 -5.95
N ALA E 87 39.54 -11.65 -7.19
CA ALA E 87 38.12 -11.46 -7.43
C ALA E 87 37.34 -12.75 -7.15
N GLU E 88 37.92 -13.91 -7.49
CA GLU E 88 37.22 -15.17 -7.26
C GLU E 88 37.21 -15.52 -5.78
N LEU E 89 38.31 -15.25 -5.07
CA LEU E 89 38.32 -15.44 -3.63
C LEU E 89 37.24 -14.61 -2.94
N THR E 90 36.93 -13.43 -3.49
CA THR E 90 35.95 -12.54 -2.87
C THR E 90 34.52 -13.02 -3.11
N ARG E 91 34.21 -13.46 -4.32
CA ARG E 91 32.87 -13.95 -4.60
C ARG E 91 32.64 -15.35 -4.02
N GLN E 92 33.70 -16.15 -3.91
CA GLN E 92 33.55 -17.47 -3.27
C GLN E 92 33.41 -17.33 -1.76
N ALA E 93 34.10 -16.37 -1.16
CA ALA E 93 33.92 -16.11 0.26
C ALA E 93 32.51 -15.62 0.56
N ARG E 94 31.95 -14.79 -0.34
CA ARG E 94 30.58 -14.35 -0.19
C ARG E 94 29.60 -15.52 -0.33
N ALA E 95 29.80 -16.34 -1.37
CA ALA E 95 28.88 -17.44 -1.63
C ALA E 95 28.88 -18.45 -0.49
N SER E 96 30.03 -18.67 0.15
CA SER E 96 30.08 -19.60 1.26
C SER E 96 29.48 -18.99 2.52
N LEU E 97 29.67 -17.69 2.73
CA LEU E 97 28.97 -17.02 3.83
C LEU E 97 27.46 -17.04 3.60
N ALA E 98 27.02 -16.72 2.37
CA ALA E 98 25.59 -16.77 2.08
C ALA E 98 25.03 -18.18 2.21
N GLY E 99 25.88 -19.19 2.03
CA GLY E 99 25.46 -20.57 2.18
C GLY E 99 25.36 -21.08 3.59
N ASN E 100 25.61 -20.23 4.59
CA ASN E 100 25.52 -20.63 5.99
C ASN E 100 24.91 -19.50 6.80
N PRO E 101 23.58 -19.49 6.95
CA PRO E 101 22.93 -18.45 7.77
C PRO E 101 23.24 -18.54 9.26
N ASP E 102 23.91 -19.59 9.72
CA ASP E 102 24.35 -19.69 11.10
C ASP E 102 25.59 -18.84 11.39
N VAL E 103 26.17 -18.24 10.36
CA VAL E 103 27.43 -17.51 10.47
C VAL E 103 27.19 -16.06 10.11
N ILE E 104 27.62 -15.13 10.97
CA ILE E 104 27.40 -13.71 10.76
C ILE E 104 28.62 -13.02 10.16
N GLY E 105 29.73 -13.71 9.99
CA GLY E 105 30.92 -13.08 9.45
C GLY E 105 31.93 -14.10 8.97
N LEU E 106 32.63 -13.74 7.90
CA LEU E 106 33.70 -14.57 7.35
C LEU E 106 34.87 -13.65 7.01
N TYR E 107 35.99 -13.83 7.69
CA TYR E 107 37.20 -13.08 7.39
C TYR E 107 38.26 -14.00 6.80
N LEU E 108 38.96 -13.49 5.79
CA LEU E 108 40.03 -14.21 5.10
C LEU E 108 41.12 -13.21 4.78
N VAL E 109 42.23 -13.27 5.52
CA VAL E 109 43.35 -12.36 5.33
CA VAL E 109 43.35 -12.36 5.36
C VAL E 109 44.61 -13.18 5.18
N PHE E 110 45.49 -12.74 4.28
CA PHE E 110 46.78 -13.36 4.05
C PHE E 110 47.89 -12.46 4.58
N GLN E 111 49.05 -13.06 4.83
CA GLN E 111 50.23 -12.29 5.15
C GLN E 111 50.62 -11.43 3.95
N PRO E 112 51.36 -10.33 4.16
CA PRO E 112 51.77 -9.49 3.03
C PRO E 112 52.48 -10.27 1.94
N ASN E 113 51.95 -10.20 0.71
CA ASN E 113 52.47 -10.84 -0.49
C ASN E 113 52.44 -12.36 -0.42
N ALA E 114 51.73 -12.94 0.56
CA ALA E 114 51.69 -14.39 0.70
C ALA E 114 50.68 -15.05 -0.23
N LEU E 115 49.71 -14.28 -0.75
CA LEU E 115 48.70 -14.87 -1.63
C LEU E 115 49.21 -15.01 -3.06
N ASP E 116 49.68 -13.91 -3.65
CA ASP E 116 50.10 -13.94 -5.05
C ASP E 116 51.37 -13.13 -5.31
N GLN E 117 52.04 -12.64 -4.26
N GLN E 117 52.06 -12.65 -4.27
CA GLN E 117 53.26 -11.85 -4.40
CA GLN E 117 53.26 -11.85 -4.40
C GLN E 117 53.04 -10.61 -5.26
C GLN E 117 53.04 -10.58 -5.20
N GLN E 118 51.80 -10.10 -5.28
CA GLN E 118 51.44 -8.94 -6.09
C GLN E 118 50.57 -7.99 -5.28
N ASP E 119 50.89 -7.81 -4.00
CA ASP E 119 50.14 -6.85 -3.19
C ASP E 119 50.31 -5.43 -3.73
N SER E 120 51.44 -5.13 -4.37
CA SER E 120 51.68 -3.82 -4.95
C SER E 120 50.82 -3.55 -6.18
N HIS E 121 50.01 -4.51 -6.62
CA HIS E 121 49.15 -4.34 -7.78
C HIS E 121 47.68 -4.12 -7.40
N TYR E 122 47.36 -4.11 -6.11
CA TYR E 122 45.96 -4.09 -5.66
C TYR E 122 45.78 -3.15 -4.48
N LEU E 123 46.36 -1.95 -4.55
CA LEU E 123 46.27 -1.00 -3.45
C LEU E 123 44.91 -0.30 -3.50
N GLY E 124 44.15 -0.42 -2.41
CA GLY E 124 42.86 0.22 -2.31
C GLY E 124 41.74 -0.43 -3.09
N GLN E 125 41.92 -1.67 -3.53
CA GLN E 125 40.91 -2.37 -4.33
C GLN E 125 39.99 -3.15 -3.38
N ASP E 126 39.05 -2.44 -2.79
CA ASP E 126 38.12 -3.07 -1.84
C ASP E 126 37.22 -4.09 -2.53
N ALA E 127 36.92 -3.88 -3.81
CA ALA E 127 36.08 -4.82 -4.54
C ALA E 127 36.77 -6.18 -4.67
N MET E 128 38.10 -6.20 -4.66
CA MET E 128 38.87 -7.42 -4.73
C MET E 128 39.36 -7.89 -3.37
N GLY E 129 38.72 -7.43 -2.29
CA GLY E 129 39.12 -7.82 -0.95
C GLY E 129 40.51 -7.35 -0.57
N SER E 130 41.00 -6.27 -1.17
CA SER E 130 42.34 -5.75 -0.93
C SER E 130 42.25 -4.40 -0.23
N ASN E 131 43.13 -4.20 0.76
CA ASN E 131 43.09 -2.99 1.57
C ASN E 131 44.03 -1.93 0.97
N GLU E 132 44.39 -0.93 1.76
N GLU E 132 44.38 -0.92 1.76
CA GLU E 132 45.21 0.17 1.25
CA GLU E 132 45.20 0.17 1.25
C GLU E 132 46.63 -0.27 0.96
C GLU E 132 46.62 -0.28 0.94
N SER E 133 47.14 -1.27 1.68
CA SER E 133 48.49 -1.77 1.49
C SER E 133 48.55 -2.86 0.43
N GLY E 134 47.44 -3.12 -0.28
CA GLY E 134 47.38 -4.20 -1.24
C GLY E 134 47.25 -5.58 -0.63
N ARG E 135 47.33 -5.70 0.69
CA ARG E 135 47.12 -6.99 1.35
C ARG E 135 45.70 -7.47 1.08
N PHE E 136 45.56 -8.80 0.92
CA PHE E 136 44.24 -9.40 0.84
C PHE E 136 43.70 -9.48 2.26
N SER E 137 42.79 -8.56 2.61
CA SER E 137 42.20 -8.48 3.95
C SER E 137 40.69 -8.38 3.78
N LEU E 138 40.06 -9.54 3.57
CA LEU E 138 38.64 -9.62 3.24
C LEU E 138 37.82 -9.96 4.47
N TYR E 139 36.69 -9.27 4.62
CA TYR E 139 35.71 -9.61 5.64
C TYR E 139 34.31 -9.42 5.08
N TRP E 140 33.55 -10.50 5.00
CA TRP E 140 32.14 -10.45 4.62
C TRP E 140 31.30 -10.50 5.89
N SER E 141 30.32 -9.60 5.98
CA SER E 141 29.47 -9.49 7.15
C SER E 141 28.04 -9.92 6.80
N GLN E 142 27.43 -10.68 7.70
CA GLN E 142 26.05 -11.16 7.53
C GLN E 142 25.24 -10.78 8.76
N PRO E 143 24.90 -9.49 8.90
CA PRO E 143 24.11 -9.07 10.08
C PRO E 143 22.72 -9.67 10.11
N SER E 144 22.21 -10.14 8.97
CA SER E 144 20.97 -10.89 8.88
C SER E 144 21.09 -11.82 7.69
N PRO E 145 20.46 -12.99 7.73
CA PRO E 145 20.60 -13.94 6.61
C PRO E 145 20.18 -13.31 5.29
N GLY E 146 21.08 -13.37 4.31
CA GLY E 146 20.83 -12.80 3.01
C GLY E 146 21.36 -11.40 2.79
N THR E 147 21.85 -10.74 3.83
CA THR E 147 22.44 -9.42 3.74
C THR E 147 23.94 -9.55 3.95
N LEU E 148 24.72 -9.22 2.92
CA LEU E 148 26.16 -9.46 2.93
C LEU E 148 26.90 -8.17 2.59
N GLU E 149 27.76 -7.73 3.51
CA GLU E 149 28.57 -6.53 3.34
C GLU E 149 30.03 -6.92 3.13
N LEU E 150 30.66 -6.34 2.11
CA LEU E 150 32.08 -6.53 1.88
C LEU E 150 32.86 -5.38 2.52
N GLU E 151 33.91 -5.73 3.26
CA GLU E 151 34.79 -4.73 3.85
C GLU E 151 36.23 -5.21 3.73
N ALA E 152 37.07 -4.38 3.13
CA ALA E 152 38.51 -4.62 3.09
C ALA E 152 39.12 -4.02 4.36
N MET E 153 39.46 -4.88 5.30
CA MET E 153 39.91 -4.43 6.61
C MET E 153 41.28 -3.76 6.51
N PRO E 154 41.42 -2.51 6.97
CA PRO E 154 42.72 -1.84 6.86
C PRO E 154 43.73 -2.41 7.84
N GLU E 155 45.00 -2.08 7.61
CA GLU E 155 46.07 -2.52 8.50
C GLU E 155 45.94 -1.93 9.89
N THR E 156 45.19 -0.83 10.04
CA THR E 156 44.93 -0.29 11.36
C THR E 156 44.03 -1.21 12.18
N MET E 157 43.23 -2.04 11.51
CA MET E 157 42.35 -2.98 12.18
C MET E 157 43.05 -4.30 12.47
N LEU E 158 43.91 -4.76 11.55
CA LEU E 158 44.59 -6.03 11.74
C LEU E 158 45.66 -5.97 12.83
N GLY E 159 46.18 -4.78 13.12
CA GLY E 159 47.25 -4.63 14.09
C GLY E 159 46.87 -4.00 15.42
N ASP E 160 45.59 -3.72 15.67
CA ASP E 160 45.17 -3.13 16.95
C ASP E 160 45.29 -4.19 18.04
N THR E 161 46.26 -4.01 18.93
CA THR E 161 46.55 -4.96 20.01
C THR E 161 45.97 -4.55 21.36
N SER E 162 45.27 -3.42 21.43
CA SER E 162 44.68 -2.99 22.69
C SER E 162 43.63 -4.00 23.16
N ILE E 163 43.45 -4.06 24.48
CA ILE E 163 42.55 -5.05 25.06
C ILE E 163 41.11 -4.75 24.64
N GLY E 164 40.34 -5.81 24.44
CA GLY E 164 38.94 -5.70 24.09
C GLY E 164 38.04 -5.78 25.29
N SER E 165 36.77 -6.12 25.04
CA SER E 165 35.79 -6.20 26.11
C SER E 165 36.06 -7.40 27.02
N ASN E 166 36.67 -8.45 26.50
CA ASN E 166 36.91 -9.67 27.26
C ASN E 166 38.32 -9.76 27.82
N GLY E 167 39.14 -8.72 27.64
CA GLY E 167 40.51 -8.72 28.10
C GLY E 167 41.52 -9.14 27.06
N ALA E 168 41.10 -9.90 26.05
CA ALA E 168 42.01 -10.27 24.98
C ALA E 168 42.26 -9.09 24.05
N ALA E 169 43.29 -9.21 23.22
CA ALA E 169 43.55 -8.21 22.22
C ALA E 169 42.40 -8.12 21.23
N LYS E 170 42.15 -6.92 20.72
CA LYS E 170 41.05 -6.72 19.78
C LYS E 170 41.27 -7.50 18.49
N ASN E 171 42.53 -7.75 18.12
CA ASN E 171 42.88 -8.45 16.89
C ASN E 171 43.32 -9.89 17.14
N ARG E 172 42.96 -10.46 18.30
N ARG E 172 42.96 -10.46 18.30
CA ARG E 172 43.34 -11.84 18.59
CA ARG E 172 43.35 -11.84 18.59
C ARG E 172 42.69 -12.81 17.62
C ARG E 172 42.67 -12.83 17.65
N TRP E 173 41.55 -12.44 17.03
CA TRP E 173 40.92 -13.28 16.03
C TRP E 173 41.83 -13.54 14.84
N LEU E 174 42.87 -12.71 14.66
CA LEU E 174 43.87 -12.89 13.62
C LEU E 174 45.20 -13.42 14.16
N THR E 175 45.66 -12.91 15.30
CA THR E 175 46.98 -13.26 15.78
C THR E 175 47.04 -14.61 16.47
N CYS E 176 45.90 -15.16 16.87
N CYS E 176 45.90 -15.16 16.92
CA CYS E 176 45.91 -16.46 17.54
CA CYS E 176 45.93 -16.48 17.54
C CYS E 176 46.30 -17.60 16.60
C CYS E 176 46.37 -17.56 16.56
N PRO E 177 45.78 -17.70 15.37
CA PRO E 177 46.27 -18.74 14.46
C PRO E 177 47.66 -18.44 13.92
N GLN E 178 48.04 -17.17 13.80
CA GLN E 178 49.36 -16.83 13.30
C GLN E 178 50.45 -17.20 14.30
N ASP E 179 50.19 -17.00 15.59
CA ASP E 179 51.22 -17.27 16.60
C ASP E 179 51.27 -18.73 16.99
N THR E 180 50.14 -19.43 16.98
CA THR E 180 50.07 -20.82 17.42
C THR E 180 50.06 -21.82 16.25
N ALA E 181 49.81 -21.35 15.03
CA ALA E 181 49.81 -22.20 13.83
C ALA E 181 48.78 -23.32 13.92
N ARG E 182 47.71 -23.11 14.70
CA ARG E 182 46.65 -24.10 14.84
C ARG E 182 45.32 -23.36 14.94
N THR E 183 44.24 -24.13 15.02
CA THR E 183 42.91 -23.55 15.12
C THR E 183 42.73 -22.85 16.46
N CYS E 184 41.79 -21.91 16.51
CA CYS E 184 41.55 -21.12 17.71
C CYS E 184 40.06 -20.90 17.88
N MET E 185 39.56 -21.11 19.10
CA MET E 185 38.20 -20.77 19.48
C MET E 185 38.28 -19.48 20.30
N LEU E 186 38.00 -18.36 19.66
CA LEU E 186 38.11 -17.07 20.32
C LEU E 186 37.02 -16.91 21.37
N GLU E 187 37.40 -16.37 22.53
CA GLU E 187 36.42 -16.07 23.56
C GLU E 187 35.47 -14.98 23.06
N PRO E 188 34.25 -14.92 23.58
CA PRO E 188 33.30 -13.89 23.13
C PRO E 188 33.86 -12.50 23.33
N TYR E 189 33.77 -11.68 22.28
CA TYR E 189 34.28 -10.32 22.30
C TYR E 189 33.34 -9.41 21.55
N LEU E 190 33.42 -8.11 21.85
CA LEU E 190 32.60 -7.09 21.21
C LEU E 190 33.39 -6.54 20.01
N ASP E 191 33.01 -6.96 18.82
CA ASP E 191 33.67 -6.53 17.59
C ASP E 191 32.91 -5.36 16.97
N GLU E 192 33.62 -4.62 16.11
CA GLU E 192 33.06 -3.52 15.36
C GLU E 192 33.07 -3.85 13.88
N VAL E 193 31.93 -3.62 13.22
CA VAL E 193 31.79 -3.87 11.79
C VAL E 193 30.99 -2.72 11.18
N ASN E 194 31.68 -1.82 10.47
CA ASN E 194 31.06 -0.67 9.82
C ASN E 194 30.21 0.14 10.81
N GLY E 195 30.83 0.50 11.92
CA GLY E 195 30.16 1.28 12.95
C GLY E 195 29.16 0.52 13.80
N ARG E 196 29.04 -0.79 13.61
CA ARG E 196 28.15 -1.62 14.40
C ARG E 196 28.95 -2.39 15.45
N GLN E 197 28.39 -2.53 16.64
CA GLN E 197 28.99 -3.32 17.71
C GLN E 197 28.28 -4.66 17.79
N VAL E 198 29.02 -5.73 17.57
CA VAL E 198 28.46 -7.07 17.46
C VAL E 198 29.14 -7.99 18.46
N LEU E 199 28.36 -8.56 19.38
CA LEU E 199 28.86 -9.55 20.31
C LEU E 199 29.01 -10.88 19.59
N MET E 200 30.24 -11.40 19.54
CA MET E 200 30.51 -12.56 18.71
C MET E 200 31.63 -13.40 19.31
N THR E 201 31.68 -14.66 18.88
CA THR E 201 32.83 -15.53 19.03
C THR E 201 33.27 -15.97 17.63
N SER E 202 34.48 -16.50 17.53
CA SER E 202 35.06 -16.79 16.24
C SER E 202 35.75 -18.15 16.22
N ILE E 203 35.61 -18.85 15.10
CA ILE E 203 36.39 -20.05 14.81
C ILE E 203 37.44 -19.66 13.79
N ALA E 204 38.69 -19.59 14.20
CA ALA E 204 39.78 -19.13 13.35
C ALA E 204 40.61 -20.31 12.88
N LEU E 205 40.78 -20.41 11.57
CA LEU E 205 41.52 -21.52 10.97
C LEU E 205 42.79 -21.01 10.31
N PRO E 206 43.95 -21.54 10.65
CA PRO E 206 45.17 -21.16 9.92
C PRO E 206 45.27 -21.91 8.61
N LEU E 207 45.90 -21.24 7.64
CA LEU E 207 46.20 -21.84 6.34
C LEU E 207 47.69 -22.09 6.28
N LEU E 208 48.07 -23.36 6.12
CA LEU E 208 49.47 -23.78 6.23
C LEU E 208 49.96 -24.32 4.90
N GLU E 209 51.21 -24.01 4.58
CA GLU E 209 51.93 -24.58 3.44
C GLU E 209 53.24 -25.13 3.98
N HIS E 210 53.39 -26.45 3.94
N HIS E 210 53.37 -26.46 4.00
CA HIS E 210 54.47 -27.19 4.59
CA HIS E 210 54.53 -27.14 4.56
C HIS E 210 54.78 -26.62 5.98
C HIS E 210 54.78 -26.74 6.01
N GLY E 211 53.71 -26.43 6.76
CA GLY E 211 53.82 -26.10 8.16
C GLY E 211 53.98 -24.64 8.51
N LYS E 212 54.02 -23.74 7.52
N LYS E 212 54.02 -23.74 7.52
CA LYS E 212 54.17 -22.32 7.77
CA LYS E 212 54.17 -22.32 7.75
C LYS E 212 52.85 -21.61 7.51
C LYS E 212 52.85 -21.60 7.51
N VAL E 213 52.52 -20.66 8.39
CA VAL E 213 51.25 -19.93 8.28
C VAL E 213 51.35 -18.93 7.13
N VAL E 214 50.42 -19.02 6.18
CA VAL E 214 50.35 -18.10 5.06
C VAL E 214 49.14 -17.18 5.14
N GLY E 215 48.08 -17.56 5.83
CA GLY E 215 46.89 -16.73 5.93
C GLY E 215 45.96 -17.32 6.98
N VAL E 216 44.89 -16.59 7.24
CA VAL E 216 43.90 -16.97 8.24
C VAL E 216 42.51 -16.84 7.65
N VAL E 217 41.73 -17.92 7.71
CA VAL E 217 40.31 -17.91 7.40
C VAL E 217 39.56 -18.09 8.71
N GLY E 218 38.53 -17.29 8.90
CA GLY E 218 37.78 -17.31 10.14
C GLY E 218 36.30 -17.20 9.91
N LEU E 219 35.54 -17.81 10.82
CA LEU E 219 34.08 -17.76 10.83
C LEU E 219 33.62 -17.13 12.13
N ASP E 220 32.79 -16.10 12.04
CA ASP E 220 32.29 -15.38 13.20
C ASP E 220 30.88 -15.84 13.52
N ILE E 221 30.66 -16.26 14.76
CA ILE E 221 29.37 -16.73 15.24
C ILE E 221 28.85 -15.71 16.23
N GLY E 222 27.67 -15.15 15.95
CA GLY E 222 27.09 -14.16 16.83
C GLY E 222 26.50 -14.80 18.08
N LEU E 223 26.73 -14.14 19.22
CA LEU E 223 26.18 -14.64 20.47
C LEU E 223 24.66 -14.58 20.49
N ALA E 224 24.05 -13.77 19.62
CA ALA E 224 22.59 -13.80 19.46
C ALA E 224 22.12 -15.15 18.94
N ASN E 225 22.94 -15.81 18.11
CA ASN E 225 22.58 -17.15 17.64
C ASN E 225 22.71 -18.18 18.77
N LEU E 226 23.80 -18.09 19.54
CA LEU E 226 23.96 -18.99 20.68
C LEU E 226 22.91 -18.73 21.76
N GLN E 227 22.51 -17.47 21.92
CA GLN E 227 21.45 -17.16 22.87
C GLN E 227 20.14 -17.82 22.48
N GLN E 228 19.87 -17.91 21.17
CA GLN E 228 18.69 -18.62 20.71
C GLN E 228 18.78 -20.11 20.99
N LEU E 229 19.99 -20.68 20.97
CA LEU E 229 20.16 -22.07 21.36
C LEU E 229 19.85 -22.28 22.84
N SER E 230 20.24 -21.33 23.69
CA SER E 230 19.97 -21.46 25.12
C SER E 230 18.47 -21.36 25.40
N VAL E 231 17.79 -20.40 24.76
CA VAL E 231 16.34 -20.27 24.95
C VAL E 231 15.62 -21.50 24.41
N ASN E 232 16.08 -22.03 23.27
CA ASN E 232 15.49 -23.24 22.72
C ASN E 232 15.68 -24.41 23.67
N GLY E 233 16.87 -24.53 24.27
CA GLY E 233 17.11 -25.60 25.23
C GLY E 233 16.28 -25.46 26.49
N ARG E 234 15.88 -24.23 26.83
CA ARG E 234 15.03 -24.01 27.99
C ARG E 234 13.62 -24.56 27.79
N ARG E 235 13.17 -24.68 26.54
CA ARG E 235 11.85 -25.23 26.28
C ARG E 235 11.76 -26.69 26.70
N ASP E 236 12.77 -27.49 26.34
CA ASP E 236 12.78 -28.91 26.62
C ASP E 236 13.26 -29.25 28.02
N LEU E 237 13.50 -28.25 28.87
CA LEU E 237 13.97 -28.48 30.24
C LEU E 237 12.77 -28.32 31.17
N PHE E 238 12.04 -29.42 31.36
CA PHE E 238 10.96 -29.49 32.36
C PHE E 238 9.91 -28.41 32.13
N ASP E 239 9.42 -28.32 30.89
CA ASP E 239 8.33 -27.42 30.52
C ASP E 239 8.70 -25.94 30.73
N GLY E 240 9.99 -25.62 30.67
CA GLY E 240 10.42 -24.24 30.63
C GLY E 240 10.71 -23.58 31.95
N GLN E 241 10.50 -24.28 33.07
CA GLN E 241 10.80 -23.69 34.37
C GLN E 241 12.27 -23.81 34.76
N GLY E 242 13.14 -24.21 33.84
CA GLY E 242 14.56 -24.21 34.06
C GLY E 242 15.24 -23.04 33.37
N GLN E 243 16.57 -23.07 33.40
CA GLN E 243 17.39 -22.06 32.72
C GLN E 243 18.60 -22.75 32.12
N VAL E 244 18.98 -22.33 30.91
CA VAL E 244 20.08 -22.92 30.17
C VAL E 244 21.13 -21.83 29.90
N SER E 245 22.37 -22.13 30.25
CA SER E 245 23.49 -21.22 29.99
C SER E 245 24.60 -21.97 29.27
N ILE E 246 25.42 -21.20 28.55
CA ILE E 246 26.59 -21.72 27.86
C ILE E 246 27.79 -20.93 28.35
N ALA E 247 28.67 -21.60 29.10
CA ALA E 247 29.87 -20.98 29.63
C ALA E 247 31.07 -21.42 28.82
N THR E 248 31.92 -20.46 28.45
CA THR E 248 33.08 -20.75 27.63
C THR E 248 34.22 -21.31 28.49
N ALA E 249 35.38 -21.52 27.86
CA ALA E 249 36.53 -22.04 28.59
C ALA E 249 37.03 -21.05 29.63
N ALA E 250 36.85 -19.75 29.39
CA ALA E 250 37.25 -18.72 30.33
C ALA E 250 36.13 -18.34 31.30
N GLY E 251 35.00 -19.02 31.26
CA GLY E 251 33.90 -18.73 32.13
C GLY E 251 32.97 -17.63 31.67
N LEU E 252 33.13 -17.14 30.44
CA LEU E 252 32.28 -16.08 29.93
C LEU E 252 30.94 -16.64 29.45
N LEU E 253 29.91 -15.81 29.53
CA LEU E 253 28.57 -16.20 29.12
C LEU E 253 28.43 -16.02 27.62
N ALA E 254 28.29 -17.14 26.91
CA ALA E 254 27.97 -17.13 25.49
C ALA E 254 26.49 -17.37 25.22
N GLY E 255 25.76 -17.85 26.22
CA GLY E 255 24.31 -18.03 26.14
C GLY E 255 23.73 -18.01 27.53
N ASN E 256 22.57 -17.37 27.70
CA ASN E 256 21.98 -17.24 29.04
C ASN E 256 20.48 -16.97 28.85
N SER E 257 19.67 -18.03 28.94
CA SER E 257 18.24 -17.91 28.70
C SER E 257 17.54 -17.04 29.75
N ARG E 258 18.13 -16.88 30.93
N ARG E 258 18.12 -16.88 30.93
CA ARG E 258 17.51 -16.05 31.96
CA ARG E 258 17.51 -16.04 31.95
C ARG E 258 17.56 -14.57 31.57
C ARG E 258 17.55 -14.58 31.55
N ASP E 259 18.72 -14.09 31.15
CA ASP E 259 18.87 -12.69 30.76
C ASP E 259 19.99 -12.60 29.72
N ASP E 260 19.73 -11.88 28.62
CA ASP E 260 20.67 -11.75 27.54
C ASP E 260 21.59 -10.54 27.67
N SER E 261 21.29 -9.61 28.57
CA SER E 261 22.13 -8.42 28.72
C SER E 261 23.48 -8.73 29.32
N VAL E 262 23.66 -9.91 29.92
CA VAL E 262 24.92 -10.30 30.54
C VAL E 262 25.77 -11.18 29.63
N LEU E 263 25.36 -11.35 28.37
CA LEU E 263 26.15 -12.13 27.44
C LEU E 263 27.52 -11.49 27.24
N GLY E 264 28.56 -12.33 27.26
CA GLY E 264 29.93 -11.87 27.19
C GLY E 264 30.58 -11.61 28.53
N LYS E 265 29.81 -11.51 29.60
CA LYS E 265 30.31 -11.27 30.94
C LYS E 265 30.59 -12.61 31.65
N PRO E 266 31.49 -12.60 32.63
CA PRO E 266 31.79 -13.85 33.34
C PRO E 266 30.57 -14.40 34.05
N MET E 267 30.48 -15.74 34.09
CA MET E 267 29.36 -16.39 34.74
C MET E 267 29.57 -16.42 36.25
N ASP E 268 28.47 -16.29 36.98
CA ASP E 268 28.51 -16.37 38.44
C ASP E 268 28.78 -17.81 38.87
N LYS E 269 29.88 -18.01 39.58
N LYS E 269 29.89 -18.02 39.58
CA LYS E 269 30.22 -19.35 40.04
CA LYS E 269 30.22 -19.36 40.03
C LYS E 269 29.34 -19.80 41.21
C LYS E 269 29.34 -19.80 41.21
N SER E 270 28.88 -18.86 42.02
CA SER E 270 27.98 -19.17 43.12
C SER E 270 26.55 -19.26 42.62
N VAL E 271 25.80 -20.19 43.18
CA VAL E 271 24.40 -20.39 42.79
C VAL E 271 23.50 -19.76 43.83
N ALA E 272 22.42 -19.14 43.37
CA ALA E 272 21.41 -18.63 44.29
C ALA E 272 20.75 -19.79 45.01
N ASP E 273 20.37 -19.53 46.26
N ASP E 273 20.39 -19.55 46.28
CA ASP E 273 19.75 -20.56 47.09
CA ASP E 273 19.77 -20.60 47.06
C ASP E 273 18.39 -20.98 46.50
C ASP E 273 18.42 -20.99 46.48
N GLY E 274 18.02 -22.23 46.77
CA GLY E 274 16.81 -22.79 46.21
C GLY E 274 16.96 -23.32 44.80
N LEU E 275 18.05 -23.01 44.12
CA LEU E 275 18.32 -23.48 42.78
C LEU E 275 19.29 -24.66 42.81
N LEU E 276 19.25 -25.45 41.74
CA LEU E 276 20.19 -26.55 41.54
C LEU E 276 20.85 -26.36 40.18
N ARG E 277 22.18 -26.37 40.16
CA ARG E 277 22.95 -26.16 38.95
C ARG E 277 23.74 -27.42 38.61
N VAL E 278 23.60 -27.89 37.38
CA VAL E 278 24.45 -28.95 36.85
C VAL E 278 25.10 -28.43 35.58
N ALA E 279 26.24 -29.03 35.23
CA ALA E 279 26.99 -28.64 34.06
C ALA E 279 27.52 -29.88 33.35
N HIS E 280 27.72 -29.76 32.05
CA HIS E 280 28.33 -30.83 31.26
C HIS E 280 29.21 -30.19 30.21
N PRO E 281 30.44 -30.67 30.04
CA PRO E 281 31.37 -30.05 29.10
C PRO E 281 31.15 -30.50 27.66
N PHE E 282 31.52 -29.62 26.74
CA PHE E 282 31.60 -29.96 25.32
C PHE E 282 32.76 -29.19 24.71
N THR E 283 33.20 -29.66 23.55
CA THR E 283 34.36 -29.08 22.87
C THR E 283 33.91 -28.48 21.55
N PRO E 284 33.90 -27.16 21.41
CA PRO E 284 33.35 -26.56 20.16
C PRO E 284 34.14 -26.92 18.92
N ILE E 285 35.47 -26.84 18.98
CA ILE E 285 36.33 -27.27 17.88
C ILE E 285 37.37 -28.23 18.45
N PRO E 286 37.88 -29.15 17.62
CA PRO E 286 38.77 -30.18 18.15
C PRO E 286 40.02 -29.61 18.81
N ASP E 287 40.42 -30.24 19.91
CA ASP E 287 41.71 -29.98 20.56
C ASP E 287 41.76 -28.61 21.21
N THR E 288 40.65 -28.17 21.81
CA THR E 288 40.61 -26.92 22.54
C THR E 288 40.05 -27.16 23.94
N ALA E 289 40.23 -26.17 24.81
CA ALA E 289 39.69 -26.24 26.15
C ALA E 289 38.16 -26.33 26.09
N PRO E 290 37.54 -27.13 26.94
CA PRO E 290 36.10 -27.39 26.79
C PRO E 290 35.24 -26.24 27.28
N TRP E 291 34.19 -25.95 26.52
CA TRP E 291 33.09 -25.14 27.00
C TRP E 291 32.15 -26.03 27.80
N GLN E 292 31.08 -25.44 28.34
CA GLN E 292 30.11 -26.17 29.15
CA GLN E 292 30.10 -26.24 29.05
C GLN E 292 28.71 -25.65 28.90
N VAL E 293 27.72 -26.53 29.01
CA VAL E 293 26.32 -26.15 29.08
C VAL E 293 25.91 -26.23 30.54
N VAL E 294 25.27 -25.19 31.04
CA VAL E 294 24.90 -25.10 32.45
C VAL E 294 23.39 -25.05 32.54
N LEU E 295 22.81 -25.93 33.36
CA LEU E 295 21.38 -26.02 33.57
C LEU E 295 21.06 -25.68 35.02
N GLU E 296 20.06 -24.84 35.23
CA GLU E 296 19.62 -24.46 36.57
C GLU E 296 18.14 -24.72 36.72
N LEU E 297 17.75 -25.29 37.84
CA LEU E 297 16.38 -25.62 38.10
C LEU E 297 16.17 -25.51 39.59
N PRO E 298 15.06 -24.95 40.01
CA PRO E 298 14.87 -24.79 41.44
C PRO E 298 14.54 -25.94 42.40
N GLU E 299 13.48 -26.72 42.17
CA GLU E 299 13.09 -27.83 43.08
C GLU E 299 12.01 -28.78 42.55
N SER E 300 12.19 -30.05 42.89
CA SER E 300 11.29 -31.12 42.50
C SER E 300 11.63 -32.39 43.29
N2 PUT F . -27.77 9.88 -24.03
C4 PUT F . -28.42 8.60 -23.89
C3 PUT F . -29.77 8.78 -23.20
C2 PUT F . -30.73 9.54 -24.12
C1 PUT F . -31.05 8.68 -25.35
N1 PUT F . -31.47 9.54 -26.44
C1 GOL G . -10.67 -2.25 -17.49
O1 GOL G . -10.24 -3.43 -16.89
C2 GOL G . -10.07 -2.21 -18.92
O2 GOL G . -10.93 -2.73 -19.86
C3 GOL G . -9.73 -0.73 -19.17
O3 GOL G . -9.01 -0.68 -20.37
N2 PUT H . -18.00 15.88 16.92
C4 PUT H . -18.80 16.67 16.00
C3 PUT H . -18.83 15.97 14.65
C2 PUT H . -19.89 16.64 13.76
C1 PUT H . -19.47 18.09 13.53
N1 PUT H . -18.15 18.12 12.94
N2 PUT I . 11.27 1.73 -16.65
C4 PUT I . 11.44 0.75 -17.71
C3 PUT I . 10.17 0.68 -18.55
C2 PUT I . 9.96 2.00 -19.28
C1 PUT I . 11.10 2.24 -20.26
N1 PUT I . 11.09 3.62 -20.71
C ACT J . 17.81 -5.93 -26.31
O ACT J . 16.97 -6.86 -26.26
OXT ACT J . 18.81 -5.91 -25.57
CH3 ACT J . 17.61 -4.82 -27.31
N2 PUT K . -9.38 -21.15 8.46
C4 PUT K . -8.23 -21.63 7.71
C3 PUT K . -8.68 -22.66 6.67
C2 PUT K . -9.25 -23.89 7.39
C1 PUT K . -8.10 -24.81 7.82
N1 PUT K . -8.51 -25.52 9.02
C ACT L . -20.15 -24.64 2.49
O ACT L . -19.77 -24.32 1.34
OXT ACT L . -19.74 -25.67 3.06
CH3 ACT L . -21.10 -23.73 3.21
C1 GOL M . 7.53 -29.92 -3.61
O1 GOL M . 6.17 -30.21 -3.58
C2 GOL M . 7.84 -29.32 -5.01
O2 GOL M . 7.01 -29.85 -5.98
C3 GOL M . 7.65 -27.80 -4.84
O3 GOL M . 8.18 -27.21 -5.99
C1 GOL N . 7.99 -14.54 10.61
O1 GOL N . 7.40 -15.68 10.10
C2 GOL N . 8.77 -13.87 9.45
O2 GOL N . 9.94 -14.56 9.15
C3 GOL N . 7.78 -13.87 8.26
O3 GOL N . 8.11 -12.77 7.47
N2 PUT O . 35.39 -10.50 13.83
C4 PUT O . 36.75 -10.52 13.34
C3 PUT O . 36.76 -10.14 11.86
C2 PUT O . 36.14 -8.75 11.69
C1 PUT O . 37.02 -7.71 12.38
N1 PUT O . 36.31 -6.44 12.44
C1 GOL P . 28.38 -6.19 -2.60
O1 GOL P . 29.11 -6.73 -3.66
C2 GOL P . 29.38 -5.43 -1.71
O2 GOL P . 30.10 -4.49 -2.43
C3 GOL P . 28.51 -4.79 -0.61
O3 GOL P . 29.38 -4.33 0.38
C1 GOL Q . 43.43 -30.61 1.39
O1 GOL Q . 42.69 -30.91 2.53
C2 GOL Q . 44.28 -31.85 1.06
O2 GOL Q . 43.51 -32.99 0.89
C3 GOL Q . 45.06 -31.48 -0.22
O3 GOL Q . 46.30 -30.99 0.19
#